data_4MY3
#
_entry.id   4MY3
#
_cell.length_a   89.246
_cell.length_b   167.120
_cell.length_c   183.169
_cell.angle_alpha   90.00
_cell.angle_beta   90.00
_cell.angle_gamma   90.00
#
_symmetry.space_group_name_H-M   'P 21 21 21'
#
loop_
_entity.id
_entity.type
_entity.pdbx_description
1 polymer 'GCN5-related N-acetyltransferase'
2 non-polymer 'CHLORIDE ION'
3 non-polymer 1,2-ETHANEDIOL
4 water water
#
_entity_poly.entity_id   1
_entity_poly.type   'polypeptide(L)'
_entity_poly.pdbx_seq_one_letter_code
;SNAVTDDLRLVDITETQLDDVLRVRARSFGLLAAGAREDWVRDAVEFVHDGRFLGVVSGDEVVAAARIWDFQQWWGGRRV
P(MSE)AGIAGVVVAPEYRGRGVGSLL(MSE)RGVLERSRDKG(MSE)PISALYPATTVIYRHLGYEFGGHRYRFSFQAA
DLRSLGGREVAVRRAGAKDAARFLELVGTAHEASRASGLLVWPESKIAEWLEDEENFAYLAEDGFVVYNWSDGDLQVDEL
VAHSEATARALWATVGSGASIARTVHAYLSPNDPVHLLVEHEADKQAHVQRW(MSE)LRLLDAPAAIAARGFAPGAAAEV
DLLIDDPGVPAQSGRWHLSVADGTGELTPSDRSGDVLQLGSRGLAALYAGTPLAALRTAGLVTGGPVASDRLLDTAFGGA
APY(MSE)LDYF
;
_entity_poly.pdbx_strand_id   A,B,C,D,E,F
#
loop_
_chem_comp.id
_chem_comp.type
_chem_comp.name
_chem_comp.formula
CL non-polymer 'CHLORIDE ION' 'Cl -1'
EDO non-polymer 1,2-ETHANEDIOL 'C2 H6 O2'
#
# COMPACT_ATOMS: atom_id res chain seq x y z
N ASP A 7 6.27 41.85 -24.05
CA ASP A 7 5.57 42.65 -23.06
C ASP A 7 4.15 42.14 -22.86
N LEU A 8 3.72 42.11 -21.60
CA LEU A 8 2.53 41.36 -21.19
C LEU A 8 1.19 42.05 -21.44
N ARG A 9 0.30 41.37 -22.16
CA ARG A 9 -0.98 41.95 -22.54
C ARG A 9 -2.14 40.97 -22.38
N LEU A 10 -3.23 41.43 -21.76
CA LEU A 10 -4.44 40.63 -21.56
C LEU A 10 -5.26 40.56 -22.84
N VAL A 11 -5.83 39.40 -23.15
CA VAL A 11 -6.58 39.25 -24.39
C VAL A 11 -7.78 38.35 -24.23
N ASP A 12 -8.58 38.24 -25.28
CA ASP A 12 -9.63 37.23 -25.38
C ASP A 12 -9.09 36.09 -26.25
N ILE A 13 -9.17 34.87 -25.75
CA ILE A 13 -8.67 33.74 -26.52
C ILE A 13 -9.55 33.47 -27.74
N THR A 14 -8.91 33.32 -28.89
CA THR A 14 -9.63 33.00 -30.12
C THR A 14 -9.51 31.50 -30.39
N GLU A 15 -10.29 31.01 -31.35
CA GLU A 15 -10.29 29.59 -31.63
C GLU A 15 -8.91 29.13 -32.16
N THR A 16 -8.24 30.00 -32.90
CA THR A 16 -6.93 29.67 -33.47
C THR A 16 -5.80 29.71 -32.45
N GLN A 17 -6.15 29.94 -31.18
CA GLN A 17 -5.16 30.01 -30.10
C GLN A 17 -5.33 28.84 -29.13
N LEU A 18 -6.33 28.00 -29.38
CA LEU A 18 -6.63 26.90 -28.48
C LEU A 18 -5.51 25.86 -28.40
N ASP A 19 -4.79 25.66 -29.50
CA ASP A 19 -3.66 24.74 -29.49
C ASP A 19 -2.52 25.32 -28.65
N ASP A 20 -2.39 26.63 -28.68
CA ASP A 20 -1.40 27.31 -27.85
C ASP A 20 -1.78 27.19 -26.37
N VAL A 21 -3.06 27.25 -26.08
CA VAL A 21 -3.49 27.09 -24.70
C VAL A 21 -3.14 25.69 -24.19
N LEU A 22 -3.47 24.67 -24.96
CA LEU A 22 -3.14 23.29 -24.59
C LEU A 22 -1.66 23.04 -24.32
N ARG A 23 -0.78 23.64 -25.13
CA ARG A 23 0.67 23.53 -24.92
C ARG A 23 1.09 24.13 -23.57
N VAL A 24 0.38 25.17 -23.15
CA VAL A 24 0.65 25.77 -21.87
C VAL A 24 0.15 24.86 -20.75
N ARG A 25 -1.04 24.31 -20.94
CA ARG A 25 -1.62 23.36 -20.01
C ARG A 25 -0.71 22.14 -19.86
N ALA A 26 -0.07 21.75 -20.97
CA ALA A 26 0.74 20.55 -20.99
C ALA A 26 1.94 20.63 -20.06
N ARG A 27 2.58 21.80 -19.98
CA ARG A 27 3.77 21.99 -19.14
C ARG A 27 3.46 21.81 -17.65
N SER A 28 2.17 21.78 -17.33
CA SER A 28 1.69 21.74 -15.95
C SER A 28 0.85 20.51 -15.61
N PHE A 29 0.27 19.87 -16.63
CA PHE A 29 -0.61 18.72 -16.41
C PHE A 29 -0.30 17.53 -17.31
N GLY A 30 0.75 17.64 -18.12
CA GLY A 30 1.06 16.60 -19.09
C GLY A 30 0.05 16.58 -20.22
N LEU A 31 0.41 15.90 -21.31
CA LEU A 31 -0.43 15.85 -22.50
C LEU A 31 -1.80 15.24 -22.24
N LEU A 32 -2.81 15.77 -22.93
CA LEU A 32 -4.13 15.18 -22.91
C LEU A 32 -4.15 13.98 -23.83
N ALA A 33 -4.71 12.88 -23.34
CA ALA A 33 -4.91 11.70 -24.17
C ALA A 33 -5.72 12.15 -25.39
N ALA A 34 -5.32 11.69 -26.57
CA ALA A 34 -5.90 12.15 -27.84
C ALA A 34 -7.44 12.21 -27.82
N GLY A 35 -8.06 11.29 -27.09
CA GLY A 35 -9.51 11.26 -26.93
C GLY A 35 -10.03 12.38 -26.05
N ALA A 36 -9.26 12.75 -25.03
CA ALA A 36 -9.64 13.81 -24.10
C ALA A 36 -9.40 15.20 -24.72
N ARG A 37 -8.46 15.26 -25.65
CA ARG A 37 -8.06 16.51 -26.27
C ARG A 37 -9.16 17.09 -27.15
N GLU A 38 -9.83 16.21 -27.92
CA GLU A 38 -10.86 16.65 -28.85
C GLU A 38 -12.14 17.07 -28.14
N ASP A 39 -12.45 16.44 -27.01
CA ASP A 39 -13.58 16.88 -26.18
C ASP A 39 -13.31 18.26 -25.57
N TRP A 40 -12.04 18.49 -25.21
CA TRP A 40 -11.58 19.76 -24.63
C TRP A 40 -11.72 20.91 -25.61
N VAL A 41 -11.20 20.74 -26.82
CA VAL A 41 -11.34 21.74 -27.87
C VAL A 41 -12.81 21.98 -28.20
N ARG A 42 -13.59 20.91 -28.15
CA ARG A 42 -15.02 20.99 -28.38
C ARG A 42 -15.67 21.92 -27.37
N ASP A 43 -15.48 21.61 -26.09
CA ASP A 43 -16.06 22.42 -25.02
C ASP A 43 -15.46 23.83 -24.96
N ALA A 44 -14.27 24.01 -25.50
CA ALA A 44 -13.63 25.32 -25.43
C ALA A 44 -14.29 26.38 -26.32
N VAL A 45 -14.82 25.99 -27.47
CA VAL A 45 -15.34 26.97 -28.42
C VAL A 45 -16.53 27.75 -27.88
N GLU A 46 -17.39 27.11 -27.09
CA GLU A 46 -18.54 27.81 -26.51
C GLU A 46 -18.07 28.93 -25.57
N PHE A 47 -16.94 28.73 -24.90
CA PHE A 47 -16.38 29.75 -24.01
C PHE A 47 -15.80 30.91 -24.83
N VAL A 48 -15.22 30.59 -25.98
CA VAL A 48 -14.66 31.61 -26.84
C VAL A 48 -15.73 32.51 -27.44
N HIS A 49 -16.78 31.92 -27.97
CA HIS A 49 -17.77 32.69 -28.72
C HIS A 49 -18.69 33.53 -27.81
N ASP A 50 -18.57 33.32 -26.51
CA ASP A 50 -19.40 34.08 -25.59
C ASP A 50 -18.52 34.99 -24.76
N GLY A 51 -17.28 35.16 -25.18
CA GLY A 51 -16.35 36.03 -24.49
C GLY A 51 -16.03 35.61 -23.07
N ARG A 52 -15.95 34.31 -22.85
CA ARG A 52 -15.68 33.80 -21.51
C ARG A 52 -14.45 32.92 -21.46
N PHE A 53 -13.48 33.21 -22.34
CA PHE A 53 -12.15 32.61 -22.31
C PHE A 53 -11.08 33.70 -22.43
N LEU A 54 -10.40 34.02 -21.33
CA LEU A 54 -9.38 35.06 -21.37
C LEU A 54 -7.96 34.49 -21.38
N GLY A 55 -7.01 35.32 -21.77
CA GLY A 55 -5.62 34.91 -21.76
C GLY A 55 -4.61 36.04 -21.65
N VAL A 56 -3.34 35.66 -21.53
CA VAL A 56 -2.28 36.63 -21.51
C VAL A 56 -1.26 36.26 -22.55
N VAL A 57 -0.86 37.24 -23.36
CA VAL A 57 0.13 37.00 -24.41
C VAL A 57 1.38 37.81 -24.15
N SER A 58 2.52 37.25 -24.50
CA SER A 58 3.79 37.96 -24.40
C SER A 58 4.26 38.21 -25.81
N GLY A 59 4.04 39.44 -26.27
CA GLY A 59 4.21 39.74 -27.68
C GLY A 59 3.19 38.94 -28.45
N ASP A 60 3.64 37.84 -29.06
CA ASP A 60 2.79 37.01 -29.90
C ASP A 60 2.34 35.73 -29.19
N GLU A 61 3.10 35.30 -28.19
CA GLU A 61 2.92 33.99 -27.60
C GLU A 61 1.88 33.98 -26.46
N VAL A 62 1.01 32.97 -26.43
CA VAL A 62 0.07 32.79 -25.32
C VAL A 62 0.84 32.24 -24.12
N VAL A 63 0.60 32.82 -22.95
CA VAL A 63 1.48 32.57 -21.82
C VAL A 63 0.67 32.16 -20.58
N ALA A 64 -0.63 32.42 -20.62
CA ALA A 64 -1.53 32.04 -19.53
C ALA A 64 -2.97 32.09 -20.01
N ALA A 65 -3.84 31.31 -19.37
CA ALA A 65 -5.26 31.34 -19.71
C ALA A 65 -6.19 30.90 -18.58
N ALA A 66 -7.46 31.25 -18.72
CA ALA A 66 -8.52 30.90 -17.78
C ALA A 66 -9.88 31.12 -18.40
N ARG A 67 -10.89 30.39 -17.93
N ARG A 67 -10.89 30.43 -17.91
CA ARG A 67 -12.23 30.52 -18.49
CA ARG A 67 -12.23 30.55 -18.47
C ARG A 67 -13.32 30.69 -17.42
C ARG A 67 -13.32 30.71 -17.41
N ILE A 68 -14.48 31.20 -17.86
CA ILE A 68 -15.58 31.53 -16.97
C ILE A 68 -16.90 30.83 -17.28
N TRP A 69 -17.33 29.97 -16.38
CA TRP A 69 -18.66 29.38 -16.47
C TRP A 69 -19.71 30.40 -16.08
N ASP A 70 -20.81 30.41 -16.82
CA ASP A 70 -22.00 31.18 -16.44
C ASP A 70 -22.98 30.30 -15.67
N PHE A 71 -22.69 30.10 -14.39
CA PHE A 71 -23.51 29.30 -13.54
C PHE A 71 -24.59 30.18 -12.94
N GLN A 72 -25.45 29.56 -12.13
CA GLN A 72 -26.17 30.29 -11.09
C GLN A 72 -25.94 29.53 -9.79
N GLN A 73 -26.09 30.17 -8.65
CA GLN A 73 -25.82 29.49 -7.41
C GLN A 73 -26.92 29.78 -6.39
N TRP A 74 -27.38 28.74 -5.71
CA TRP A 74 -28.43 28.89 -4.73
C TRP A 74 -27.90 29.54 -3.47
N TRP A 75 -28.61 30.56 -3.00
CA TRP A 75 -28.32 31.15 -1.70
C TRP A 75 -29.64 31.46 -1.01
N GLY A 76 -29.98 30.65 0.00
CA GLY A 76 -31.19 30.87 0.78
C GLY A 76 -32.45 30.67 -0.04
N GLY A 77 -32.38 29.71 -0.96
CA GLY A 77 -33.53 29.38 -1.78
C GLY A 77 -33.73 30.25 -3.02
N ARG A 78 -32.86 31.24 -3.23
CA ARG A 78 -32.89 32.04 -4.46
C ARG A 78 -31.69 31.75 -5.39
N ARG A 79 -31.88 31.95 -6.69
CA ARG A 79 -30.79 31.78 -7.65
C ARG A 79 -30.03 33.08 -7.84
N VAL A 80 -28.70 33.01 -7.72
CA VAL A 80 -27.85 34.17 -8.01
C VAL A 80 -26.89 33.89 -9.15
N PRO A 81 -26.87 34.74 -10.18
CA PRO A 81 -25.89 34.52 -11.25
C PRO A 81 -24.45 34.50 -10.72
N MSE A 82 -23.62 33.55 -11.15
CA MSE A 82 -22.25 33.56 -10.64
C MSE A 82 -21.20 33.05 -11.60
O MSE A 82 -21.42 32.07 -12.31
CB MSE A 82 -22.15 32.86 -9.29
CG MSE A 82 -22.06 31.37 -9.33
SE MSE A 82 -20.23 30.64 -9.46
CE MSE A 82 -20.63 28.93 -8.58
N ALA A 83 -20.03 33.70 -11.59
CA ALA A 83 -18.97 33.38 -12.53
C ALA A 83 -18.05 32.33 -11.93
N GLY A 84 -18.11 31.12 -12.51
CA GLY A 84 -17.35 29.96 -12.02
C GLY A 84 -16.05 29.84 -12.78
N ILE A 85 -14.94 30.00 -12.07
CA ILE A 85 -13.63 30.13 -12.70
C ILE A 85 -12.92 28.80 -12.81
N ALA A 86 -12.37 28.49 -13.99
CA ALA A 86 -11.78 27.16 -14.18
C ALA A 86 -10.73 27.12 -15.28
N GLY A 87 -9.67 26.35 -15.09
CA GLY A 87 -8.69 26.20 -16.15
C GLY A 87 -7.61 27.27 -16.12
N VAL A 88 -7.28 27.72 -14.92
CA VAL A 88 -6.18 28.65 -14.76
C VAL A 88 -4.84 27.95 -14.98
N VAL A 89 -4.10 28.43 -15.98
CA VAL A 89 -2.78 27.93 -16.33
C VAL A 89 -1.81 29.09 -16.64
N VAL A 90 -0.57 28.97 -16.19
CA VAL A 90 0.47 29.94 -16.52
C VAL A 90 1.69 29.18 -17.00
N ALA A 91 2.33 29.64 -18.07
CA ALA A 91 3.55 28.98 -18.53
C ALA A 91 4.57 28.98 -17.40
N PRO A 92 5.32 27.88 -17.25
CA PRO A 92 6.25 27.80 -16.14
C PRO A 92 7.41 28.77 -16.25
N GLU A 93 7.82 29.15 -17.47
CA GLU A 93 8.95 30.07 -17.64
C GLU A 93 8.63 31.55 -17.28
N TYR A 94 7.35 31.88 -17.14
CA TYR A 94 6.98 33.24 -16.76
C TYR A 94 6.76 33.36 -15.25
N ARG A 95 7.45 32.49 -14.50
CA ARG A 95 7.40 32.49 -13.04
C ARG A 95 7.87 33.81 -12.41
N GLY A 96 7.14 34.25 -11.40
CA GLY A 96 7.54 35.42 -10.63
C GLY A 96 7.27 36.75 -11.30
N ARG A 97 6.47 36.75 -12.35
CA ARG A 97 6.22 37.99 -13.07
C ARG A 97 4.76 38.39 -12.94
N GLY A 98 4.04 37.74 -12.03
CA GLY A 98 2.66 38.08 -11.76
C GLY A 98 1.70 37.97 -12.93
N VAL A 99 1.92 37.00 -13.82
CA VAL A 99 1.00 36.75 -14.91
C VAL A 99 -0.37 36.25 -14.40
N GLY A 100 -0.36 35.45 -13.34
CA GLY A 100 -1.58 34.99 -12.72
C GLY A 100 -2.51 36.11 -12.29
N SER A 101 -1.97 37.05 -11.52
CA SER A 101 -2.74 38.22 -11.10
C SER A 101 -3.31 39.05 -12.25
N LEU A 102 -2.53 39.22 -13.31
CA LEU A 102 -2.97 40.03 -14.42
C LEU A 102 -4.13 39.33 -15.11
N LEU A 103 -4.05 38.00 -15.19
CA LEU A 103 -5.12 37.22 -15.79
C LEU A 103 -6.38 37.32 -14.93
N MSE A 104 -6.21 37.08 -13.64
CA MSE A 104 -7.37 37.00 -12.75
C MSE A 104 -8.10 38.35 -12.65
O MSE A 104 -9.33 38.40 -12.63
CB MSE A 104 -6.93 36.48 -11.40
CG MSE A 104 -6.80 34.97 -11.34
SE MSE A 104 -8.49 34.08 -11.76
CE MSE A 104 -8.01 33.48 -13.54
N ARG A 105 -7.33 39.43 -12.60
CA ARG A 105 -7.92 40.75 -12.61
C ARG A 105 -8.73 40.91 -13.89
N GLY A 106 -8.22 40.34 -14.98
CA GLY A 106 -8.96 40.34 -16.23
C GLY A 106 -10.26 39.58 -16.10
N VAL A 107 -10.16 38.35 -15.61
CA VAL A 107 -11.30 37.48 -15.33
C VAL A 107 -12.39 38.17 -14.47
N LEU A 108 -11.97 38.76 -13.35
CA LEU A 108 -12.91 39.44 -12.49
C LEU A 108 -13.64 40.55 -13.24
N GLU A 109 -12.90 41.41 -13.92
CA GLU A 109 -13.50 42.51 -14.65
C GLU A 109 -14.50 42.07 -15.73
N ARG A 110 -14.15 41.05 -16.52
CA ARG A 110 -15.08 40.50 -17.50
C ARG A 110 -16.37 39.99 -16.84
N SER A 111 -16.22 39.24 -15.75
CA SER A 111 -17.36 38.74 -14.99
C SER A 111 -18.24 39.89 -14.51
N ARG A 112 -17.60 40.89 -13.94
CA ARG A 112 -18.33 42.04 -13.44
C ARG A 112 -19.07 42.74 -14.59
N ASP A 113 -18.45 42.76 -15.77
CA ASP A 113 -19.06 43.36 -16.94
C ASP A 113 -20.29 42.56 -17.40
N LYS A 114 -20.25 41.24 -17.21
CA LYS A 114 -21.32 40.39 -17.73
C LYS A 114 -22.53 40.21 -16.80
N GLY A 115 -22.56 40.95 -15.69
CA GLY A 115 -23.73 40.98 -14.85
C GLY A 115 -23.66 40.02 -13.67
N MSE A 116 -22.52 39.40 -13.44
CA MSE A 116 -22.45 38.46 -12.36
C MSE A 116 -21.95 39.11 -11.09
O MSE A 116 -20.82 39.59 -11.05
CB MSE A 116 -21.60 37.25 -12.77
CG MSE A 116 -22.25 36.45 -13.89
SE MSE A 116 -21.07 35.23 -14.86
CE MSE A 116 -20.17 36.50 -15.98
N PRO A 117 -22.79 39.14 -10.05
CA PRO A 117 -22.50 39.79 -8.77
C PRO A 117 -21.56 38.99 -7.85
N ILE A 118 -21.41 37.68 -8.10
CA ILE A 118 -20.52 36.85 -7.28
C ILE A 118 -19.67 35.89 -8.12
N SER A 119 -18.60 35.36 -7.54
CA SER A 119 -17.72 34.40 -8.21
C SER A 119 -17.21 33.29 -7.28
N ALA A 120 -17.08 32.07 -7.83
CA ALA A 120 -16.63 30.90 -7.08
C ALA A 120 -15.60 30.08 -7.86
N LEU A 121 -14.73 29.35 -7.15
CA LEU A 121 -13.73 28.54 -7.82
C LEU A 121 -13.19 27.53 -6.81
N TYR A 122 -12.68 26.40 -7.31
CA TYR A 122 -11.92 25.46 -6.49
C TYR A 122 -10.44 25.83 -6.61
N PRO A 123 -9.82 26.14 -5.48
CA PRO A 123 -8.50 26.77 -5.55
C PRO A 123 -7.36 25.76 -5.55
N ALA A 124 -6.46 25.84 -6.52
CA ALA A 124 -5.32 24.94 -6.54
C ALA A 124 -4.37 25.33 -5.39
N THR A 125 -4.19 26.63 -5.20
CA THR A 125 -3.39 27.14 -4.09
C THR A 125 -4.23 28.26 -3.44
N THR A 126 -4.01 28.57 -2.17
CA THR A 126 -4.85 29.58 -1.55
C THR A 126 -4.31 31.01 -1.72
N VAL A 127 -2.98 31.14 -1.84
CA VAL A 127 -2.31 32.43 -1.67
C VAL A 127 -2.74 33.47 -2.67
N ILE A 128 -2.71 33.11 -3.95
CA ILE A 128 -3.05 34.06 -5.00
C ILE A 128 -4.54 34.47 -4.98
N TYR A 129 -5.42 33.51 -4.72
CA TYR A 129 -6.86 33.79 -4.72
C TYR A 129 -7.31 34.60 -3.50
N ARG A 130 -6.67 34.34 -2.36
CA ARG A 130 -6.97 35.15 -1.19
C ARG A 130 -6.56 36.61 -1.45
N HIS A 131 -5.34 36.82 -1.96
CA HIS A 131 -4.87 38.16 -2.32
C HIS A 131 -5.84 38.89 -3.27
N LEU A 132 -6.54 38.14 -4.11
CA LEU A 132 -7.46 38.73 -5.06
C LEU A 132 -8.85 38.91 -4.45
N GLY A 133 -9.06 38.34 -3.26
CA GLY A 133 -10.28 38.59 -2.51
C GLY A 133 -11.22 37.42 -2.28
N TYR A 134 -10.81 36.20 -2.62
CA TYR A 134 -11.65 35.02 -2.42
C TYR A 134 -11.49 34.41 -1.03
N GLU A 135 -12.49 33.63 -0.59
CA GLU A 135 -12.39 32.92 0.67
C GLU A 135 -13.32 31.72 0.69
N PHE A 136 -12.97 30.68 1.42
CA PHE A 136 -13.81 29.49 1.50
C PHE A 136 -15.25 29.84 1.91
N GLY A 137 -16.21 29.35 1.12
CA GLY A 137 -17.60 29.64 1.35
C GLY A 137 -18.45 28.40 1.51
N GLY A 138 -17.94 27.24 1.10
CA GLY A 138 -18.70 26.02 1.25
C GLY A 138 -17.91 24.74 1.11
N HIS A 139 -18.63 23.63 0.91
CA HIS A 139 -18.01 22.29 0.84
C HIS A 139 -18.61 21.44 -0.26
N ARG A 140 -17.86 20.41 -0.69
CA ARG A 140 -18.43 19.29 -1.41
C ARG A 140 -18.09 18.00 -0.66
N TYR A 141 -19.10 17.18 -0.37
CA TYR A 141 -18.91 15.97 0.42
C TYR A 141 -19.13 14.71 -0.38
N ARG A 142 -18.24 13.73 -0.19
CA ARG A 142 -18.47 12.39 -0.72
C ARG A 142 -18.57 11.38 0.42
N PHE A 143 -19.64 10.59 0.44
CA PHE A 143 -19.81 9.55 1.45
C PHE A 143 -19.90 8.15 0.82
N SER A 144 -19.48 7.13 1.57
CA SER A 144 -19.44 5.75 1.06
C SER A 144 -20.41 4.80 1.78
N PHE A 145 -21.26 4.12 1.03
CA PHE A 145 -22.29 3.26 1.60
C PHE A 145 -22.17 1.81 1.13
N GLN A 146 -22.73 0.89 1.91
CA GLN A 146 -22.76 -0.51 1.51
C GLN A 146 -23.79 -0.67 0.42
N ALA A 147 -23.39 -1.27 -0.71
CA ALA A 147 -24.32 -1.49 -1.81
C ALA A 147 -25.55 -2.32 -1.40
N ALA A 148 -25.35 -3.25 -0.46
CA ALA A 148 -26.45 -4.11 -0.03
C ALA A 148 -27.49 -3.34 0.76
N ASP A 149 -27.05 -2.36 1.53
CA ASP A 149 -28.00 -1.56 2.30
C ASP A 149 -28.87 -0.69 1.40
N LEU A 150 -28.32 -0.19 0.30
CA LEU A 150 -29.12 0.54 -0.66
C LEU A 150 -30.16 -0.39 -1.29
N ARG A 151 -29.78 -1.64 -1.54
CA ARG A 151 -30.70 -2.58 -2.20
C ARG A 151 -31.90 -2.92 -1.33
N SER A 152 -31.69 -3.02 -0.02
CA SER A 152 -32.74 -3.47 0.88
C SER A 152 -33.60 -2.32 1.43
N LEU A 153 -33.40 -1.13 0.88
CA LEU A 153 -34.19 0.02 1.29
C LEU A 153 -35.66 -0.13 0.88
N GLY A 154 -35.96 -1.00 -0.07
CA GLY A 154 -37.35 -1.22 -0.44
C GLY A 154 -37.87 -0.33 -1.57
N GLY A 155 -39.09 0.20 -1.39
CA GLY A 155 -39.74 1.02 -2.39
C GLY A 155 -39.92 0.40 -3.78
N ARG A 156 -39.97 -0.93 -3.87
CA ARG A 156 -40.10 -1.59 -5.18
C ARG A 156 -41.43 -1.35 -5.90
N GLU A 157 -42.40 -0.81 -5.17
CA GLU A 157 -43.69 -0.44 -5.74
C GLU A 157 -43.60 0.84 -6.58
N VAL A 158 -42.52 1.60 -6.40
CA VAL A 158 -42.34 2.89 -7.05
C VAL A 158 -41.80 2.79 -8.47
N ALA A 159 -42.46 3.48 -9.42
CA ALA A 159 -42.10 3.43 -10.84
C ALA A 159 -40.90 4.29 -11.19
N VAL A 160 -39.93 3.65 -11.85
CA VAL A 160 -38.63 4.27 -12.15
C VAL A 160 -38.15 3.90 -13.56
N ARG A 161 -38.07 4.88 -14.44
CA ARG A 161 -37.56 4.63 -15.79
C ARG A 161 -36.20 5.26 -16.08
N ARG A 162 -35.52 4.72 -17.08
CA ARG A 162 -34.30 5.29 -17.61
C ARG A 162 -34.61 6.67 -18.23
N ALA A 163 -33.64 7.57 -18.17
CA ALA A 163 -33.87 8.94 -18.58
C ALA A 163 -32.87 9.40 -19.64
N GLY A 164 -33.27 10.39 -20.42
CA GLY A 164 -32.41 10.93 -21.45
C GLY A 164 -32.43 12.44 -21.45
N ALA A 165 -31.86 13.03 -22.50
CA ALA A 165 -31.80 14.48 -22.62
C ALA A 165 -33.19 15.12 -22.63
N LYS A 166 -34.19 14.35 -23.06
CA LYS A 166 -35.59 14.79 -23.12
C LYS A 166 -36.07 15.32 -21.78
N ASP A 167 -35.61 14.66 -20.72
CA ASP A 167 -36.05 14.94 -19.36
C ASP A 167 -35.39 16.17 -18.74
N ALA A 168 -34.44 16.77 -19.46
CA ALA A 168 -33.61 17.86 -18.93
C ALA A 168 -34.42 18.96 -18.27
N ALA A 169 -35.51 19.35 -18.92
CA ALA A 169 -36.37 20.40 -18.39
C ALA A 169 -36.95 19.96 -17.05
N ARG A 170 -37.38 18.71 -16.97
CA ARG A 170 -38.00 18.17 -15.76
C ARG A 170 -37.05 18.07 -14.56
N PHE A 171 -35.82 17.65 -14.81
CA PHE A 171 -34.82 17.57 -13.76
C PHE A 171 -34.62 18.93 -13.09
N LEU A 172 -34.54 19.98 -13.90
CA LEU A 172 -34.41 21.34 -13.38
C LEU A 172 -35.64 21.69 -12.54
N GLU A 173 -36.79 21.20 -12.98
CA GLU A 173 -38.05 21.44 -12.29
C GLU A 173 -38.14 20.76 -10.91
N LEU A 174 -37.71 19.50 -10.83
CA LEU A 174 -37.80 18.75 -9.58
C LEU A 174 -36.86 19.31 -8.53
N VAL A 175 -35.66 19.67 -8.99
CA VAL A 175 -34.62 20.16 -8.11
C VAL A 175 -34.94 21.59 -7.72
N GLY A 176 -35.56 22.33 -8.64
CA GLY A 176 -35.91 23.71 -8.39
C GLY A 176 -36.81 23.81 -7.19
N THR A 177 -37.89 23.04 -7.19
CA THR A 177 -38.87 23.14 -6.12
C THR A 177 -38.34 22.57 -4.80
N ALA A 178 -37.47 21.58 -4.89
CA ALA A 178 -36.83 21.02 -3.71
C ALA A 178 -35.98 22.07 -2.97
N HIS A 179 -35.14 22.77 -3.72
CA HIS A 179 -34.22 23.75 -3.13
C HIS A 179 -34.89 25.00 -2.64
N GLU A 180 -35.98 25.40 -3.29
CA GLU A 180 -36.75 26.55 -2.81
C GLU A 180 -37.38 26.18 -1.48
N ALA A 181 -37.87 24.95 -1.41
CA ALA A 181 -38.47 24.41 -0.20
C ALA A 181 -37.50 24.45 0.97
N SER A 182 -36.31 23.90 0.77
CA SER A 182 -35.31 23.81 1.83
C SER A 182 -34.47 25.08 2.05
N ARG A 183 -34.72 26.13 1.27
CA ARG A 183 -33.90 27.37 1.32
C ARG A 183 -32.41 27.13 1.07
N ALA A 184 -32.13 26.16 0.19
CA ALA A 184 -30.78 25.70 -0.09
C ALA A 184 -29.76 26.79 -0.46
N SER A 185 -28.52 26.60 0.00
CA SER A 185 -27.40 27.42 -0.43
C SER A 185 -26.26 26.57 -0.99
N GLY A 186 -25.58 27.09 -2.01
CA GLY A 186 -24.30 26.57 -2.43
C GLY A 186 -24.35 25.80 -3.73
N LEU A 187 -25.52 25.20 -3.99
CA LEU A 187 -25.71 24.32 -5.14
C LEU A 187 -25.68 25.07 -6.45
N LEU A 188 -25.28 24.37 -7.52
CA LEU A 188 -25.17 24.96 -8.85
C LEU A 188 -26.43 24.85 -9.70
N VAL A 189 -26.71 25.89 -10.48
CA VAL A 189 -27.71 25.78 -11.52
C VAL A 189 -27.05 25.74 -12.90
N TRP A 190 -26.95 24.54 -13.47
CA TRP A 190 -26.46 24.40 -14.84
C TRP A 190 -27.53 24.87 -15.80
N PRO A 191 -27.11 25.45 -16.95
CA PRO A 191 -28.09 25.78 -18.00
C PRO A 191 -28.71 24.49 -18.48
N GLU A 192 -29.93 24.56 -19.01
CA GLU A 192 -30.68 23.35 -19.36
C GLU A 192 -29.96 22.52 -20.42
N SER A 193 -29.31 23.22 -21.36
CA SER A 193 -28.56 22.59 -22.43
C SER A 193 -27.38 21.77 -21.91
N LYS A 194 -26.63 22.34 -20.97
CA LYS A 194 -25.54 21.62 -20.34
C LYS A 194 -26.06 20.38 -19.61
N ILE A 195 -27.33 20.45 -19.22
CA ILE A 195 -27.97 19.35 -18.52
C ILE A 195 -28.49 18.26 -19.47
N ALA A 196 -28.94 18.64 -20.65
CA ALA A 196 -29.39 17.63 -21.61
C ALA A 196 -28.17 16.87 -22.15
N GLU A 197 -27.15 17.60 -22.55
CA GLU A 197 -25.86 17.00 -22.92
C GLU A 197 -25.33 16.08 -21.81
N TRP A 198 -25.60 16.43 -20.56
CA TRP A 198 -25.25 15.59 -19.41
C TRP A 198 -25.90 14.22 -19.53
N LEU A 199 -27.22 14.21 -19.67
CA LEU A 199 -27.97 12.97 -19.74
C LEU A 199 -27.76 12.20 -21.05
N GLU A 200 -27.39 12.91 -22.12
CA GLU A 200 -27.17 12.24 -23.39
C GLU A 200 -25.90 11.39 -23.34
N ASP A 201 -24.94 11.81 -22.52
CA ASP A 201 -23.67 11.11 -22.33
C ASP A 201 -23.87 9.62 -22.01
N GLU A 202 -23.39 8.75 -22.90
CA GLU A 202 -23.60 7.31 -22.74
C GLU A 202 -22.83 6.74 -21.54
N GLU A 203 -22.06 7.60 -20.88
CA GLU A 203 -21.25 7.20 -19.75
C GLU A 203 -21.92 7.54 -18.43
N ASN A 204 -22.98 8.35 -18.50
CA ASN A 204 -23.84 8.65 -17.35
C ASN A 204 -25.15 7.87 -17.37
N PHE A 205 -25.53 7.30 -16.23
CA PHE A 205 -26.76 6.52 -16.15
C PHE A 205 -27.77 7.22 -15.24
N ALA A 206 -28.87 7.70 -15.82
CA ALA A 206 -29.86 8.49 -15.09
C ALA A 206 -31.25 7.86 -15.05
N TYR A 207 -31.94 8.02 -13.92
CA TYR A 207 -33.28 7.46 -13.74
C TYR A 207 -34.24 8.48 -13.13
N LEU A 208 -35.50 8.39 -13.52
CA LEU A 208 -36.49 9.39 -13.15
C LEU A 208 -37.76 8.78 -12.55
N ALA A 209 -38.19 9.34 -11.42
CA ALA A 209 -39.45 8.96 -10.80
C ALA A 209 -40.37 10.18 -10.77
N GLU A 210 -41.65 9.97 -10.43
CA GLU A 210 -42.63 11.03 -10.50
C GLU A 210 -42.25 12.26 -9.68
N ASP A 211 -41.47 12.05 -8.63
CA ASP A 211 -41.05 13.17 -7.78
C ASP A 211 -39.60 13.03 -7.32
N GLY A 212 -38.72 12.64 -8.24
CA GLY A 212 -37.31 12.57 -7.91
C GLY A 212 -36.51 11.81 -8.94
N PHE A 213 -35.20 12.01 -8.94
CA PHE A 213 -34.32 11.36 -9.92
C PHE A 213 -32.95 10.99 -9.31
N VAL A 214 -32.12 10.30 -10.08
CA VAL A 214 -30.77 9.95 -9.65
C VAL A 214 -29.88 9.82 -10.87
N VAL A 215 -28.63 10.28 -10.74
CA VAL A 215 -27.64 10.07 -11.80
C VAL A 215 -26.36 9.49 -11.22
N TYR A 216 -25.89 8.39 -11.79
CA TYR A 216 -24.67 7.79 -11.33
C TYR A 216 -23.80 7.35 -12.49
N ASN A 217 -22.54 7.01 -12.21
CA ASN A 217 -21.65 6.51 -13.24
C ASN A 217 -20.54 5.58 -12.72
N TRP A 218 -19.83 4.96 -13.65
CA TRP A 218 -18.81 3.97 -13.32
C TRP A 218 -17.44 4.42 -13.79
N SER A 219 -17.26 5.72 -13.99
CA SER A 219 -16.09 6.16 -14.74
C SER A 219 -14.73 5.94 -14.04
N ASP A 220 -14.73 5.69 -12.73
CA ASP A 220 -13.49 5.49 -11.98
C ASP A 220 -13.16 4.06 -11.55
N GLY A 221 -13.92 3.09 -12.03
CA GLY A 221 -13.80 1.73 -11.53
C GLY A 221 -14.75 1.46 -10.37
N ASP A 222 -15.29 2.55 -9.81
CA ASP A 222 -16.24 2.49 -8.70
C ASP A 222 -17.58 3.11 -9.09
N LEU A 223 -18.65 2.72 -8.41
CA LEU A 223 -19.93 3.37 -8.63
C LEU A 223 -20.03 4.67 -7.82
N GLN A 224 -20.45 5.73 -8.49
CA GLN A 224 -20.46 7.04 -7.90
C GLN A 224 -21.76 7.79 -8.22
N VAL A 225 -22.52 8.14 -7.20
CA VAL A 225 -23.76 8.90 -7.39
C VAL A 225 -23.48 10.40 -7.50
N ASP A 226 -23.75 10.96 -8.67
CA ASP A 226 -23.48 12.37 -8.90
C ASP A 226 -24.50 13.22 -8.18
N GLU A 227 -25.77 12.91 -8.39
CA GLU A 227 -26.86 13.66 -7.79
C GLU A 227 -28.07 12.76 -7.55
N LEU A 228 -28.61 12.77 -6.33
CA LEU A 228 -29.92 12.17 -6.07
C LEU A 228 -30.91 13.16 -5.49
N VAL A 229 -32.13 13.15 -6.03
CA VAL A 229 -33.23 13.97 -5.50
C VAL A 229 -34.52 13.16 -5.34
N ALA A 230 -35.24 13.40 -4.25
CA ALA A 230 -36.41 12.60 -3.92
C ALA A 230 -37.26 13.32 -2.89
N HIS A 231 -38.54 13.49 -3.20
CA HIS A 231 -39.42 14.27 -2.33
C HIS A 231 -40.12 13.40 -1.28
N SER A 232 -40.62 12.24 -1.70
CA SER A 232 -41.23 11.29 -0.77
C SER A 232 -40.26 10.20 -0.31
N GLU A 233 -40.61 9.54 0.78
CA GLU A 233 -39.82 8.46 1.36
C GLU A 233 -39.76 7.22 0.46
N ALA A 234 -40.88 6.90 -0.19
CA ALA A 234 -40.92 5.74 -1.06
C ALA A 234 -40.04 5.95 -2.28
N THR A 235 -39.98 7.19 -2.77
CA THR A 235 -39.13 7.48 -3.91
C THR A 235 -37.67 7.43 -3.50
N ALA A 236 -37.36 7.96 -2.32
CA ALA A 236 -35.97 7.97 -1.87
C ALA A 236 -35.51 6.53 -1.75
N ARG A 237 -36.42 5.69 -1.29
CA ARG A 237 -36.14 4.26 -1.15
C ARG A 237 -35.88 3.57 -2.49
N ALA A 238 -36.83 3.68 -3.42
CA ALA A 238 -36.66 3.07 -4.74
C ALA A 238 -35.40 3.55 -5.50
N LEU A 239 -35.09 4.84 -5.41
CA LEU A 239 -33.94 5.34 -6.14
C LEU A 239 -32.62 4.75 -5.59
N TRP A 240 -32.45 4.75 -4.27
CA TRP A 240 -31.26 4.16 -3.69
C TRP A 240 -31.15 2.67 -4.02
N ALA A 241 -32.29 2.00 -4.05
CA ALA A 241 -32.38 0.62 -4.52
C ALA A 241 -31.94 0.45 -5.99
N THR A 242 -32.31 1.39 -6.86
CA THR A 242 -31.83 1.32 -8.23
C THR A 242 -30.29 1.43 -8.25
N VAL A 243 -29.75 2.36 -7.47
CA VAL A 243 -28.30 2.49 -7.36
C VAL A 243 -27.71 1.18 -6.88
N GLY A 244 -28.23 0.68 -5.76
CA GLY A 244 -27.84 -0.63 -5.25
C GLY A 244 -27.83 -1.75 -6.27
N SER A 245 -28.84 -1.79 -7.14
CA SER A 245 -28.95 -2.86 -8.14
C SER A 245 -27.88 -2.72 -9.21
N GLY A 246 -27.71 -1.52 -9.72
CA GLY A 246 -26.71 -1.29 -10.73
C GLY A 246 -25.31 -1.38 -10.19
N ALA A 247 -25.17 -1.63 -8.88
CA ALA A 247 -23.86 -1.63 -8.24
C ALA A 247 -23.05 -2.89 -8.51
N SER A 248 -23.60 -3.80 -9.32
CA SER A 248 -22.92 -5.06 -9.61
C SER A 248 -22.54 -5.79 -8.32
N ILE A 249 -21.38 -6.45 -8.34
CA ILE A 249 -20.85 -7.14 -7.17
C ILE A 249 -20.04 -6.22 -6.26
N ALA A 250 -19.90 -4.96 -6.65
CA ALA A 250 -19.10 -4.00 -5.88
C ALA A 250 -19.64 -3.83 -4.46
N ARG A 251 -18.76 -3.94 -3.47
CA ARG A 251 -19.16 -3.82 -2.07
C ARG A 251 -19.73 -2.44 -1.71
N THR A 252 -19.06 -1.36 -2.14
CA THR A 252 -19.45 -0.04 -1.68
C THR A 252 -19.69 0.95 -2.81
N VAL A 253 -20.53 1.95 -2.55
CA VAL A 253 -20.90 2.93 -3.54
C VAL A 253 -20.56 4.31 -2.97
N HIS A 254 -20.19 5.26 -3.82
CA HIS A 254 -19.89 6.61 -3.32
C HIS A 254 -21.00 7.58 -3.71
N ALA A 255 -21.28 8.56 -2.86
CA ALA A 255 -22.28 9.52 -3.25
C ALA A 255 -21.92 10.97 -2.88
N TYR A 256 -22.22 11.89 -3.78
CA TYR A 256 -22.06 13.30 -3.49
C TYR A 256 -23.38 13.82 -2.92
N LEU A 257 -23.35 14.23 -1.65
CA LEU A 257 -24.55 14.78 -1.04
C LEU A 257 -24.26 15.63 0.20
N SER A 258 -25.31 16.27 0.71
CA SER A 258 -25.21 17.05 1.94
C SER A 258 -24.99 16.13 3.14
N PRO A 259 -24.41 16.67 4.22
CA PRO A 259 -24.30 15.81 5.41
C PRO A 259 -25.66 15.66 6.06
N ASN A 260 -26.60 16.53 5.67
CA ASN A 260 -27.97 16.45 6.18
C ASN A 260 -28.90 15.66 5.29
N ASP A 261 -28.36 15.01 4.28
CA ASP A 261 -29.20 14.27 3.36
C ASP A 261 -30.01 13.21 4.10
N PRO A 262 -31.21 12.89 3.59
CA PRO A 262 -32.00 11.86 4.29
C PRO A 262 -31.52 10.40 4.19
N VAL A 263 -30.52 10.04 3.38
CA VAL A 263 -30.08 8.64 3.37
C VAL A 263 -29.59 8.20 4.75
N HIS A 264 -28.88 9.08 5.44
CA HIS A 264 -28.28 8.72 6.72
C HIS A 264 -29.35 8.29 7.73
N LEU A 265 -30.58 8.75 7.53
CA LEU A 265 -31.64 8.42 8.44
C LEU A 265 -32.34 7.13 7.99
N LEU A 266 -32.15 6.75 6.74
CA LEU A 266 -32.85 5.60 6.18
C LEU A 266 -32.02 4.32 6.20
N VAL A 267 -30.74 4.44 5.87
CA VAL A 267 -29.86 3.29 5.74
C VAL A 267 -29.44 2.70 7.10
N GLU A 268 -29.25 1.38 7.17
CA GLU A 268 -29.02 0.73 8.45
C GLU A 268 -27.56 0.67 8.90
N HIS A 269 -26.62 0.82 7.98
CA HIS A 269 -25.23 0.94 8.37
C HIS A 269 -24.78 2.33 8.05
N GLU A 270 -24.14 2.98 9.02
CA GLU A 270 -23.66 4.33 8.86
C GLU A 270 -22.67 4.39 7.68
N ALA A 271 -22.61 5.53 7.01
CA ALA A 271 -21.56 5.77 6.01
C ALA A 271 -20.18 5.52 6.64
N ASP A 272 -19.21 5.12 5.83
CA ASP A 272 -17.85 4.91 6.31
C ASP A 272 -17.30 6.18 6.97
N LYS A 273 -16.52 6.00 8.02
CA LYS A 273 -15.88 7.10 8.71
C LYS A 273 -15.03 7.95 7.77
N GLN A 274 -14.50 7.29 6.74
CA GLN A 274 -13.59 7.90 5.79
C GLN A 274 -14.39 8.61 4.71
N ALA A 275 -14.29 9.92 4.66
CA ALA A 275 -15.04 10.66 3.64
C ALA A 275 -14.19 11.76 2.96
N HIS A 276 -14.62 12.20 1.78
CA HIS A 276 -13.94 13.31 1.10
C HIS A 276 -14.62 14.61 1.47
N VAL A 277 -13.82 15.63 1.81
CA VAL A 277 -14.36 16.94 2.10
C VAL A 277 -13.55 18.01 1.38
N GLN A 278 -14.08 18.52 0.28
CA GLN A 278 -13.40 19.58 -0.45
C GLN A 278 -14.07 20.93 -0.17
N ARG A 279 -13.33 22.00 -0.40
CA ARG A 279 -13.82 23.33 -0.12
C ARG A 279 -13.78 24.19 -1.39
N TRP A 280 -14.76 25.08 -1.55
CA TRP A 280 -14.74 26.02 -2.66
C TRP A 280 -14.81 27.42 -2.11
N MSE A 281 -14.24 28.38 -2.84
CA MSE A 281 -14.21 29.76 -2.41
C MSE A 281 -15.27 30.63 -3.08
O MSE A 281 -15.83 30.25 -4.11
CB MSE A 281 -12.84 30.37 -2.66
CG MSE A 281 -11.73 29.80 -1.78
SE MSE A 281 -9.96 30.63 -2.09
CE MSE A 281 -9.12 30.11 -0.40
N LEU A 282 -15.49 31.80 -2.50
CA LEU A 282 -16.47 32.75 -2.95
C LEU A 282 -15.86 34.16 -2.98
N ARG A 283 -16.34 35.00 -3.90
CA ARG A 283 -16.02 36.42 -3.91
C ARG A 283 -17.24 37.21 -4.37
N LEU A 284 -17.49 38.35 -3.72
CA LEU A 284 -18.50 39.28 -4.16
C LEU A 284 -17.90 40.21 -5.21
N LEU A 285 -18.54 40.35 -6.37
CA LEU A 285 -18.07 41.32 -7.37
C LEU A 285 -18.86 42.63 -7.29
N ASP A 286 -20.10 42.55 -6.78
CA ASP A 286 -21.04 43.67 -6.75
C ASP A 286 -21.96 43.48 -5.54
N ALA A 287 -21.55 44.00 -4.39
CA ALA A 287 -22.24 43.71 -3.13
C ALA A 287 -23.77 44.06 -3.06
N PRO A 288 -24.17 45.25 -3.53
CA PRO A 288 -25.62 45.52 -3.48
C PRO A 288 -26.44 44.53 -4.32
N ALA A 289 -25.91 44.14 -5.48
CA ALA A 289 -26.61 43.21 -6.34
C ALA A 289 -26.70 41.83 -5.71
N ALA A 290 -25.56 41.36 -5.20
CA ALA A 290 -25.51 40.03 -4.60
C ALA A 290 -26.43 39.92 -3.39
N ILE A 291 -26.46 40.98 -2.57
CA ILE A 291 -27.37 41.03 -1.43
C ILE A 291 -28.85 41.01 -1.86
N ALA A 292 -29.15 41.75 -2.92
CA ALA A 292 -30.52 41.88 -3.38
C ALA A 292 -31.02 40.58 -3.97
N ALA A 293 -30.11 39.75 -4.45
CA ALA A 293 -30.49 38.47 -5.06
C ALA A 293 -30.61 37.34 -4.06
N ARG A 294 -29.98 37.52 -2.90
CA ARG A 294 -29.93 36.48 -1.88
C ARG A 294 -31.24 36.33 -1.10
N GLY A 295 -31.63 35.09 -0.81
CA GLY A 295 -32.73 34.85 0.11
C GLY A 295 -32.20 34.90 1.54
N PHE A 296 -33.02 35.37 2.48
CA PHE A 296 -32.58 35.50 3.86
C PHE A 296 -33.44 34.63 4.76
N ALA A 297 -32.99 34.38 5.98
CA ALA A 297 -33.69 33.50 6.92
C ALA A 297 -35.10 33.99 7.26
N PRO A 298 -36.06 33.07 7.34
CA PRO A 298 -37.48 33.39 7.64
C PRO A 298 -37.64 34.06 9.00
N GLY A 299 -38.27 35.23 9.01
CA GLY A 299 -38.51 35.92 10.25
C GLY A 299 -37.32 36.64 10.84
N ALA A 300 -36.21 36.70 10.09
CA ALA A 300 -35.05 37.48 10.52
C ALA A 300 -35.20 38.94 10.12
N ALA A 301 -34.81 39.83 11.01
CA ALA A 301 -34.75 41.25 10.68
C ALA A 301 -33.41 41.84 11.08
N ALA A 302 -32.95 42.85 10.34
CA ALA A 302 -31.72 43.56 10.69
C ALA A 302 -31.63 44.90 10.00
N GLU A 303 -31.19 45.91 10.75
CA GLU A 303 -30.86 47.21 10.20
C GLU A 303 -29.51 47.55 10.80
N VAL A 304 -28.48 47.57 9.99
CA VAL A 304 -27.14 47.79 10.52
C VAL A 304 -26.14 48.26 9.46
N ASP A 305 -25.22 49.11 9.89
CA ASP A 305 -24.21 49.66 9.02
C ASP A 305 -22.93 48.80 8.96
N LEU A 306 -22.39 48.67 7.74
CA LEU A 306 -21.19 47.91 7.48
C LEU A 306 -20.18 48.81 6.75
N LEU A 307 -18.90 48.50 6.92
CA LEU A 307 -17.84 49.25 6.24
C LEU A 307 -16.94 48.31 5.46
N ILE A 308 -17.03 48.38 4.12
CA ILE A 308 -16.35 47.43 3.23
C ILE A 308 -15.05 48.02 2.75
N ASP A 309 -13.98 47.23 2.78
CA ASP A 309 -12.67 47.69 2.34
C ASP A 309 -12.11 46.74 1.28
N ASP A 310 -12.31 47.09 0.01
CA ASP A 310 -12.04 46.21 -1.13
C ASP A 310 -11.23 46.92 -2.22
N PRO A 311 -9.91 47.04 -2.02
CA PRO A 311 -9.05 47.67 -3.04
C PRO A 311 -9.20 47.00 -4.41
N GLY A 312 -9.49 45.71 -4.42
CA GLY A 312 -9.69 44.99 -5.66
C GLY A 312 -10.85 45.52 -6.47
N VAL A 313 -11.95 45.85 -5.80
CA VAL A 313 -13.15 46.33 -6.47
C VAL A 313 -13.68 47.60 -5.80
N PRO A 314 -12.92 48.71 -5.90
CA PRO A 314 -13.17 49.99 -5.21
C PRO A 314 -14.62 50.39 -5.19
N ALA A 315 -15.31 50.18 -6.30
CA ALA A 315 -16.74 50.47 -6.43
C ALA A 315 -17.58 50.04 -5.24
N GLN A 316 -17.19 48.98 -4.55
CA GLN A 316 -17.97 48.56 -3.39
C GLN A 316 -17.40 48.96 -2.01
N SER A 317 -16.33 49.74 -1.99
CA SER A 317 -15.81 50.21 -0.71
C SER A 317 -16.68 51.32 -0.12
N GLY A 318 -16.50 51.58 1.17
CA GLY A 318 -17.23 52.64 1.83
C GLY A 318 -18.24 52.07 2.83
N ARG A 319 -18.93 52.96 3.53
CA ARG A 319 -19.97 52.57 4.46
C ARG A 319 -21.27 52.23 3.72
N TRP A 320 -21.92 51.16 4.17
CA TRP A 320 -23.22 50.78 3.64
C TRP A 320 -24.22 50.54 4.76
N HIS A 321 -25.50 50.51 4.42
CA HIS A 321 -26.52 50.12 5.36
C HIS A 321 -27.16 48.85 4.86
N LEU A 322 -27.28 47.87 5.75
CA LEU A 322 -27.90 46.61 5.40
C LEU A 322 -29.27 46.58 6.05
N SER A 323 -30.29 46.34 5.24
CA SER A 323 -31.65 46.22 5.74
C SER A 323 -32.16 44.86 5.36
N VAL A 324 -32.67 44.13 6.35
CA VAL A 324 -33.17 42.78 6.13
C VAL A 324 -34.52 42.59 6.80
N ALA A 325 -35.51 42.14 6.03
CA ALA A 325 -36.88 41.94 6.53
C ALA A 325 -37.68 41.10 5.56
N ASP A 326 -38.39 40.12 6.09
CA ASP A 326 -39.25 39.27 5.28
C ASP A 326 -38.52 38.52 4.16
N GLY A 327 -37.35 37.98 4.46
CA GLY A 327 -36.62 37.15 3.52
C GLY A 327 -35.84 37.89 2.45
N THR A 328 -35.88 39.21 2.47
CA THR A 328 -35.17 40.01 1.49
C THR A 328 -34.24 41.04 2.16
N GLY A 329 -33.13 41.33 1.50
CA GLY A 329 -32.19 42.30 2.00
C GLY A 329 -31.81 43.32 0.94
N GLU A 330 -31.38 44.48 1.38
CA GLU A 330 -30.99 45.53 0.47
C GLU A 330 -29.80 46.28 1.07
N LEU A 331 -28.85 46.66 0.22
CA LEU A 331 -27.65 47.36 0.67
C LEU A 331 -27.56 48.79 0.07
N THR A 332 -27.65 49.80 0.93
CA THR A 332 -27.65 51.18 0.46
C THR A 332 -26.44 51.90 1.01
N PRO A 333 -25.94 52.94 0.30
CA PRO A 333 -24.76 53.65 0.79
C PRO A 333 -25.12 54.51 1.99
N SER A 334 -24.16 54.72 2.88
CA SER A 334 -24.40 55.44 4.12
C SER A 334 -23.35 56.53 4.36
N ASP A 335 -23.77 57.65 4.92
CA ASP A 335 -22.84 58.70 5.28
C ASP A 335 -22.76 58.93 6.80
N ARG A 336 -23.34 58.00 7.57
CA ARG A 336 -23.26 58.05 9.03
C ARG A 336 -21.83 57.84 9.50
N SER A 337 -21.57 58.18 10.76
CA SER A 337 -20.28 57.91 11.39
C SER A 337 -20.54 57.10 12.65
N GLY A 338 -19.51 56.42 13.14
CA GLY A 338 -19.66 55.55 14.29
C GLY A 338 -19.06 54.16 14.09
N ASP A 339 -18.58 53.56 15.16
CA ASP A 339 -17.96 52.24 15.13
C ASP A 339 -18.89 51.23 14.43
N VAL A 340 -18.39 50.59 13.38
CA VAL A 340 -19.14 49.54 12.72
C VAL A 340 -18.25 48.36 12.37
N LEU A 341 -18.89 47.25 12.04
CA LEU A 341 -18.23 46.08 11.47
C LEU A 341 -17.42 46.45 10.23
N GLN A 342 -16.16 46.02 10.19
CA GLN A 342 -15.25 46.28 9.07
C GLN A 342 -14.88 44.99 8.36
N LEU A 343 -15.03 44.95 7.05
CA LEU A 343 -14.72 43.75 6.30
C LEU A 343 -13.85 44.06 5.08
N GLY A 344 -12.92 43.15 4.76
CA GLY A 344 -12.27 43.18 3.47
C GLY A 344 -13.09 42.30 2.55
N SER A 345 -12.61 42.06 1.34
CA SER A 345 -13.34 41.20 0.42
C SER A 345 -13.55 39.78 0.96
N ARG A 346 -12.56 39.25 1.67
CA ARG A 346 -12.64 37.88 2.19
C ARG A 346 -13.70 37.72 3.26
N GLY A 347 -13.71 38.62 4.24
CA GLY A 347 -14.74 38.62 5.26
C GLY A 347 -16.12 38.80 4.66
N LEU A 348 -16.22 39.68 3.66
CA LEU A 348 -17.51 39.97 3.04
C LEU A 348 -18.06 38.71 2.40
N ALA A 349 -17.19 37.93 1.75
CA ALA A 349 -17.59 36.68 1.12
C ALA A 349 -17.99 35.63 2.16
N ALA A 350 -17.17 35.44 3.19
CA ALA A 350 -17.46 34.42 4.20
C ALA A 350 -18.79 34.69 4.89
N LEU A 351 -19.04 35.97 5.18
CA LEU A 351 -20.28 36.36 5.83
C LEU A 351 -21.45 36.02 4.94
N TYR A 352 -21.37 36.48 3.69
CA TYR A 352 -22.39 36.22 2.69
C TYR A 352 -22.69 34.72 2.63
N ALA A 353 -21.62 33.94 2.76
CA ALA A 353 -21.69 32.50 2.63
C ALA A 353 -22.28 31.86 3.87
N GLY A 354 -22.36 32.63 4.95
CA GLY A 354 -22.94 32.15 6.19
C GLY A 354 -21.94 31.69 7.23
N THR A 355 -20.67 32.04 7.05
CA THR A 355 -19.71 31.73 8.11
C THR A 355 -20.09 32.53 9.35
N PRO A 356 -20.00 31.91 10.54
CA PRO A 356 -20.38 32.67 11.74
C PRO A 356 -19.40 33.77 12.07
N LEU A 357 -19.89 34.90 12.60
CA LEU A 357 -19.05 36.07 12.85
C LEU A 357 -17.91 35.78 13.83
N ALA A 358 -18.17 34.90 14.80
CA ALA A 358 -17.15 34.55 15.77
C ALA A 358 -15.91 33.99 15.09
N ALA A 359 -16.10 33.15 14.07
CA ALA A 359 -14.95 32.58 13.36
C ALA A 359 -14.21 33.63 12.55
N LEU A 360 -14.96 34.50 11.90
CA LEU A 360 -14.40 35.60 11.12
C LEU A 360 -13.58 36.54 11.97
N ARG A 361 -13.96 36.64 13.24
CA ARG A 361 -13.24 37.49 14.18
C ARG A 361 -11.92 36.86 14.57
N THR A 362 -11.94 35.58 14.92
CA THR A 362 -10.72 34.90 15.33
C THR A 362 -9.75 34.80 14.13
N ALA A 363 -10.28 34.65 12.92
CA ALA A 363 -9.45 34.63 11.72
C ALA A 363 -8.98 36.01 11.31
N GLY A 364 -9.57 37.04 11.93
CA GLY A 364 -9.23 38.41 11.64
C GLY A 364 -9.69 38.91 10.26
N LEU A 365 -10.71 38.29 9.70
CA LEU A 365 -11.27 38.75 8.42
C LEU A 365 -12.24 39.91 8.62
N VAL A 366 -12.55 40.16 9.89
CA VAL A 366 -13.57 41.12 10.27
C VAL A 366 -13.13 41.75 11.59
N THR A 367 -13.56 42.98 11.86
CA THR A 367 -13.13 43.69 13.06
C THR A 367 -14.01 44.94 13.32
N GLY A 368 -14.06 45.38 14.58
CA GLY A 368 -14.87 46.53 14.95
C GLY A 368 -16.33 46.19 15.19
N GLY A 369 -17.12 47.16 15.63
CA GLY A 369 -18.55 46.97 15.80
C GLY A 369 -19.02 46.31 17.09
N PRO A 370 -20.22 46.70 17.57
CA PRO A 370 -20.82 46.09 18.76
C PRO A 370 -21.10 44.61 18.56
N VAL A 371 -20.35 43.80 19.30
CA VAL A 371 -20.46 42.34 19.28
C VAL A 371 -21.91 41.85 19.49
N ALA A 372 -22.74 42.72 20.03
CA ALA A 372 -24.16 42.40 20.22
C ALA A 372 -24.88 42.23 18.89
N SER A 373 -24.66 43.16 17.96
CA SER A 373 -25.35 43.15 16.67
C SER A 373 -24.90 42.00 15.78
N ASP A 374 -23.87 41.28 16.19
CA ASP A 374 -23.41 40.11 15.45
C ASP A 374 -24.48 39.03 15.41
N ARG A 375 -25.31 38.96 16.46
CA ARG A 375 -26.40 37.99 16.53
C ARG A 375 -27.42 38.24 15.42
N LEU A 376 -27.66 39.50 15.12
CA LEU A 376 -28.56 39.85 14.01
C LEU A 376 -28.04 39.26 12.72
N LEU A 377 -26.83 39.67 12.37
CA LEU A 377 -26.16 39.23 11.15
C LEU A 377 -26.05 37.71 11.00
N ASP A 378 -25.63 37.02 12.06
CA ASP A 378 -25.51 35.56 12.00
C ASP A 378 -26.86 34.90 11.71
N THR A 379 -27.90 35.44 12.33
CA THR A 379 -29.24 34.92 12.15
C THR A 379 -29.76 35.20 10.75
N ALA A 380 -29.48 36.39 10.23
CA ALA A 380 -29.98 36.78 8.91
C ALA A 380 -29.34 35.96 7.81
N PHE A 381 -28.04 35.73 7.92
CA PHE A 381 -27.30 34.99 6.90
C PHE A 381 -27.29 33.47 7.12
N GLY A 382 -27.94 33.04 8.20
CA GLY A 382 -27.86 31.66 8.62
C GLY A 382 -28.79 30.70 7.90
N GLY A 383 -28.71 29.43 8.30
CA GLY A 383 -29.50 28.39 7.72
C GLY A 383 -28.59 27.21 7.49
N ALA A 384 -29.08 26.22 6.75
CA ALA A 384 -28.30 25.04 6.41
C ALA A 384 -27.03 25.40 5.63
N ALA A 385 -25.93 24.78 6.05
CA ALA A 385 -24.59 25.06 5.53
C ALA A 385 -24.49 24.91 4.02
N PRO A 386 -23.72 25.79 3.37
CA PRO A 386 -23.67 25.75 1.92
C PRO A 386 -22.84 24.57 1.47
N TYR A 387 -23.28 23.92 0.41
CA TYR A 387 -22.59 22.76 -0.12
C TYR A 387 -22.84 22.68 -1.60
N MSE A 388 -22.08 21.81 -2.26
CA MSE A 388 -22.18 21.68 -3.70
C MSE A 388 -21.92 20.23 -4.12
O MSE A 388 -21.13 19.51 -3.49
CB MSE A 388 -21.16 22.62 -4.32
CG MSE A 388 -21.28 22.87 -5.78
SE MSE A 388 -19.80 23.99 -6.48
CE MSE A 388 -20.23 25.68 -5.59
N LEU A 389 -22.59 19.78 -5.17
CA LEU A 389 -22.39 18.43 -5.69
C LEU A 389 -21.30 18.40 -6.77
N ASP A 390 -21.13 19.53 -7.46
CA ASP A 390 -20.25 19.56 -8.62
C ASP A 390 -18.82 20.02 -8.28
N TYR A 391 -17.87 19.53 -9.07
CA TYR A 391 -16.51 20.03 -9.04
C TYR A 391 -16.22 20.65 -10.42
N PHE A 392 -15.57 21.82 -10.44
CA PHE A 392 -15.21 22.44 -11.72
C PHE A 392 -13.90 23.20 -11.64
N SER B 1 -27.66 -19.24 23.09
CA SER B 1 -28.36 -19.23 24.35
C SER B 1 -29.00 -20.57 24.65
N ASN B 2 -29.95 -20.57 25.58
CA ASN B 2 -30.75 -21.77 25.86
C ASN B 2 -32.13 -21.37 26.39
N ALA B 3 -33.11 -21.33 25.49
CA ALA B 3 -34.39 -20.74 25.86
C ALA B 3 -35.16 -21.56 26.89
N VAL B 4 -34.99 -22.86 26.95
CA VAL B 4 -35.63 -23.60 28.02
C VAL B 4 -35.13 -23.27 29.44
N THR B 5 -33.86 -23.03 29.61
CA THR B 5 -33.32 -22.81 30.95
C THR B 5 -32.96 -21.37 31.27
N ASP B 6 -32.91 -20.50 30.27
CA ASP B 6 -32.57 -19.09 30.51
C ASP B 6 -33.63 -18.45 31.41
N ASP B 7 -33.20 -17.53 32.25
CA ASP B 7 -34.09 -16.74 33.06
C ASP B 7 -33.51 -15.33 33.06
N LEU B 8 -33.72 -14.64 31.96
CA LEU B 8 -33.07 -13.37 31.71
C LEU B 8 -33.69 -12.24 32.52
N ARG B 9 -32.87 -11.52 33.29
CA ARG B 9 -33.42 -10.35 33.97
C ARG B 9 -32.46 -9.19 34.21
N LEU B 10 -33.03 -7.99 34.18
CA LEU B 10 -32.30 -6.76 34.37
C LEU B 10 -31.72 -6.71 35.78
N VAL B 11 -30.62 -6.00 35.93
CA VAL B 11 -29.83 -6.08 37.15
C VAL B 11 -28.96 -4.83 37.29
N ASP B 12 -28.67 -4.42 38.52
CA ASP B 12 -27.62 -3.44 38.78
C ASP B 12 -26.30 -4.19 38.91
N ILE B 13 -25.31 -3.83 38.11
CA ILE B 13 -24.00 -4.45 38.18
C ILE B 13 -23.30 -4.17 39.52
N THR B 14 -22.91 -5.24 40.21
CA THR B 14 -22.13 -5.10 41.42
C THR B 14 -20.61 -5.22 41.16
N GLU B 15 -19.83 -4.83 42.15
CA GLU B 15 -18.38 -4.81 42.06
C GLU B 15 -17.81 -6.17 41.67
N THR B 16 -18.30 -7.22 42.33
CA THR B 16 -17.85 -8.59 42.05
C THR B 16 -18.06 -8.98 40.61
N GLN B 17 -19.12 -8.48 39.99
CA GLN B 17 -19.51 -8.87 38.65
C GLN B 17 -18.69 -8.19 37.55
N LEU B 18 -17.74 -7.33 37.92
CA LEU B 18 -16.97 -6.58 36.92
C LEU B 18 -16.05 -7.45 36.05
N ASP B 19 -15.42 -8.45 36.67
CA ASP B 19 -14.57 -9.36 35.91
C ASP B 19 -15.38 -10.06 34.83
N ASP B 20 -16.60 -10.44 35.19
CA ASP B 20 -17.50 -11.10 34.24
C ASP B 20 -17.85 -10.15 33.11
N VAL B 21 -17.94 -8.85 33.41
CA VAL B 21 -18.27 -7.85 32.39
C VAL B 21 -17.12 -7.70 31.40
N LEU B 22 -15.89 -7.64 31.92
CA LEU B 22 -14.71 -7.60 31.07
C LEU B 22 -14.62 -8.80 30.13
N ARG B 23 -15.04 -9.97 30.63
CA ARG B 23 -15.07 -11.15 29.78
C ARG B 23 -16.03 -10.93 28.61
N VAL B 24 -17.21 -10.40 28.89
CA VAL B 24 -18.19 -10.16 27.84
C VAL B 24 -17.62 -9.12 26.88
N ARG B 25 -16.93 -8.15 27.45
CA ARG B 25 -16.39 -7.04 26.66
C ARG B 25 -15.28 -7.49 25.72
N ALA B 26 -14.42 -8.39 26.15
CA ALA B 26 -13.33 -8.86 25.30
C ALA B 26 -13.86 -9.45 23.99
N ARG B 27 -15.07 -9.97 24.01
CA ARG B 27 -15.68 -10.55 22.81
C ARG B 27 -16.32 -9.49 21.90
N SER B 28 -16.33 -8.25 22.36
CA SER B 28 -16.77 -7.12 21.55
C SER B 28 -15.62 -6.19 21.13
N PHE B 29 -14.67 -5.92 22.02
CA PHE B 29 -13.60 -4.95 21.70
C PHE B 29 -12.19 -5.47 21.86
N GLY B 30 -12.02 -6.76 22.11
CA GLY B 30 -10.70 -7.30 22.35
C GLY B 30 -10.28 -7.14 23.80
N LEU B 31 -9.12 -7.69 24.13
CA LEU B 31 -8.67 -7.76 25.51
C LEU B 31 -7.95 -6.46 25.91
N LEU B 32 -8.05 -6.10 27.18
CA LEU B 32 -7.36 -4.90 27.65
C LEU B 32 -5.99 -5.25 28.21
N ALA B 33 -4.99 -4.41 27.95
CA ALA B 33 -3.67 -4.60 28.53
C ALA B 33 -3.78 -4.45 30.05
N ALA B 34 -2.97 -5.21 30.79
CA ALA B 34 -3.01 -5.17 32.25
C ALA B 34 -2.95 -3.74 32.80
N GLY B 35 -2.14 -2.90 32.16
CA GLY B 35 -1.97 -1.52 32.59
C GLY B 35 -3.19 -0.64 32.40
N ALA B 36 -4.10 -1.06 31.53
CA ALA B 36 -5.30 -0.28 31.24
C ALA B 36 -6.52 -1.00 31.77
N ARG B 37 -6.29 -2.24 32.21
CA ARG B 37 -7.36 -3.07 32.77
C ARG B 37 -7.57 -2.69 34.23
N GLU B 38 -6.48 -2.61 35.00
CA GLU B 38 -6.59 -2.21 36.39
C GLU B 38 -7.15 -0.78 36.46
N ASP B 39 -6.98 -0.04 35.38
CA ASP B 39 -7.58 1.28 35.27
C ASP B 39 -9.08 1.16 35.04
N TRP B 40 -9.47 0.41 34.02
CA TRP B 40 -10.88 0.22 33.66
C TRP B 40 -11.72 -0.14 34.87
N VAL B 41 -11.19 -1.04 35.69
CA VAL B 41 -11.87 -1.48 36.90
C VAL B 41 -12.09 -0.34 37.87
N ARG B 42 -11.02 0.38 38.18
CA ARG B 42 -11.07 1.50 39.12
C ARG B 42 -12.12 2.51 38.68
N ASP B 43 -12.18 2.78 37.38
CA ASP B 43 -13.08 3.79 36.85
C ASP B 43 -14.51 3.29 36.77
N ALA B 44 -14.71 1.98 36.86
CA ALA B 44 -16.03 1.40 36.78
C ALA B 44 -16.66 1.27 38.17
N VAL B 45 -15.82 1.23 39.20
CA VAL B 45 -16.35 1.12 40.56
C VAL B 45 -17.27 2.31 40.85
N GLU B 46 -16.93 3.45 40.27
CA GLU B 46 -17.67 4.68 40.45
C GLU B 46 -19.06 4.62 39.82
N PHE B 47 -19.15 3.97 38.66
CA PHE B 47 -20.43 3.80 37.98
C PHE B 47 -21.36 2.89 38.81
N VAL B 48 -20.76 1.91 39.48
CA VAL B 48 -21.49 0.89 40.20
C VAL B 48 -22.18 1.49 41.41
N HIS B 49 -21.44 2.31 42.13
CA HIS B 49 -21.89 2.84 43.41
C HIS B 49 -22.96 3.90 43.21
N ASP B 50 -22.96 4.53 42.04
CA ASP B 50 -23.94 5.58 41.75
C ASP B 50 -25.12 5.04 40.92
N GLY B 51 -25.27 3.71 40.88
CA GLY B 51 -26.37 3.10 40.19
C GLY B 51 -26.39 3.42 38.70
N ARG B 52 -25.19 3.45 38.10
CA ARG B 52 -25.05 3.80 36.70
C ARG B 52 -24.37 2.69 35.89
N PHE B 53 -24.44 1.47 36.42
CA PHE B 53 -23.95 0.29 35.73
C PHE B 53 -25.02 -0.81 35.71
N LEU B 54 -25.65 -1.01 34.56
CA LEU B 54 -26.69 -2.03 34.43
C LEU B 54 -26.19 -3.24 33.66
N GLY B 55 -26.87 -4.37 33.85
CA GLY B 55 -26.57 -5.58 33.14
C GLY B 55 -27.78 -6.49 32.96
N VAL B 56 -27.61 -7.53 32.15
CA VAL B 56 -28.59 -8.60 32.10
C VAL B 56 -27.93 -9.89 32.55
N VAL B 57 -28.60 -10.56 33.46
CA VAL B 57 -28.08 -11.78 34.03
C VAL B 57 -29.00 -12.93 33.57
N SER B 58 -28.43 -14.11 33.39
CA SER B 58 -29.23 -15.32 33.27
C SER B 58 -28.80 -16.30 34.33
N GLY B 59 -29.64 -16.48 35.34
CA GLY B 59 -29.20 -17.19 36.52
C GLY B 59 -28.13 -16.35 37.20
N ASP B 60 -26.87 -16.76 37.09
CA ASP B 60 -25.78 -16.08 37.80
C ASP B 60 -24.75 -15.43 36.89
N GLU B 61 -24.91 -15.63 35.60
CA GLU B 61 -23.91 -15.21 34.62
C GLU B 61 -24.29 -13.85 34.06
N VAL B 62 -23.37 -12.91 34.05
CA VAL B 62 -23.59 -11.68 33.31
C VAL B 62 -23.59 -12.00 31.81
N VAL B 63 -24.48 -11.36 31.07
CA VAL B 63 -24.71 -11.75 29.69
C VAL B 63 -24.66 -10.50 28.82
N ALA B 64 -24.82 -9.35 29.47
CA ALA B 64 -24.80 -8.04 28.78
C ALA B 64 -24.58 -6.97 29.83
N ALA B 65 -24.09 -5.81 29.42
CA ALA B 65 -23.86 -4.71 30.35
C ALA B 65 -23.76 -3.38 29.62
N ALA B 66 -24.03 -2.30 30.36
CA ALA B 66 -23.96 -0.96 29.80
C ALA B 66 -23.83 0.02 30.95
N ARG B 67 -23.12 1.12 30.71
CA ARG B 67 -22.92 2.11 31.75
C ARG B 67 -23.44 3.47 31.30
N ILE B 68 -23.68 4.35 32.27
CA ILE B 68 -24.24 5.68 32.01
C ILE B 68 -23.34 6.79 32.52
N TRP B 69 -22.64 7.48 31.63
CA TRP B 69 -21.95 8.72 32.00
C TRP B 69 -22.91 9.81 32.46
N ASP B 70 -22.58 10.51 33.54
CA ASP B 70 -23.37 11.70 33.88
C ASP B 70 -22.77 12.95 33.22
N PHE B 71 -23.23 13.19 31.99
CA PHE B 71 -22.71 14.27 31.19
C PHE B 71 -23.58 15.51 31.31
N GLN B 72 -23.10 16.61 30.76
CA GLN B 72 -23.96 17.71 30.34
C GLN B 72 -23.59 17.97 28.89
N GLN B 73 -24.56 18.39 28.08
CA GLN B 73 -24.31 18.60 26.67
C GLN B 73 -24.81 19.98 26.24
N TRP B 74 -23.95 20.75 25.58
CA TRP B 74 -24.34 22.06 25.10
C TRP B 74 -25.38 21.96 24.02
N TRP B 75 -26.49 22.67 24.22
CA TRP B 75 -27.52 22.82 23.22
C TRP B 75 -27.92 24.30 23.06
N GLY B 76 -27.40 24.93 22.00
CA GLY B 76 -27.72 26.30 21.66
C GLY B 76 -27.22 27.29 22.68
N GLY B 77 -26.06 27.00 23.26
CA GLY B 77 -25.45 27.90 24.22
C GLY B 77 -25.85 27.62 25.65
N ARG B 78 -26.68 26.61 25.87
CA ARG B 78 -27.04 26.22 27.23
C ARG B 78 -26.63 24.76 27.53
N ARG B 79 -26.37 24.47 28.81
CA ARG B 79 -25.94 23.13 29.26
C ARG B 79 -27.12 22.28 29.69
N VAL B 80 -27.43 21.24 28.90
CA VAL B 80 -28.51 20.32 29.20
C VAL B 80 -27.92 19.04 29.82
N PRO B 81 -28.43 18.63 30.99
CA PRO B 81 -27.93 17.39 31.60
C PRO B 81 -28.17 16.21 30.67
N MSE B 82 -27.20 15.32 30.50
CA MSE B 82 -27.44 14.17 29.60
C MSE B 82 -26.79 12.81 29.91
O MSE B 82 -25.66 12.72 30.41
CB MSE B 82 -27.22 14.56 28.15
CG MSE B 82 -25.81 14.43 27.69
SE MSE B 82 -25.30 12.69 26.90
CE MSE B 82 -23.84 13.44 25.88
N ALA B 83 -27.54 11.76 29.58
CA ALA B 83 -27.17 10.38 29.87
C ALA B 83 -26.35 9.76 28.73
N GLY B 84 -25.03 9.69 28.94
CA GLY B 84 -24.13 9.17 27.92
C GLY B 84 -23.91 7.68 28.06
N ILE B 85 -24.48 6.94 27.13
CA ILE B 85 -24.44 5.49 27.21
C ILE B 85 -23.15 5.00 26.54
N ALA B 86 -22.47 4.07 27.21
CA ALA B 86 -21.17 3.65 26.76
C ALA B 86 -20.93 2.22 27.17
N GLY B 87 -19.96 1.59 26.56
CA GLY B 87 -19.62 0.20 26.86
C GLY B 87 -20.77 -0.79 26.70
N VAL B 88 -21.66 -0.56 25.75
CA VAL B 88 -22.76 -1.50 25.52
C VAL B 88 -22.23 -2.80 24.95
N VAL B 89 -22.29 -3.88 25.74
CA VAL B 89 -21.81 -5.19 25.29
C VAL B 89 -22.83 -6.32 25.48
N VAL B 90 -22.82 -7.29 24.60
CA VAL B 90 -23.73 -8.41 24.72
C VAL B 90 -22.96 -9.65 24.32
N ALA B 91 -22.96 -10.67 25.16
CA ALA B 91 -22.25 -11.91 24.81
C ALA B 91 -22.78 -12.50 23.48
N PRO B 92 -21.87 -12.99 22.63
CA PRO B 92 -22.24 -13.49 21.30
C PRO B 92 -23.38 -14.53 21.24
N GLU B 93 -23.43 -15.52 22.14
CA GLU B 93 -24.57 -16.45 22.11
C GLU B 93 -25.89 -15.86 22.61
N TYR B 94 -25.89 -14.61 23.06
CA TYR B 94 -27.16 -13.96 23.44
C TYR B 94 -27.53 -12.82 22.49
N ARG B 95 -26.74 -12.63 21.43
CA ARG B 95 -27.06 -11.62 20.44
C ARG B 95 -28.28 -12.02 19.61
N GLY B 96 -28.99 -11.04 19.05
CA GLY B 96 -30.15 -11.28 18.22
C GLY B 96 -31.34 -11.98 18.88
N ARG B 97 -31.51 -11.81 20.20
CA ARG B 97 -32.52 -12.52 20.97
C ARG B 97 -33.37 -11.60 21.85
N GLY B 98 -33.17 -10.29 21.70
CA GLY B 98 -33.87 -9.31 22.51
C GLY B 98 -33.19 -8.94 23.82
N VAL B 99 -31.98 -9.44 24.06
CA VAL B 99 -31.26 -9.08 25.29
C VAL B 99 -30.83 -7.61 25.32
N GLY B 100 -30.25 -7.11 24.22
CA GLY B 100 -29.83 -5.73 24.15
C GLY B 100 -30.99 -4.78 24.38
N SER B 101 -32.14 -5.14 23.83
CA SER B 101 -33.33 -4.38 24.04
C SER B 101 -33.74 -4.38 25.52
N LEU B 102 -33.65 -5.53 26.18
CA LEU B 102 -34.02 -5.63 27.60
C LEU B 102 -33.09 -4.74 28.40
N LEU B 103 -31.80 -4.83 28.08
CA LEU B 103 -30.76 -4.03 28.73
C LEU B 103 -31.03 -2.56 28.55
N MSE B 104 -31.25 -2.12 27.32
CA MSE B 104 -31.39 -0.69 27.03
C MSE B 104 -32.70 -0.06 27.58
O MSE B 104 -32.67 1.11 27.96
CB MSE B 104 -31.22 -0.41 25.54
CG MSE B 104 -29.81 -0.51 25.00
SE MSE B 104 -28.54 0.81 25.73
CE MSE B 104 -29.52 2.46 25.29
N ARG B 105 -33.81 -0.81 27.62
CA ARG B 105 -35.02 -0.37 28.30
C ARG B 105 -34.65 -0.05 29.73
N GLY B 106 -33.86 -0.90 30.35
CA GLY B 106 -33.46 -0.74 31.72
C GLY B 106 -32.68 0.55 31.86
N VAL B 107 -31.78 0.75 30.90
CA VAL B 107 -30.91 1.92 30.84
C VAL B 107 -31.70 3.22 30.71
N LEU B 108 -32.60 3.28 29.73
CA LEU B 108 -33.47 4.43 29.55
C LEU B 108 -34.23 4.73 30.82
N GLU B 109 -34.71 3.68 31.47
CA GLU B 109 -35.52 3.85 32.65
C GLU B 109 -34.68 4.37 33.82
N ARG B 110 -33.49 3.82 34.01
CA ARG B 110 -32.64 4.32 35.06
C ARG B 110 -32.32 5.78 34.82
N SER B 111 -32.07 6.13 33.55
CA SER B 111 -31.69 7.50 33.17
C SER B 111 -32.79 8.52 33.49
N ARG B 112 -34.04 8.13 33.28
CA ARG B 112 -35.14 9.01 33.63
C ARG B 112 -35.18 9.19 35.14
N ASP B 113 -35.10 8.09 35.86
CA ASP B 113 -35.19 8.12 37.30
C ASP B 113 -34.12 9.03 37.88
N LYS B 114 -33.05 9.23 37.13
CA LYS B 114 -31.99 10.12 37.58
C LYS B 114 -32.14 11.54 37.02
N GLY B 115 -33.32 11.86 36.50
CA GLY B 115 -33.67 13.21 36.10
C GLY B 115 -32.87 13.82 34.97
N MSE B 116 -32.37 12.99 34.06
CA MSE B 116 -31.75 13.51 32.85
C MSE B 116 -32.76 13.60 31.72
O MSE B 116 -33.43 12.63 31.41
CB MSE B 116 -30.59 12.60 32.42
CG MSE B 116 -29.33 12.87 33.21
SE MSE B 116 -28.28 11.27 33.49
CE MSE B 116 -28.19 11.38 35.43
N PRO B 117 -32.87 14.79 31.11
CA PRO B 117 -33.88 14.97 30.07
C PRO B 117 -33.44 14.43 28.72
N ILE B 118 -32.16 14.24 28.52
CA ILE B 118 -31.72 13.67 27.24
C ILE B 118 -30.62 12.63 27.37
N SER B 119 -30.38 11.95 26.26
CA SER B 119 -29.41 10.84 26.21
C SER B 119 -28.78 10.72 24.83
N ALA B 120 -27.47 10.44 24.81
CA ALA B 120 -26.71 10.30 23.57
C ALA B 120 -25.70 9.14 23.62
N LEU B 121 -25.35 8.59 22.45
CA LEU B 121 -24.38 7.49 22.38
C LEU B 121 -23.85 7.31 20.96
N TYR B 122 -22.71 6.64 20.80
CA TYR B 122 -22.25 6.22 19.48
C TYR B 122 -22.70 4.80 19.23
N PRO B 123 -23.52 4.59 18.21
CA PRO B 123 -24.08 3.27 17.88
C PRO B 123 -23.07 2.34 17.15
N ALA B 124 -22.97 1.10 17.60
CA ALA B 124 -22.15 0.15 16.90
C ALA B 124 -22.91 -0.26 15.63
N THR B 125 -24.23 -0.36 15.79
CA THR B 125 -25.20 -0.65 14.74
C THR B 125 -26.42 0.25 15.01
N THR B 126 -27.34 0.34 14.06
CA THR B 126 -28.39 1.35 14.18
C THR B 126 -29.78 0.84 14.53
N VAL B 127 -30.07 -0.40 14.17
CA VAL B 127 -31.44 -0.92 14.24
C VAL B 127 -32.01 -0.97 15.65
N ILE B 128 -31.30 -1.59 16.58
CA ILE B 128 -31.80 -1.70 17.96
C ILE B 128 -32.07 -0.31 18.58
N TYR B 129 -31.19 0.64 18.28
CA TYR B 129 -31.30 1.94 18.91
C TYR B 129 -32.48 2.73 18.35
N ARG B 130 -32.63 2.71 17.04
CA ARG B 130 -33.78 3.34 16.39
C ARG B 130 -35.10 2.77 16.93
N HIS B 131 -35.13 1.46 17.10
CA HIS B 131 -36.31 0.83 17.65
C HIS B 131 -36.57 1.28 19.06
N LEU B 132 -35.52 1.59 19.82
CA LEU B 132 -35.71 2.08 21.18
C LEU B 132 -35.99 3.57 21.24
N GLY B 133 -35.81 4.26 20.10
CA GLY B 133 -36.15 5.67 19.96
C GLY B 133 -35.06 6.70 19.63
N TYR B 134 -33.80 6.26 19.51
CA TYR B 134 -32.67 7.15 19.20
C TYR B 134 -32.56 7.49 17.71
N GLU B 135 -31.93 8.62 17.40
CA GLU B 135 -31.64 9.02 16.03
C GLU B 135 -30.37 9.89 15.94
N PHE B 136 -29.74 9.92 14.78
CA PHE B 136 -28.53 10.72 14.62
C PHE B 136 -28.81 12.18 14.97
N GLY B 137 -27.88 12.81 15.67
CA GLY B 137 -28.05 14.18 16.12
C GLY B 137 -26.92 15.12 15.74
N GLY B 138 -25.69 14.61 15.66
CA GLY B 138 -24.57 15.42 15.24
C GLY B 138 -23.37 14.62 14.81
N HIS B 139 -22.23 15.29 14.65
CA HIS B 139 -21.01 14.68 14.07
C HIS B 139 -19.75 14.81 14.94
N ARG B 140 -18.74 14.00 14.62
CA ARG B 140 -17.38 14.23 15.13
C ARG B 140 -16.40 14.30 13.94
N TYR B 141 -15.75 15.45 13.75
CA TYR B 141 -14.87 15.65 12.59
C TYR B 141 -13.38 15.54 12.93
N ARG B 142 -12.61 14.89 12.04
CA ARG B 142 -11.15 14.96 12.12
C ARG B 142 -10.49 15.39 10.81
N PHE B 143 -9.71 16.47 10.86
CA PHE B 143 -9.08 17.01 9.67
C PHE B 143 -7.57 16.98 9.83
N SER B 144 -6.86 16.93 8.71
CA SER B 144 -5.39 16.78 8.72
C SER B 144 -4.67 17.93 8.06
N PHE B 145 -3.65 18.44 8.75
CA PHE B 145 -2.94 19.60 8.26
C PHE B 145 -1.48 19.30 8.04
N GLN B 146 -0.86 20.07 7.15
CA GLN B 146 0.58 20.03 6.97
C GLN B 146 1.23 20.77 8.15
N ALA B 147 2.12 20.11 8.87
CA ALA B 147 2.77 20.70 10.05
C ALA B 147 3.48 22.02 9.76
N ALA B 148 4.12 22.09 8.60
CA ALA B 148 4.87 23.27 8.19
C ALA B 148 3.95 24.46 8.08
N ASP B 149 2.71 24.20 7.67
CA ASP B 149 1.71 25.25 7.49
C ASP B 149 1.31 25.90 8.78
N LEU B 150 1.24 25.10 9.86
CA LEU B 150 0.89 25.58 11.18
C LEU B 150 2.03 26.41 11.77
N ARG B 151 3.27 25.94 11.56
CA ARG B 151 4.48 26.63 12.01
C ARG B 151 4.57 28.08 11.47
N SER B 152 3.98 28.30 10.29
CA SER B 152 4.10 29.59 9.62
C SER B 152 3.00 30.58 9.99
N LEU B 153 2.05 30.17 10.81
CA LEU B 153 0.93 31.04 11.13
C LEU B 153 1.35 32.27 11.94
N GLY B 154 2.56 32.26 12.46
CA GLY B 154 3.04 33.40 13.23
C GLY B 154 2.46 33.43 14.65
N GLY B 155 2.33 34.63 15.21
CA GLY B 155 1.81 34.78 16.56
C GLY B 155 2.91 34.80 17.61
N ARG B 156 4.14 35.01 17.14
CA ARG B 156 5.37 34.96 17.93
C ARG B 156 5.39 35.76 19.26
N GLU B 157 4.57 36.81 19.32
CA GLU B 157 4.54 37.71 20.47
C GLU B 157 3.54 37.28 21.56
N VAL B 158 2.78 36.23 21.30
CA VAL B 158 1.79 35.77 22.28
C VAL B 158 2.42 34.82 23.27
N ALA B 159 2.23 35.09 24.56
CA ALA B 159 2.72 34.22 25.62
C ALA B 159 1.96 32.90 25.66
N VAL B 160 2.66 31.77 25.55
CA VAL B 160 2.07 30.44 25.69
C VAL B 160 2.88 29.67 26.71
N ARG B 161 2.21 28.98 27.63
CA ARG B 161 2.92 28.25 28.68
C ARG B 161 2.32 26.86 28.93
N ARG B 162 3.10 26.00 29.58
CA ARG B 162 2.67 24.65 29.91
C ARG B 162 1.59 24.62 30.96
N ALA B 163 0.67 23.67 30.80
CA ALA B 163 -0.48 23.57 31.68
C ALA B 163 -0.54 22.20 32.33
N GLY B 164 -1.19 22.12 33.50
CA GLY B 164 -1.30 20.88 34.25
C GLY B 164 -2.66 20.69 34.90
N ALA B 165 -2.74 19.85 35.93
CA ALA B 165 -4.00 19.55 36.58
C ALA B 165 -4.64 20.75 37.27
N LYS B 166 -3.81 21.75 37.58
CA LYS B 166 -4.23 22.90 38.37
C LYS B 166 -4.93 23.96 37.51
N ASP B 167 -4.71 23.86 36.19
CA ASP B 167 -5.29 24.78 35.23
C ASP B 167 -6.65 24.28 34.78
N ALA B 168 -7.15 23.22 35.41
CA ALA B 168 -8.41 22.58 35.00
C ALA B 168 -9.56 23.58 34.97
N ALA B 169 -9.59 24.44 35.99
CA ALA B 169 -10.68 25.41 36.16
C ALA B 169 -10.62 26.56 35.14
N ARG B 170 -9.42 26.98 34.77
CA ARG B 170 -9.28 28.05 33.78
C ARG B 170 -9.77 27.59 32.40
N PHE B 171 -9.39 26.38 32.00
CA PHE B 171 -9.84 25.76 30.77
C PHE B 171 -11.38 25.77 30.70
N LEU B 172 -12.01 25.51 31.84
CA LEU B 172 -13.47 25.38 31.90
C LEU B 172 -14.17 26.73 31.72
N GLU B 173 -13.47 27.80 32.09
CA GLU B 173 -13.92 29.18 31.82
C GLU B 173 -13.84 29.44 30.32
N LEU B 174 -12.64 29.31 29.78
CA LEU B 174 -12.38 29.60 28.36
C LEU B 174 -13.40 28.87 27.44
N VAL B 175 -13.63 27.60 27.71
CA VAL B 175 -14.64 26.83 26.98
C VAL B 175 -16.04 27.40 27.19
N GLY B 176 -16.32 27.73 28.45
CA GLY B 176 -17.62 28.23 28.81
C GLY B 176 -17.98 29.51 28.09
N THR B 177 -17.04 30.45 28.03
CA THR B 177 -17.36 31.72 27.39
C THR B 177 -17.44 31.50 25.87
N ALA B 178 -16.54 30.68 25.35
CA ALA B 178 -16.50 30.38 23.93
C ALA B 178 -17.83 29.82 23.43
N HIS B 179 -18.34 28.79 24.10
CA HIS B 179 -19.54 28.12 23.62
C HIS B 179 -20.80 28.93 23.85
N GLU B 180 -20.83 29.69 24.94
CA GLU B 180 -21.92 30.63 25.19
C GLU B 180 -21.91 31.72 24.12
N ALA B 181 -20.71 32.10 23.68
CA ALA B 181 -20.54 33.11 22.64
C ALA B 181 -21.11 32.66 21.30
N SER B 182 -20.72 31.47 20.88
CA SER B 182 -21.09 30.93 19.58
C SER B 182 -22.40 30.13 19.60
N ARG B 183 -23.13 30.18 20.71
CA ARG B 183 -24.38 29.40 20.85
C ARG B 183 -24.22 27.94 20.46
N ALA B 184 -23.13 27.34 20.89
CA ALA B 184 -22.70 26.02 20.42
C ALA B 184 -23.65 24.87 20.75
N SER B 185 -23.66 23.86 19.89
CA SER B 185 -24.47 22.67 20.12
C SER B 185 -23.64 21.41 19.99
N GLY B 186 -23.92 20.45 20.87
CA GLY B 186 -23.37 19.12 20.73
C GLY B 186 -22.28 18.77 21.73
N LEU B 187 -21.45 19.76 22.06
CA LEU B 187 -20.24 19.52 22.83
C LEU B 187 -20.51 18.99 24.23
N LEU B 188 -19.67 18.03 24.64
CA LEU B 188 -19.72 17.49 25.98
C LEU B 188 -19.25 18.50 26.99
N VAL B 189 -19.74 18.32 28.21
CA VAL B 189 -19.22 19.02 29.36
C VAL B 189 -18.76 17.94 30.31
N TRP B 190 -17.46 17.88 30.55
CA TRP B 190 -16.91 16.86 31.45
C TRP B 190 -16.83 17.41 32.87
N PRO B 191 -17.05 16.53 33.86
CA PRO B 191 -16.90 16.92 35.27
C PRO B 191 -15.45 17.31 35.56
N GLU B 192 -15.24 18.44 36.23
CA GLU B 192 -13.90 19.02 36.40
C GLU B 192 -12.82 18.04 36.86
N SER B 193 -13.22 17.01 37.60
CA SER B 193 -12.30 15.95 38.01
C SER B 193 -11.73 15.28 36.76
N LYS B 194 -12.63 14.74 35.95
CA LYS B 194 -12.23 14.02 34.75
C LYS B 194 -11.27 14.81 33.85
N ILE B 195 -11.41 16.13 33.80
CA ILE B 195 -10.48 16.97 33.03
C ILE B 195 -9.18 17.24 33.79
N ALA B 196 -9.20 17.14 35.11
CA ALA B 196 -7.97 17.25 35.87
C ALA B 196 -7.08 16.05 35.53
N GLU B 197 -7.68 14.86 35.54
CA GLU B 197 -6.98 13.62 35.17
C GLU B 197 -6.40 13.69 33.75
N TRP B 198 -7.23 14.09 32.80
CA TRP B 198 -6.85 14.35 31.42
C TRP B 198 -5.53 15.09 31.34
N LEU B 199 -5.46 16.22 32.03
CA LEU B 199 -4.27 17.06 32.03
C LEU B 199 -3.05 16.43 32.70
N GLU B 200 -3.25 15.77 33.84
CA GLU B 200 -2.14 15.11 34.57
C GLU B 200 -1.49 13.97 33.81
N ASP B 201 -2.22 13.39 32.86
CA ASP B 201 -1.67 12.33 32.03
C ASP B 201 -0.45 12.84 31.26
N GLU B 202 0.65 12.10 31.35
CA GLU B 202 1.91 12.49 30.73
C GLU B 202 1.90 12.33 29.22
N GLU B 203 0.93 11.58 28.70
CA GLU B 203 0.81 11.39 27.25
C GLU B 203 0.13 12.60 26.60
N ASN B 204 -0.53 13.39 27.44
CA ASN B 204 -1.16 14.64 27.01
C ASN B 204 -0.26 15.85 27.28
N PHE B 205 -0.11 16.66 26.24
CA PHE B 205 0.68 17.87 26.32
C PHE B 205 -0.26 19.04 26.19
N ALA B 206 -0.37 19.84 27.25
CA ALA B 206 -1.39 20.89 27.32
C ALA B 206 -0.76 22.28 27.43
N TYR B 207 -1.38 23.25 26.77
CA TYR B 207 -0.82 24.60 26.68
C TYR B 207 -1.84 25.70 26.95
N LEU B 208 -1.42 26.71 27.69
CA LEU B 208 -2.32 27.78 28.11
C LEU B 208 -1.79 29.14 27.67
N ALA B 209 -2.62 29.88 26.93
CA ALA B 209 -2.42 31.30 26.67
C ALA B 209 -3.48 32.09 27.42
N GLU B 210 -3.39 33.41 27.40
CA GLU B 210 -4.25 34.25 28.25
C GLU B 210 -5.74 34.17 27.90
N ASP B 211 -6.02 33.71 26.69
CA ASP B 211 -7.38 33.62 26.16
C ASP B 211 -7.52 32.44 25.20
N GLY B 212 -6.92 31.32 25.57
CA GLY B 212 -6.99 30.12 24.75
C GLY B 212 -6.11 29.00 25.25
N PHE B 213 -6.37 27.81 24.74
CA PHE B 213 -5.54 26.67 25.09
C PHE B 213 -5.55 25.61 24.00
N VAL B 214 -4.64 24.65 24.12
CA VAL B 214 -4.65 23.49 23.26
C VAL B 214 -4.11 22.29 24.03
N VAL B 215 -4.67 21.12 23.71
CA VAL B 215 -4.16 19.86 24.20
C VAL B 215 -3.88 18.97 22.99
N TYR B 216 -2.70 18.36 22.97
CA TYR B 216 -2.37 17.47 21.88
C TYR B 216 -1.60 16.27 22.42
N ASN B 217 -1.51 15.21 21.63
CA ASN B 217 -0.76 14.04 22.07
C ASN B 217 -0.21 13.33 20.88
N TRP B 218 0.72 12.43 21.12
CA TRP B 218 1.45 11.77 20.06
C TRP B 218 0.90 10.39 19.79
N SER B 219 -0.39 10.18 20.04
CA SER B 219 -0.95 8.83 20.09
C SER B 219 -0.58 7.89 18.94
N ASP B 220 -1.17 8.09 17.77
CA ASP B 220 -1.13 7.04 16.75
C ASP B 220 0.21 6.85 16.03
N GLY B 221 1.22 7.62 16.42
CA GLY B 221 2.47 7.68 15.69
C GLY B 221 2.63 9.09 15.15
N ASP B 222 1.50 9.78 15.01
CA ASP B 222 1.52 11.19 14.63
C ASP B 222 0.80 12.11 15.64
N LEU B 223 1.10 13.41 15.51
CA LEU B 223 0.54 14.44 16.37
C LEU B 223 -0.98 14.49 16.21
N GLN B 224 -1.70 14.52 17.32
CA GLN B 224 -3.15 14.70 17.27
C GLN B 224 -3.61 15.83 18.19
N VAL B 225 -4.36 16.78 17.65
CA VAL B 225 -4.93 17.83 18.48
C VAL B 225 -6.32 17.41 18.97
N ASP B 226 -6.47 17.31 20.29
CA ASP B 226 -7.75 16.93 20.93
C ASP B 226 -8.75 18.06 21.08
N GLU B 227 -8.23 19.25 21.37
CA GLU B 227 -9.06 20.44 21.48
C GLU B 227 -8.20 21.68 21.32
N LEU B 228 -8.72 22.69 20.62
CA LEU B 228 -8.04 23.97 20.56
C LEU B 228 -9.07 25.09 20.63
N VAL B 229 -8.90 25.99 21.59
CA VAL B 229 -9.80 27.14 21.71
C VAL B 229 -9.01 28.43 21.78
N ALA B 230 -9.51 29.45 21.09
CA ALA B 230 -8.77 30.69 21.00
C ALA B 230 -9.72 31.82 20.67
N HIS B 231 -9.73 32.85 21.52
CA HIS B 231 -10.67 33.95 21.34
C HIS B 231 -10.16 35.10 20.45
N SER B 232 -8.89 35.06 20.04
CA SER B 232 -8.37 36.11 19.17
C SER B 232 -7.52 35.53 18.04
N GLU B 233 -7.16 36.37 17.08
CA GLU B 233 -6.35 35.91 15.97
C GLU B 233 -4.96 35.50 16.40
N ALA B 234 -4.28 36.41 17.09
CA ALA B 234 -2.91 36.19 17.58
C ALA B 234 -2.79 34.86 18.32
N THR B 235 -3.71 34.61 19.23
CA THR B 235 -3.65 33.46 20.10
C THR B 235 -3.83 32.19 19.28
N ALA B 236 -4.77 32.23 18.34
CA ALA B 236 -4.97 31.11 17.43
C ALA B 236 -3.68 30.81 16.65
N ARG B 237 -3.00 31.86 16.16
CA ARG B 237 -1.74 31.64 15.48
C ARG B 237 -0.70 31.02 16.44
N ALA B 238 -0.53 31.60 17.62
CA ALA B 238 0.43 31.10 18.61
C ALA B 238 0.18 29.65 19.03
N LEU B 239 -1.08 29.30 19.25
CA LEU B 239 -1.41 27.95 19.65
C LEU B 239 -1.14 26.95 18.52
N TRP B 240 -1.61 27.25 17.31
CA TRP B 240 -1.37 26.37 16.16
C TRP B 240 0.11 26.27 15.85
N ALA B 241 0.83 27.38 16.05
CA ALA B 241 2.27 27.44 15.78
C ALA B 241 3.04 26.54 16.73
N THR B 242 2.58 26.48 17.98
CA THR B 242 3.17 25.60 18.97
C THR B 242 2.94 24.13 18.58
N VAL B 243 1.72 23.82 18.15
CA VAL B 243 1.39 22.47 17.70
C VAL B 243 2.35 22.06 16.58
N GLY B 244 2.43 22.89 15.54
CA GLY B 244 3.25 22.56 14.39
C GLY B 244 4.73 22.58 14.70
N SER B 245 5.10 23.33 15.73
CA SER B 245 6.47 23.32 16.21
C SER B 245 6.72 22.03 16.96
N GLY B 246 5.67 21.46 17.57
CA GLY B 246 5.77 20.22 18.28
C GLY B 246 5.63 19.00 17.38
N ALA B 247 5.24 19.25 16.13
CA ALA B 247 5.04 18.18 15.16
C ALA B 247 6.33 17.46 14.76
N SER B 248 7.47 18.11 15.02
CA SER B 248 8.77 17.64 14.55
C SER B 248 8.72 17.53 13.02
N ILE B 249 9.33 16.48 12.49
CA ILE B 249 9.48 16.35 11.04
C ILE B 249 8.32 15.67 10.33
N ALA B 250 7.36 15.15 11.11
CA ALA B 250 6.10 14.64 10.57
C ALA B 250 5.45 15.69 9.68
N ARG B 251 5.12 15.34 8.44
CA ARG B 251 4.52 16.32 7.55
C ARG B 251 3.12 16.69 8.01
N THR B 252 2.49 15.82 8.81
CA THR B 252 1.04 15.86 9.07
C THR B 252 0.60 15.84 10.54
N VAL B 253 -0.26 16.80 10.90
CA VAL B 253 -0.95 16.83 12.19
C VAL B 253 -2.47 16.55 12.04
N HIS B 254 -3.06 15.77 12.93
CA HIS B 254 -4.53 15.60 12.92
C HIS B 254 -5.18 16.45 14.01
N ALA B 255 -6.38 16.94 13.75
CA ALA B 255 -7.07 17.74 14.75
C ALA B 255 -8.56 17.48 14.76
N TYR B 256 -9.13 17.29 15.96
CA TYR B 256 -10.58 17.28 16.10
C TYR B 256 -11.11 18.70 16.26
N LEU B 257 -12.01 19.09 15.35
CA LEU B 257 -12.63 20.40 15.41
C LEU B 257 -13.87 20.51 14.51
N SER B 258 -14.61 21.61 14.67
CA SER B 258 -15.72 21.95 13.79
C SER B 258 -15.24 22.16 12.35
N PRO B 259 -16.15 22.06 11.37
CA PRO B 259 -15.72 22.44 10.02
C PRO B 259 -15.83 23.95 9.85
N ASN B 260 -16.36 24.63 10.87
CA ASN B 260 -16.38 26.08 10.87
C ASN B 260 -15.22 26.70 11.67
N ASP B 261 -14.26 25.87 12.05
CA ASP B 261 -13.13 26.35 12.81
C ASP B 261 -12.35 27.37 12.01
N PRO B 262 -11.76 28.35 12.70
CA PRO B 262 -11.00 29.38 12.00
C PRO B 262 -9.75 28.88 11.28
N VAL B 263 -9.16 27.73 11.63
CA VAL B 263 -7.91 27.32 10.96
C VAL B 263 -8.11 27.33 9.48
N HIS B 264 -9.23 26.76 9.04
CA HIS B 264 -9.55 26.69 7.64
C HIS B 264 -9.39 28.03 6.92
N LEU B 265 -9.56 29.14 7.65
CA LEU B 265 -9.45 30.46 7.05
C LEU B 265 -8.04 31.02 7.12
N LEU B 266 -7.18 30.41 7.95
CA LEU B 266 -5.84 30.92 8.19
C LEU B 266 -4.74 30.17 7.46
N VAL B 267 -4.87 28.85 7.31
CA VAL B 267 -3.78 28.02 6.82
C VAL B 267 -3.54 28.24 5.32
N GLU B 268 -2.31 28.04 4.86
CA GLU B 268 -1.96 28.22 3.45
C GLU B 268 -2.46 27.07 2.56
N HIS B 269 -2.35 25.85 3.05
CA HIS B 269 -2.79 24.69 2.28
C HIS B 269 -4.08 24.15 2.90
N GLU B 270 -5.05 23.84 2.06
CA GLU B 270 -6.31 23.31 2.53
C GLU B 270 -6.08 22.01 3.30
N ALA B 271 -6.92 21.71 4.29
CA ALA B 271 -6.86 20.41 4.97
C ALA B 271 -6.99 19.33 3.92
N ASP B 272 -6.38 18.17 4.15
CA ASP B 272 -6.45 17.10 3.16
C ASP B 272 -7.89 16.70 2.90
N LYS B 273 -8.20 16.45 1.64
CA LYS B 273 -9.51 16.01 1.22
C LYS B 273 -10.04 14.84 2.06
N GLN B 274 -9.14 13.93 2.46
CA GLN B 274 -9.50 12.73 3.22
C GLN B 274 -9.70 13.07 4.68
N ALA B 275 -10.91 12.84 5.21
CA ALA B 275 -11.22 13.24 6.58
C ALA B 275 -12.06 12.18 7.29
N HIS B 276 -12.23 12.35 8.61
CA HIS B 276 -13.05 11.43 9.38
C HIS B 276 -14.39 12.06 9.76
N VAL B 277 -15.49 11.42 9.37
CA VAL B 277 -16.81 11.89 9.75
C VAL B 277 -17.61 10.79 10.49
N GLN B 278 -17.81 11.00 11.79
CA GLN B 278 -18.55 10.07 12.64
C GLN B 278 -19.87 10.70 13.06
N ARG B 279 -20.86 9.87 13.41
CA ARG B 279 -22.15 10.35 13.87
C ARG B 279 -22.48 9.76 15.25
N TRP B 280 -23.09 10.59 16.11
CA TRP B 280 -23.63 10.12 17.38
C TRP B 280 -25.14 10.35 17.42
N MSE B 281 -25.83 9.59 18.26
CA MSE B 281 -27.30 9.65 18.34
C MSE B 281 -27.78 10.33 19.62
O MSE B 281 -27.04 10.40 20.60
CB MSE B 281 -27.91 8.25 18.24
CG MSE B 281 -27.86 7.63 16.84
SE MSE B 281 -28.71 5.82 16.73
CE MSE B 281 -28.90 5.66 14.79
N LEU B 282 -29.02 10.80 19.58
CA LEU B 282 -29.69 11.48 20.68
C LEU B 282 -31.09 10.88 20.88
N ARG B 283 -31.63 10.99 22.09
CA ARG B 283 -33.04 10.71 22.36
C ARG B 283 -33.55 11.67 23.45
N LEU B 284 -34.81 12.09 23.38
CA LEU B 284 -35.40 12.87 24.47
C LEU B 284 -36.05 11.91 25.47
N LEU B 285 -35.72 12.06 26.74
CA LEU B 285 -36.34 11.26 27.79
C LEU B 285 -37.49 12.04 28.42
N ASP B 286 -37.25 13.33 28.68
CA ASP B 286 -38.25 14.20 29.31
C ASP B 286 -38.43 15.47 28.45
N ALA B 287 -39.24 15.35 27.42
CA ALA B 287 -39.36 16.41 26.40
C ALA B 287 -39.60 17.85 26.95
N PRO B 288 -40.61 18.05 27.84
CA PRO B 288 -40.76 19.35 28.49
C PRO B 288 -39.45 19.89 29.08
N ALA B 289 -38.75 19.05 29.83
CA ALA B 289 -37.56 19.52 30.50
C ALA B 289 -36.43 19.77 29.49
N ALA B 290 -36.39 18.99 28.43
CA ALA B 290 -35.30 19.08 27.47
C ALA B 290 -35.44 20.39 26.74
N ILE B 291 -36.68 20.69 26.32
CA ILE B 291 -36.99 21.97 25.70
C ILE B 291 -36.69 23.15 26.62
N ALA B 292 -37.04 23.00 27.89
CA ALA B 292 -36.92 24.14 28.81
C ALA B 292 -35.48 24.42 29.20
N ALA B 293 -34.58 23.50 28.91
CA ALA B 293 -33.15 23.68 29.23
C ALA B 293 -32.35 24.19 28.02
N ARG B 294 -32.94 24.10 26.84
CA ARG B 294 -32.22 24.33 25.59
C ARG B 294 -32.16 25.78 25.18
N GLY B 295 -31.02 26.21 24.64
CA GLY B 295 -30.90 27.52 24.06
C GLY B 295 -31.58 27.60 22.71
N PHE B 296 -32.17 28.75 22.38
CA PHE B 296 -32.77 28.94 21.06
C PHE B 296 -32.16 30.12 20.30
N ALA B 297 -32.42 30.15 18.99
CA ALA B 297 -31.78 31.12 18.11
C ALA B 297 -32.30 32.53 18.35
N PRO B 298 -31.38 33.49 18.39
CA PRO B 298 -31.75 34.89 18.65
C PRO B 298 -32.77 35.35 17.62
N GLY B 299 -33.87 35.93 18.09
CA GLY B 299 -34.87 36.49 17.21
C GLY B 299 -35.93 35.50 16.76
N ALA B 300 -35.73 34.22 17.02
CA ALA B 300 -36.72 33.23 16.61
C ALA B 300 -37.90 33.19 17.56
N ALA B 301 -39.09 32.99 17.01
CA ALA B 301 -40.34 32.94 17.76
C ALA B 301 -41.27 31.90 17.15
N ALA B 302 -42.01 31.19 17.98
CA ALA B 302 -42.86 30.11 17.47
C ALA B 302 -44.01 29.75 18.40
N GLU B 303 -45.17 29.53 17.81
CA GLU B 303 -46.27 28.97 18.55
C GLU B 303 -46.94 27.85 17.73
N VAL B 304 -46.57 26.60 18.00
CA VAL B 304 -47.08 25.45 17.24
C VAL B 304 -47.40 24.27 18.13
N ASP B 305 -48.48 23.57 17.80
CA ASP B 305 -48.82 22.33 18.50
C ASP B 305 -48.05 21.16 17.89
N LEU B 306 -47.54 20.29 18.76
CA LEU B 306 -46.79 19.12 18.35
C LEU B 306 -47.47 17.89 18.90
N LEU B 307 -47.62 16.84 18.11
CA LEU B 307 -48.18 15.60 18.63
C LEU B 307 -47.09 14.54 18.78
N ILE B 308 -46.64 14.32 20.02
CA ILE B 308 -45.57 13.36 20.30
C ILE B 308 -46.13 11.95 20.52
N ASP B 309 -45.77 11.03 19.63
CA ASP B 309 -46.17 9.64 19.76
C ASP B 309 -44.97 8.81 20.21
N ASP B 310 -44.85 8.56 21.51
CA ASP B 310 -43.68 7.87 22.06
C ASP B 310 -44.03 6.84 23.13
N PRO B 311 -44.42 5.63 22.69
CA PRO B 311 -44.71 4.50 23.59
C PRO B 311 -43.58 4.07 24.54
N GLY B 312 -42.34 4.54 24.35
CA GLY B 312 -41.27 4.22 25.27
C GLY B 312 -41.26 5.12 26.51
N VAL B 313 -41.78 6.32 26.36
CA VAL B 313 -41.94 7.26 27.46
C VAL B 313 -43.32 7.88 27.36
N PRO B 314 -44.33 7.23 27.97
CA PRO B 314 -45.74 7.68 27.91
C PRO B 314 -46.01 9.03 28.61
N ALA B 315 -45.24 9.40 29.62
CA ALA B 315 -45.31 10.75 30.16
C ALA B 315 -45.23 11.82 29.06
N GLN B 316 -44.28 11.69 28.13
CA GLN B 316 -44.11 12.70 27.09
C GLN B 316 -44.95 12.50 25.84
N SER B 317 -45.75 11.44 25.79
CA SER B 317 -46.63 11.26 24.66
C SER B 317 -47.79 12.23 24.75
N GLY B 318 -48.49 12.42 23.64
CA GLY B 318 -49.65 13.30 23.60
C GLY B 318 -49.45 14.60 22.85
N ARG B 319 -50.44 15.48 22.93
CA ARG B 319 -50.39 16.74 22.20
C ARG B 319 -49.80 17.80 23.08
N TRP B 320 -48.89 18.60 22.53
CA TRP B 320 -48.19 19.63 23.30
C TRP B 320 -48.18 20.96 22.56
N HIS B 321 -47.97 22.05 23.29
CA HIS B 321 -47.80 23.33 22.65
C HIS B 321 -46.38 23.87 22.81
N LEU B 322 -45.76 24.27 21.70
CA LEU B 322 -44.41 24.84 21.75
C LEU B 322 -44.49 26.35 21.67
N SER B 323 -43.97 27.01 22.70
CA SER B 323 -43.80 28.45 22.70
C SER B 323 -42.30 28.75 22.74
N VAL B 324 -41.81 29.44 21.70
CA VAL B 324 -40.42 29.85 21.68
C VAL B 324 -40.39 31.36 21.45
N ALA B 325 -39.58 32.06 22.25
CA ALA B 325 -39.45 33.51 22.17
C ALA B 325 -38.30 33.99 23.04
N ASP B 326 -37.56 34.96 22.50
CA ASP B 326 -36.47 35.62 23.21
C ASP B 326 -35.46 34.65 23.81
N GLY B 327 -35.16 33.59 23.06
CA GLY B 327 -34.13 32.63 23.44
C GLY B 327 -34.55 31.42 24.23
N THR B 328 -35.70 31.47 24.90
CA THR B 328 -36.20 30.29 25.61
C THR B 328 -37.44 29.62 24.99
N GLY B 329 -37.63 28.36 25.34
CA GLY B 329 -38.78 27.61 24.89
C GLY B 329 -39.50 26.97 26.05
N GLU B 330 -40.79 26.73 25.88
CA GLU B 330 -41.57 25.99 26.85
C GLU B 330 -42.53 25.04 26.15
N LEU B 331 -42.69 23.84 26.70
CA LEU B 331 -43.60 22.85 26.14
C LEU B 331 -44.76 22.62 27.13
N THR B 332 -45.98 22.90 26.70
CA THR B 332 -47.13 22.81 27.60
C THR B 332 -48.25 21.94 27.01
N PRO B 333 -49.04 21.28 27.88
CA PRO B 333 -50.10 20.37 27.44
C PRO B 333 -51.19 21.03 26.60
N SER B 334 -51.61 20.34 25.55
CA SER B 334 -52.61 20.89 24.65
C SER B 334 -53.80 19.94 24.50
N ASP B 335 -54.96 20.51 24.27
CA ASP B 335 -56.19 19.73 24.17
C ASP B 335 -56.94 20.09 22.89
N ARG B 336 -56.25 20.83 22.02
CA ARG B 336 -56.78 21.22 20.73
C ARG B 336 -56.94 20.02 19.81
N SER B 337 -57.92 20.09 18.92
CA SER B 337 -58.08 19.13 17.83
C SER B 337 -57.36 19.68 16.60
N GLY B 338 -57.23 18.86 15.57
CA GLY B 338 -56.82 19.36 14.26
C GLY B 338 -55.51 18.86 13.71
N ASP B 339 -55.35 18.99 12.40
CA ASP B 339 -54.13 18.60 11.73
C ASP B 339 -52.98 19.28 12.46
N VAL B 340 -51.86 18.58 12.56
CA VAL B 340 -50.78 18.97 13.46
C VAL B 340 -49.54 18.16 13.14
N LEU B 341 -48.37 18.80 13.15
CA LEU B 341 -47.11 18.09 12.98
C LEU B 341 -47.06 16.97 14.01
N GLN B 342 -46.74 15.79 13.53
CA GLN B 342 -46.75 14.61 14.36
C GLN B 342 -45.43 13.87 14.19
N LEU B 343 -44.78 13.57 15.31
CA LEU B 343 -43.52 12.86 15.28
C LEU B 343 -43.34 11.81 16.39
N GLY B 344 -42.60 10.76 16.07
CA GLY B 344 -42.23 9.76 17.05
C GLY B 344 -40.93 10.15 17.76
N SER B 345 -40.37 9.22 18.52
CA SER B 345 -39.20 9.54 19.33
C SER B 345 -38.00 9.95 18.48
N ARG B 346 -37.90 9.37 17.29
CA ARG B 346 -36.76 9.61 16.41
C ARG B 346 -36.84 10.99 15.77
N GLY B 347 -38.02 11.34 15.26
CA GLY B 347 -38.23 12.62 14.62
C GLY B 347 -38.01 13.76 15.62
N LEU B 348 -38.47 13.54 16.84
CA LEU B 348 -38.38 14.53 17.91
C LEU B 348 -36.92 14.81 18.30
N ALA B 349 -36.12 13.76 18.39
CA ALA B 349 -34.72 13.93 18.76
C ALA B 349 -33.95 14.65 17.66
N ALA B 350 -34.27 14.32 16.42
CA ALA B 350 -33.56 14.93 15.31
C ALA B 350 -33.99 16.38 15.14
N LEU B 351 -35.27 16.66 15.40
CA LEU B 351 -35.71 18.04 15.38
C LEU B 351 -35.02 18.85 16.46
N TYR B 352 -34.94 18.31 17.68
CA TYR B 352 -34.24 18.97 18.77
C TYR B 352 -32.79 19.27 18.40
N ALA B 353 -32.19 18.44 17.54
CA ALA B 353 -30.81 18.59 17.08
C ALA B 353 -30.62 19.46 15.80
N GLY B 354 -31.69 20.09 15.32
CA GLY B 354 -31.57 20.97 14.17
C GLY B 354 -31.55 20.31 12.79
N THR B 355 -31.96 19.06 12.68
CA THR B 355 -32.10 18.46 11.35
C THR B 355 -33.26 19.17 10.62
N PRO B 356 -33.05 19.53 9.33
CA PRO B 356 -34.11 20.21 8.59
C PRO B 356 -35.38 19.38 8.51
N LEU B 357 -36.54 20.02 8.63
CA LEU B 357 -37.81 19.31 8.57
C LEU B 357 -38.06 18.67 7.19
N ALA B 358 -37.49 19.24 6.14
CA ALA B 358 -37.54 18.59 4.82
C ALA B 358 -36.96 17.19 4.86
N ALA B 359 -35.80 17.05 5.51
CA ALA B 359 -35.13 15.76 5.65
C ALA B 359 -35.96 14.74 6.43
N LEU B 360 -36.48 15.17 7.57
CA LEU B 360 -37.27 14.28 8.42
C LEU B 360 -38.55 13.84 7.73
N ARG B 361 -39.17 14.75 6.98
CA ARG B 361 -40.35 14.41 6.22
C ARG B 361 -40.04 13.35 5.16
N THR B 362 -38.96 13.57 4.41
CA THR B 362 -38.57 12.59 3.41
C THR B 362 -38.20 11.26 4.04
N ALA B 363 -37.53 11.30 5.18
CA ALA B 363 -37.19 10.07 5.89
C ALA B 363 -38.43 9.43 6.53
N GLY B 364 -39.57 10.12 6.43
CA GLY B 364 -40.82 9.62 6.97
C GLY B 364 -40.81 9.58 8.48
N LEU B 365 -40.01 10.46 9.07
CA LEU B 365 -39.71 10.42 10.49
C LEU B 365 -40.64 11.36 11.26
N VAL B 366 -41.30 12.25 10.51
CA VAL B 366 -42.41 13.07 11.01
C VAL B 366 -43.47 13.16 9.92
N THR B 367 -44.64 13.66 10.24
CA THR B 367 -45.73 13.59 9.29
C THR B 367 -46.80 14.58 9.70
N GLY B 368 -47.65 14.96 8.75
CA GLY B 368 -48.77 15.83 9.04
C GLY B 368 -48.38 17.28 9.19
N GLY B 369 -49.39 18.13 9.43
CA GLY B 369 -49.16 19.53 9.71
C GLY B 369 -48.93 20.42 8.50
N PRO B 370 -49.28 21.71 8.63
CA PRO B 370 -49.09 22.76 7.63
C PRO B 370 -47.62 22.94 7.29
N VAL B 371 -47.30 22.83 6.00
CA VAL B 371 -45.92 22.83 5.59
C VAL B 371 -45.25 24.21 5.79
N ALA B 372 -46.04 25.27 5.75
CA ALA B 372 -45.46 26.60 5.94
C ALA B 372 -44.87 26.75 7.35
N SER B 373 -45.50 26.11 8.33
CA SER B 373 -45.02 26.16 9.70
C SER B 373 -43.63 25.51 9.91
N ASP B 374 -43.16 24.74 8.92
CA ASP B 374 -41.84 24.10 9.00
C ASP B 374 -40.76 25.16 9.15
N ARG B 375 -40.98 26.31 8.50
CA ARG B 375 -40.04 27.42 8.52
C ARG B 375 -39.83 27.92 9.95
N LEU B 376 -40.93 28.13 10.68
CA LEU B 376 -40.87 28.60 12.06
C LEU B 376 -39.98 27.67 12.90
N LEU B 377 -40.30 26.37 12.91
CA LEU B 377 -39.55 25.37 13.66
C LEU B 377 -38.10 25.19 13.20
N ASP B 378 -37.88 25.30 11.89
CA ASP B 378 -36.51 25.19 11.35
C ASP B 378 -35.57 26.28 11.87
N THR B 379 -35.99 27.54 11.81
CA THR B 379 -35.14 28.62 12.32
C THR B 379 -35.04 28.56 13.85
N ALA B 380 -36.16 28.26 14.52
CA ALA B 380 -36.17 28.05 15.97
C ALA B 380 -35.06 27.10 16.48
N PHE B 381 -35.02 25.90 15.93
CA PHE B 381 -34.04 24.89 16.34
C PHE B 381 -32.73 25.03 15.58
N GLY B 382 -32.65 26.06 14.76
CA GLY B 382 -31.48 26.32 13.91
C GLY B 382 -30.29 26.88 14.64
N GLY B 383 -29.17 27.00 13.92
CA GLY B 383 -27.91 27.42 14.52
C GLY B 383 -26.80 26.60 13.89
N ALA B 384 -25.60 26.69 14.44
CA ALA B 384 -24.48 25.92 13.93
C ALA B 384 -24.75 24.44 14.17
N ALA B 385 -24.17 23.60 13.33
CA ALA B 385 -24.46 22.17 13.37
C ALA B 385 -23.88 21.54 14.63
N PRO B 386 -24.65 20.62 15.24
CA PRO B 386 -24.18 19.93 16.45
C PRO B 386 -22.92 19.12 16.13
N TYR B 387 -21.91 19.25 16.98
CA TYR B 387 -20.70 18.50 16.79
C TYR B 387 -20.08 18.23 18.13
N MSE B 388 -19.06 17.38 18.13
CA MSE B 388 -18.49 16.92 19.35
C MSE B 388 -17.01 16.60 19.11
O MSE B 388 -16.63 16.19 18.01
CB MSE B 388 -19.25 15.68 19.78
CG MSE B 388 -19.10 15.31 21.24
SE MSE B 388 -19.90 13.58 21.63
CE MSE B 388 -21.82 14.00 21.44
N LEU B 389 -16.19 16.77 20.13
CA LEU B 389 -14.77 16.47 20.00
C LEU B 389 -14.43 15.11 20.57
N ASP B 390 -15.30 14.58 21.42
CA ASP B 390 -15.00 13.41 22.21
C ASP B 390 -15.72 12.17 21.71
N TYR B 391 -15.14 11.01 21.98
CA TYR B 391 -15.78 9.76 21.65
C TYR B 391 -15.91 8.98 22.95
N PHE B 392 -17.05 8.34 23.16
CA PHE B 392 -17.27 7.64 24.41
C PHE B 392 -18.10 6.38 24.19
N ASP C 7 -44.91 -6.29 -20.34
CA ASP C 7 -44.44 -7.38 -19.48
C ASP C 7 -43.34 -8.17 -20.17
N LEU C 8 -42.91 -9.25 -19.52
CA LEU C 8 -41.66 -9.96 -19.86
C LEU C 8 -41.76 -11.11 -20.86
N ARG C 9 -40.86 -11.10 -21.84
CA ARG C 9 -40.87 -12.03 -22.96
C ARG C 9 -39.47 -12.56 -23.21
N LEU C 10 -39.34 -13.88 -23.31
CA LEU C 10 -38.05 -14.49 -23.65
C LEU C 10 -37.79 -14.28 -25.12
N VAL C 11 -36.52 -14.20 -25.52
CA VAL C 11 -36.19 -13.76 -26.87
C VAL C 11 -34.87 -14.36 -27.39
N ASP C 12 -34.71 -14.44 -28.71
CA ASP C 12 -33.40 -14.74 -29.30
C ASP C 12 -32.73 -13.46 -29.77
N ILE C 13 -31.64 -13.07 -29.11
CA ILE C 13 -30.90 -11.85 -29.45
C ILE C 13 -30.44 -11.84 -30.91
N THR C 14 -30.71 -10.75 -31.62
CA THR C 14 -30.30 -10.67 -33.02
C THR C 14 -28.95 -9.95 -33.10
N GLU C 15 -28.20 -10.19 -34.18
CA GLU C 15 -26.90 -9.56 -34.37
C GLU C 15 -27.05 -8.06 -34.30
N THR C 16 -28.26 -7.59 -34.58
CA THR C 16 -28.59 -6.20 -34.44
C THR C 16 -28.50 -5.80 -32.98
N GLN C 17 -29.39 -6.36 -32.15
CA GLN C 17 -29.51 -5.93 -30.75
C GLN C 17 -28.33 -6.26 -29.81
N LEU C 18 -27.14 -6.42 -30.37
CA LEU C 18 -25.94 -6.55 -29.53
C LEU C 18 -25.61 -5.23 -28.83
N ASP C 19 -25.92 -4.10 -29.47
CA ASP C 19 -25.70 -2.78 -28.86
C ASP C 19 -26.57 -2.61 -27.64
N ASP C 20 -27.76 -3.19 -27.70
CA ASP C 20 -28.73 -3.10 -26.63
C ASP C 20 -28.21 -3.88 -25.44
N VAL C 21 -27.65 -5.05 -25.73
CA VAL C 21 -27.04 -5.86 -24.69
C VAL C 21 -25.90 -5.10 -24.04
N LEU C 22 -25.04 -4.50 -24.86
CA LEU C 22 -23.92 -3.71 -24.31
C LEU C 22 -24.39 -2.50 -23.53
N ARG C 23 -25.54 -1.97 -23.91
CA ARG C 23 -26.08 -0.79 -23.26
C ARG C 23 -26.61 -1.17 -21.88
N VAL C 24 -27.16 -2.37 -21.77
CA VAL C 24 -27.58 -2.90 -20.48
C VAL C 24 -26.35 -3.18 -19.62
N ARG C 25 -25.45 -4.01 -20.16
CA ARG C 25 -24.22 -4.38 -19.49
C ARG C 25 -23.51 -3.16 -18.87
N ALA C 26 -23.46 -2.06 -19.62
CA ALA C 26 -22.80 -0.81 -19.21
C ALA C 26 -23.32 -0.24 -17.88
N ARG C 27 -24.61 -0.44 -17.62
CA ARG C 27 -25.22 0.09 -16.40
C ARG C 27 -24.66 -0.58 -15.17
N SER C 28 -24.02 -1.73 -15.34
CA SER C 28 -23.45 -2.45 -14.22
C SER C 28 -21.92 -2.57 -14.27
N PHE C 29 -21.33 -2.25 -15.42
CA PHE C 29 -19.90 -2.48 -15.61
C PHE C 29 -19.19 -1.31 -16.27
N GLY C 30 -19.94 -0.29 -16.66
CA GLY C 30 -19.36 0.81 -17.42
C GLY C 30 -19.06 0.40 -18.85
N LEU C 31 -18.78 1.40 -19.69
CA LEU C 31 -18.51 1.19 -21.11
C LEU C 31 -17.24 0.38 -21.35
N LEU C 32 -17.16 -0.24 -22.51
CA LEU C 32 -15.93 -0.89 -22.94
C LEU C 32 -15.08 0.14 -23.69
N ALA C 33 -13.76 -0.02 -23.66
CA ALA C 33 -12.89 0.72 -24.59
C ALA C 33 -13.32 0.43 -26.03
N ALA C 34 -13.11 1.37 -26.94
CA ALA C 34 -13.52 1.17 -28.32
C ALA C 34 -12.75 0.01 -28.96
N GLY C 35 -11.64 -0.36 -28.34
CA GLY C 35 -10.87 -1.53 -28.75
C GLY C 35 -11.56 -2.80 -28.31
N ALA C 36 -11.60 -3.02 -27.00
CA ALA C 36 -12.32 -4.15 -26.42
C ALA C 36 -13.78 -4.28 -26.89
N ARG C 37 -14.37 -3.17 -27.36
CA ARG C 37 -15.76 -3.18 -27.79
C ARG C 37 -15.90 -3.77 -29.19
N GLU C 38 -14.97 -3.42 -30.08
CA GLU C 38 -14.96 -3.95 -31.44
C GLU C 38 -14.78 -5.46 -31.40
N ASP C 39 -13.98 -5.95 -30.46
CA ASP C 39 -13.72 -7.38 -30.30
C ASP C 39 -14.87 -8.12 -29.63
N TRP C 40 -15.55 -7.47 -28.69
CA TRP C 40 -16.70 -8.06 -28.01
C TRP C 40 -17.76 -8.39 -29.03
N VAL C 41 -18.01 -7.44 -29.94
CA VAL C 41 -19.04 -7.58 -30.94
C VAL C 41 -18.69 -8.66 -31.96
N ARG C 42 -17.42 -8.69 -32.35
CA ARG C 42 -16.95 -9.66 -33.34
C ARG C 42 -17.13 -11.06 -32.78
N ASP C 43 -16.88 -11.23 -31.48
CA ASP C 43 -16.94 -12.54 -30.87
C ASP C 43 -18.37 -12.94 -30.44
N ALA C 44 -19.32 -12.02 -30.52
CA ALA C 44 -20.70 -12.36 -30.16
C ALA C 44 -21.49 -12.97 -31.31
N VAL C 45 -21.12 -12.62 -32.54
CA VAL C 45 -21.90 -12.98 -33.72
C VAL C 45 -22.11 -14.49 -33.83
N GLU C 46 -21.09 -15.26 -33.50
CA GLU C 46 -21.15 -16.72 -33.55
C GLU C 46 -22.20 -17.31 -32.59
N PHE C 47 -22.27 -16.77 -31.37
CA PHE C 47 -23.33 -17.14 -30.43
C PHE C 47 -24.70 -16.80 -31.00
N VAL C 48 -24.80 -15.61 -31.59
CA VAL C 48 -26.06 -15.13 -32.11
C VAL C 48 -26.62 -16.04 -33.18
N HIS C 49 -25.79 -16.43 -34.14
CA HIS C 49 -26.28 -17.22 -35.26
C HIS C 49 -26.20 -18.74 -35.04
N ASP C 50 -26.08 -19.16 -33.78
CA ASP C 50 -26.10 -20.58 -33.44
C ASP C 50 -27.05 -20.87 -32.27
N GLY C 51 -28.01 -19.97 -32.07
CA GLY C 51 -29.06 -20.16 -31.08
C GLY C 51 -28.55 -20.10 -29.66
N ARG C 52 -27.46 -19.37 -29.46
CA ARG C 52 -26.75 -19.41 -28.19
C ARG C 52 -26.56 -18.03 -27.55
N PHE C 53 -27.53 -17.14 -27.76
CA PHE C 53 -27.56 -15.84 -27.11
C PHE C 53 -28.99 -15.45 -26.76
N LEU C 54 -29.36 -15.62 -25.50
CA LEU C 54 -30.74 -15.40 -25.11
C LEU C 54 -30.96 -14.09 -24.36
N GLY C 55 -32.19 -13.59 -24.42
CA GLY C 55 -32.53 -12.40 -23.68
C GLY C 55 -33.95 -12.36 -23.14
N VAL C 56 -34.22 -11.32 -22.35
CA VAL C 56 -35.57 -11.01 -21.90
C VAL C 56 -35.91 -9.62 -22.43
N VAL C 57 -37.11 -9.48 -22.99
CA VAL C 57 -37.56 -8.19 -23.49
C VAL C 57 -38.74 -7.72 -22.66
N SER C 58 -38.75 -6.45 -22.29
CA SER C 58 -39.89 -5.82 -21.63
C SER C 58 -40.48 -4.77 -22.56
N GLY C 59 -41.67 -5.03 -23.07
CA GLY C 59 -42.24 -4.19 -24.11
C GLY C 59 -41.42 -4.38 -25.37
N ASP C 60 -40.69 -3.34 -25.76
CA ASP C 60 -39.82 -3.40 -26.92
C ASP C 60 -38.37 -3.15 -26.56
N GLU C 61 -37.98 -3.56 -25.36
CA GLU C 61 -36.71 -3.12 -24.80
C GLU C 61 -35.98 -4.29 -24.17
N VAL C 62 -34.86 -4.67 -24.76
CA VAL C 62 -33.99 -5.67 -24.19
C VAL C 62 -33.63 -5.24 -22.78
N VAL C 63 -33.93 -6.07 -21.79
CA VAL C 63 -33.68 -5.73 -20.40
C VAL C 63 -32.81 -6.74 -19.67
N ALA C 64 -32.44 -7.82 -20.36
CA ALA C 64 -31.61 -8.89 -19.82
C ALA C 64 -31.07 -9.78 -20.93
N ALA C 65 -29.88 -10.35 -20.74
CA ALA C 65 -29.25 -11.21 -21.74
C ALA C 65 -28.24 -12.19 -21.13
N ALA C 66 -27.99 -13.29 -21.84
CA ALA C 66 -27.02 -14.29 -21.42
C ALA C 66 -26.63 -15.12 -22.62
N ARG C 67 -25.39 -15.61 -22.66
CA ARG C 67 -24.95 -16.46 -23.76
C ARG C 67 -24.48 -17.81 -23.25
N ILE C 68 -24.29 -18.74 -24.19
CA ILE C 68 -23.96 -20.12 -23.87
C ILE C 68 -22.80 -20.62 -24.70
N TRP C 69 -21.67 -20.89 -24.07
CA TRP C 69 -20.59 -21.59 -24.76
C TRP C 69 -20.95 -23.07 -24.97
N ASP C 70 -20.64 -23.63 -26.13
CA ASP C 70 -20.81 -25.06 -26.27
C ASP C 70 -19.47 -25.71 -26.04
N PHE C 71 -19.19 -25.92 -24.77
CA PHE C 71 -17.93 -26.49 -24.36
C PHE C 71 -18.07 -27.99 -24.40
N GLN C 72 -16.99 -28.68 -24.08
CA GLN C 72 -17.08 -30.00 -23.47
C GLN C 72 -16.25 -29.96 -22.19
N GLN C 73 -16.49 -30.90 -21.28
CA GLN C 73 -15.79 -30.89 -19.99
C GLN C 73 -15.35 -32.30 -19.56
N TRP C 74 -14.10 -32.41 -19.13
CA TRP C 74 -13.60 -33.69 -18.63
C TRP C 74 -14.27 -34.03 -17.32
N TRP C 75 -14.85 -35.21 -17.23
CA TRP C 75 -15.34 -35.74 -15.96
C TRP C 75 -14.87 -37.17 -15.85
N GLY C 76 -13.99 -37.44 -14.89
CA GLY C 76 -13.37 -38.75 -14.75
C GLY C 76 -12.75 -39.28 -16.03
N GLY C 77 -12.06 -38.43 -16.78
CA GLY C 77 -11.33 -38.90 -17.93
C GLY C 77 -12.16 -39.11 -19.19
N ARG C 78 -13.45 -38.76 -19.14
CA ARG C 78 -14.24 -38.72 -20.37
C ARG C 78 -14.74 -37.31 -20.67
N ARG C 79 -15.19 -37.09 -21.90
CA ARG C 79 -15.56 -35.74 -22.34
C ARG C 79 -17.07 -35.61 -22.38
N VAL C 80 -17.61 -34.71 -21.58
CA VAL C 80 -19.06 -34.56 -21.52
C VAL C 80 -19.44 -33.19 -22.04
N PRO C 81 -20.34 -33.15 -23.03
CA PRO C 81 -20.86 -31.88 -23.55
C PRO C 81 -21.48 -31.00 -22.46
N MSE C 82 -21.08 -29.74 -22.36
CA MSE C 82 -21.64 -28.88 -21.32
C MSE C 82 -21.92 -27.45 -21.76
O MSE C 82 -21.21 -26.89 -22.60
CB MSE C 82 -20.78 -28.91 -20.06
CG MSE C 82 -19.57 -28.05 -20.09
SE MSE C 82 -19.86 -26.28 -19.24
CE MSE C 82 -18.02 -26.01 -18.64
N ALA C 83 -22.97 -26.88 -21.19
CA ALA C 83 -23.42 -25.53 -21.52
C ALA C 83 -22.80 -24.50 -20.57
N GLY C 84 -21.77 -23.80 -21.03
CA GLY C 84 -21.12 -22.81 -20.21
C GLY C 84 -21.82 -21.47 -20.30
N ILE C 85 -22.40 -21.02 -19.20
CA ILE C 85 -23.21 -19.84 -19.24
C ILE C 85 -22.33 -18.67 -18.89
N ALA C 86 -22.43 -17.59 -19.66
CA ALA C 86 -21.62 -16.39 -19.43
C ALA C 86 -22.35 -15.10 -19.78
N GLY C 87 -21.85 -14.00 -19.25
CA GLY C 87 -22.35 -12.68 -19.59
C GLY C 87 -23.79 -12.39 -19.19
N VAL C 88 -24.25 -12.99 -18.10
CA VAL C 88 -25.60 -12.76 -17.64
C VAL C 88 -25.72 -11.32 -17.19
N VAL C 89 -26.61 -10.56 -17.84
CA VAL C 89 -26.86 -9.17 -17.43
C VAL C 89 -28.33 -8.83 -17.30
N VAL C 90 -28.68 -8.14 -16.22
CA VAL C 90 -30.04 -7.62 -16.03
C VAL C 90 -30.01 -6.14 -15.69
N ALA C 91 -30.94 -5.37 -16.25
CA ALA C 91 -31.04 -3.94 -15.98
C ALA C 91 -31.44 -3.67 -14.54
N PRO C 92 -30.79 -2.68 -13.90
CA PRO C 92 -30.99 -2.30 -12.49
C PRO C 92 -32.42 -1.86 -12.19
N GLU C 93 -33.05 -1.11 -13.09
CA GLU C 93 -34.42 -0.67 -12.83
C GLU C 93 -35.46 -1.80 -12.94
N TYR C 94 -35.01 -3.01 -13.26
CA TYR C 94 -35.90 -4.16 -13.26
C TYR C 94 -35.57 -5.06 -12.09
N ARG C 95 -35.13 -4.43 -11.01
CA ARG C 95 -34.78 -5.09 -9.77
C ARG C 95 -35.93 -5.95 -9.26
N GLY C 96 -35.59 -7.17 -8.84
CA GLY C 96 -36.52 -8.05 -8.15
C GLY C 96 -37.87 -8.26 -8.82
N ARG C 97 -37.87 -8.40 -10.14
CA ARG C 97 -39.10 -8.71 -10.82
C ARG C 97 -38.99 -10.11 -11.41
N GLY C 98 -37.99 -10.84 -10.94
CA GLY C 98 -37.73 -12.20 -11.41
C GLY C 98 -37.32 -12.25 -12.87
N VAL C 99 -36.65 -11.19 -13.32
CA VAL C 99 -36.23 -11.09 -14.71
C VAL C 99 -35.13 -12.11 -14.97
N GLY C 100 -34.18 -12.16 -14.04
CA GLY C 100 -33.09 -13.09 -14.14
C GLY C 100 -33.55 -14.54 -14.15
N SER C 101 -34.64 -14.82 -13.43
CA SER C 101 -35.12 -16.20 -13.39
C SER C 101 -35.75 -16.64 -14.71
N LEU C 102 -36.54 -15.77 -15.33
CA LEU C 102 -37.11 -16.06 -16.64
C LEU C 102 -36.01 -16.32 -17.66
N LEU C 103 -35.01 -15.46 -17.66
CA LEU C 103 -33.88 -15.57 -18.59
C LEU C 103 -33.18 -16.89 -18.38
N MSE C 104 -32.96 -17.21 -17.11
CA MSE C 104 -32.21 -18.41 -16.76
C MSE C 104 -33.01 -19.68 -17.00
O MSE C 104 -32.45 -20.72 -17.30
CB MSE C 104 -31.72 -18.31 -15.32
CG MSE C 104 -30.39 -18.97 -15.12
SE MSE C 104 -28.94 -18.19 -16.17
CE MSE C 104 -27.68 -19.68 -15.94
N ARG C 105 -34.33 -19.58 -16.88
CA ARG C 105 -35.17 -20.74 -17.19
C ARG C 105 -35.16 -21.03 -18.70
N GLY C 106 -34.96 -19.98 -19.49
CA GLY C 106 -34.86 -20.12 -20.93
C GLY C 106 -33.51 -20.65 -21.36
N VAL C 107 -32.47 -20.10 -20.73
CA VAL C 107 -31.10 -20.58 -20.91
C VAL C 107 -30.99 -22.08 -20.65
N LEU C 108 -31.61 -22.52 -19.55
CA LEU C 108 -31.58 -23.92 -19.15
C LEU C 108 -32.22 -24.86 -20.16
N GLU C 109 -33.41 -24.52 -20.65
CA GLU C 109 -34.07 -25.43 -21.58
C GLU C 109 -33.46 -25.35 -22.99
N ARG C 110 -32.84 -24.22 -23.32
CA ARG C 110 -32.17 -24.08 -24.61
C ARG C 110 -31.02 -25.08 -24.66
N SER C 111 -30.32 -25.15 -23.55
CA SER C 111 -29.20 -26.05 -23.38
C SER C 111 -29.64 -27.51 -23.42
N ARG C 112 -30.73 -27.80 -22.72
CA ARG C 112 -31.27 -29.16 -22.68
C ARG C 112 -31.67 -29.60 -24.10
N ASP C 113 -32.25 -28.65 -24.84
CA ASP C 113 -32.64 -28.88 -26.23
C ASP C 113 -31.45 -29.17 -27.14
N LYS C 114 -30.30 -28.58 -26.86
CA LYS C 114 -29.17 -28.71 -27.76
C LYS C 114 -28.29 -29.91 -27.43
N GLY C 115 -28.71 -30.69 -26.42
CA GLY C 115 -28.03 -31.93 -26.11
C GLY C 115 -26.87 -31.82 -25.13
N MSE C 116 -26.93 -30.82 -24.25
CA MSE C 116 -25.90 -30.63 -23.25
C MSE C 116 -26.44 -31.18 -21.93
O MSE C 116 -27.35 -30.58 -21.34
CB MSE C 116 -25.54 -29.16 -23.15
CG MSE C 116 -25.82 -28.39 -24.47
SE MSE C 116 -24.51 -27.08 -25.09
CE MSE C 116 -22.96 -28.26 -25.30
N PRO C 117 -25.93 -32.32 -21.48
CA PRO C 117 -26.55 -32.91 -20.29
C PRO C 117 -26.12 -32.20 -19.00
N ILE C 118 -25.15 -31.30 -19.08
CA ILE C 118 -24.74 -30.53 -17.91
C ILE C 118 -24.44 -29.08 -18.24
N SER C 119 -24.25 -28.27 -17.20
CA SER C 119 -24.01 -26.83 -17.36
C SER C 119 -23.13 -26.27 -16.24
N ALA C 120 -22.37 -25.22 -16.55
CA ALA C 120 -21.43 -24.64 -15.59
C ALA C 120 -21.29 -23.14 -15.80
N LEU C 121 -20.95 -22.42 -14.74
CA LEU C 121 -20.72 -20.98 -14.82
C LEU C 121 -19.90 -20.46 -13.63
N TYR C 122 -19.42 -19.22 -13.72
CA TYR C 122 -18.83 -18.55 -12.56
C TYR C 122 -19.82 -17.54 -12.02
N PRO C 123 -20.43 -17.84 -10.85
CA PRO C 123 -21.54 -17.00 -10.39
C PRO C 123 -21.06 -15.64 -9.87
N ALA C 124 -21.75 -14.57 -10.21
CA ALA C 124 -21.43 -13.24 -9.69
C ALA C 124 -22.01 -13.11 -8.30
N THR C 125 -23.17 -13.75 -8.13
CA THR C 125 -23.80 -13.97 -6.82
C THR C 125 -24.25 -15.42 -6.81
N THR C 126 -24.58 -15.95 -5.63
CA THR C 126 -24.90 -17.39 -5.53
C THR C 126 -26.38 -17.73 -5.30
N VAL C 127 -27.14 -16.81 -4.73
CA VAL C 127 -28.52 -17.10 -4.37
C VAL C 127 -29.36 -17.40 -5.61
N ILE C 128 -29.26 -16.52 -6.61
CA ILE C 128 -30.08 -16.69 -7.80
C ILE C 128 -29.79 -18.04 -8.49
N TYR C 129 -28.54 -18.49 -8.47
CA TYR C 129 -28.16 -19.76 -9.10
C TYR C 129 -28.48 -21.00 -8.26
N ARG C 130 -28.36 -20.90 -6.94
CA ARG C 130 -28.77 -22.01 -6.09
C ARG C 130 -30.25 -22.26 -6.24
N HIS C 131 -31.01 -21.18 -6.47
CA HIS C 131 -32.45 -21.31 -6.61
C HIS C 131 -32.81 -22.06 -7.89
N LEU C 132 -31.99 -21.93 -8.93
CA LEU C 132 -32.26 -22.68 -10.16
C LEU C 132 -31.61 -24.06 -10.18
N GLY C 133 -30.89 -24.38 -9.10
CA GLY C 133 -30.32 -25.71 -8.91
C GLY C 133 -28.82 -25.88 -9.15
N TYR C 134 -28.08 -24.79 -9.20
CA TYR C 134 -26.63 -24.87 -9.33
C TYR C 134 -26.01 -24.98 -7.96
N GLU C 135 -24.81 -25.55 -7.89
CA GLU C 135 -24.01 -25.62 -6.67
C GLU C 135 -22.53 -25.70 -7.03
N PHE C 136 -21.65 -25.39 -6.10
CA PHE C 136 -20.23 -25.42 -6.41
C PHE C 136 -19.73 -26.83 -6.75
N GLY C 137 -18.97 -26.92 -7.85
CA GLY C 137 -18.47 -28.18 -8.34
C GLY C 137 -16.95 -28.23 -8.45
N GLY C 138 -16.29 -27.09 -8.55
CA GLY C 138 -14.83 -27.13 -8.62
C GLY C 138 -14.09 -25.82 -8.44
N HIS C 139 -12.82 -25.81 -8.84
CA HIS C 139 -11.95 -24.68 -8.55
C HIS C 139 -11.15 -24.25 -9.78
N ARG C 140 -10.67 -23.00 -9.75
CA ARG C 140 -9.56 -22.55 -10.58
C ARG C 140 -8.45 -21.99 -9.67
N TYR C 141 -7.25 -22.53 -9.77
CA TYR C 141 -6.12 -22.12 -8.95
C TYR C 141 -5.11 -21.32 -9.76
N ARG C 142 -4.51 -20.32 -9.12
CA ARG C 142 -3.45 -19.54 -9.75
C ARG C 142 -2.29 -19.40 -8.75
N PHE C 143 -1.14 -19.96 -9.08
CA PHE C 143 0.01 -19.90 -8.18
C PHE C 143 1.13 -19.07 -8.78
N SER C 144 1.99 -18.50 -7.91
CA SER C 144 3.09 -17.64 -8.35
C SER C 144 4.45 -18.20 -8.03
N PHE C 145 5.36 -18.12 -9.01
CA PHE C 145 6.69 -18.67 -8.84
C PHE C 145 7.76 -17.64 -9.08
N GLN C 146 8.98 -17.94 -8.67
CA GLN C 146 10.13 -17.09 -8.98
C GLN C 146 10.74 -17.46 -10.33
N ALA C 147 10.84 -16.51 -11.25
CA ALA C 147 11.39 -16.80 -12.57
C ALA C 147 12.79 -17.43 -12.54
N ALA C 148 13.63 -17.02 -11.62
CA ALA C 148 14.96 -17.60 -11.57
C ALA C 148 14.87 -19.11 -11.32
N ASP C 149 13.96 -19.52 -10.44
CA ASP C 149 13.77 -20.95 -10.15
C ASP C 149 13.34 -21.73 -11.39
N LEU C 150 12.45 -21.15 -12.21
CA LEU C 150 12.04 -21.80 -13.42
C LEU C 150 13.23 -21.91 -14.36
N ARG C 151 14.11 -20.90 -14.33
CA ARG C 151 15.28 -20.88 -15.20
C ARG C 151 16.26 -22.02 -14.92
N SER C 152 16.47 -22.40 -13.65
CA SER C 152 17.54 -23.38 -13.41
C SER C 152 17.08 -24.84 -13.37
N LEU C 153 15.85 -25.09 -13.81
CA LEU C 153 15.34 -26.45 -13.87
C LEU C 153 16.05 -27.34 -14.90
N GLY C 154 16.73 -26.74 -15.88
CA GLY C 154 17.49 -27.51 -16.84
C GLY C 154 16.67 -28.11 -17.98
N GLY C 155 17.00 -29.34 -18.37
CA GLY C 155 16.35 -29.98 -19.51
C GLY C 155 16.82 -29.40 -20.84
N ARG C 156 18.03 -28.87 -20.85
CA ARG C 156 18.54 -28.19 -22.03
C ARG C 156 18.64 -29.06 -23.27
N GLU C 157 18.70 -30.38 -23.08
CA GLU C 157 18.77 -31.26 -24.23
C GLU C 157 17.44 -31.31 -24.98
N VAL C 158 16.34 -31.06 -24.28
CA VAL C 158 15.04 -31.20 -24.92
C VAL C 158 14.83 -30.15 -26.02
N ALA C 159 14.41 -30.64 -27.19
CA ALA C 159 14.11 -29.77 -28.33
C ALA C 159 12.78 -29.06 -28.16
N VAL C 160 12.81 -27.73 -28.11
CA VAL C 160 11.60 -26.95 -27.99
C VAL C 160 11.53 -25.99 -29.16
N ARG C 161 10.39 -25.94 -29.85
CA ARG C 161 10.24 -24.97 -30.94
C ARG C 161 9.00 -24.09 -30.75
N ARG C 162 8.95 -22.98 -31.47
CA ARG C 162 7.80 -22.10 -31.41
C ARG C 162 6.62 -22.78 -32.11
N ALA C 163 5.42 -22.57 -31.61
CA ALA C 163 4.24 -23.21 -32.18
C ALA C 163 3.29 -22.16 -32.77
N GLY C 164 2.57 -22.57 -33.79
CA GLY C 164 1.58 -21.72 -34.43
C GLY C 164 0.30 -22.49 -34.62
N ALA C 165 -0.60 -21.96 -35.43
CA ALA C 165 -1.89 -22.59 -35.61
C ALA C 165 -1.83 -23.94 -36.34
N LYS C 166 -0.72 -24.25 -36.99
CA LYS C 166 -0.59 -25.53 -37.70
C LYS C 166 -0.42 -26.69 -36.72
N ASP C 167 -0.30 -26.36 -35.44
CA ASP C 167 -0.01 -27.35 -34.40
C ASP C 167 -1.20 -27.67 -33.48
N ALA C 168 -2.40 -27.24 -33.86
CA ALA C 168 -3.56 -27.46 -33.00
C ALA C 168 -3.89 -28.95 -32.81
N ALA C 169 -3.77 -29.74 -33.87
CA ALA C 169 -4.03 -31.18 -33.79
C ALA C 169 -3.12 -31.84 -32.76
N ARG C 170 -1.90 -31.33 -32.67
CA ARG C 170 -0.87 -31.89 -31.83
C ARG C 170 -1.15 -31.58 -30.35
N PHE C 171 -1.60 -30.35 -30.09
CA PHE C 171 -1.91 -29.92 -28.73
C PHE C 171 -3.08 -30.71 -28.14
N LEU C 172 -4.14 -30.89 -28.93
CA LEU C 172 -5.31 -31.64 -28.47
C LEU C 172 -4.89 -33.07 -28.13
N GLU C 173 -4.04 -33.61 -28.99
CA GLU C 173 -3.58 -34.98 -28.85
C GLU C 173 -2.84 -35.17 -27.51
N LEU C 174 -1.87 -34.31 -27.23
CA LEU C 174 -1.12 -34.35 -25.98
C LEU C 174 -2.03 -34.20 -24.75
N VAL C 175 -2.90 -33.21 -24.79
CA VAL C 175 -3.85 -32.97 -23.72
C VAL C 175 -4.79 -34.16 -23.52
N GLY C 176 -5.38 -34.67 -24.59
CA GLY C 176 -6.32 -35.76 -24.45
C GLY C 176 -5.68 -37.03 -23.96
N THR C 177 -4.38 -37.19 -24.20
CA THR C 177 -3.66 -38.35 -23.71
C THR C 177 -3.42 -38.22 -22.21
N ALA C 178 -2.95 -37.05 -21.78
CA ALA C 178 -2.70 -36.75 -20.38
C ALA C 178 -3.95 -36.97 -19.48
N HIS C 179 -5.04 -36.28 -19.82
CA HIS C 179 -6.25 -36.30 -19.00
C HIS C 179 -6.90 -37.68 -18.93
N GLU C 180 -6.94 -38.39 -20.06
CA GLU C 180 -7.46 -39.75 -20.09
C GLU C 180 -6.68 -40.67 -19.17
N ALA C 181 -5.36 -40.47 -19.10
CA ALA C 181 -4.55 -41.21 -18.14
C ALA C 181 -4.95 -40.90 -16.70
N SER C 182 -4.84 -39.63 -16.31
CA SER C 182 -5.03 -39.26 -14.91
C SER C 182 -6.48 -39.23 -14.45
N ARG C 183 -7.41 -39.38 -15.39
CA ARG C 183 -8.85 -39.34 -15.12
C ARG C 183 -9.31 -37.97 -14.64
N ALA C 184 -8.72 -36.91 -15.19
CA ALA C 184 -9.03 -35.53 -14.78
C ALA C 184 -10.50 -35.18 -14.84
N SER C 185 -10.92 -34.26 -13.97
CA SER C 185 -12.28 -33.75 -13.98
C SER C 185 -12.22 -32.24 -13.97
N GLY C 186 -13.25 -31.61 -14.54
CA GLY C 186 -13.40 -30.16 -14.47
C GLY C 186 -12.94 -29.37 -15.68
N LEU C 187 -11.87 -29.84 -16.33
CA LEU C 187 -11.21 -29.09 -17.40
C LEU C 187 -12.05 -28.94 -18.68
N LEU C 188 -11.88 -27.81 -19.37
CA LEU C 188 -12.63 -27.57 -20.59
C LEU C 188 -11.99 -28.25 -21.78
N VAL C 189 -12.83 -28.73 -22.69
CA VAL C 189 -12.33 -29.10 -23.99
C VAL C 189 -12.71 -27.95 -24.90
N TRP C 190 -11.71 -27.38 -25.57
CA TRP C 190 -11.95 -26.32 -26.53
C TRP C 190 -11.96 -26.93 -27.94
N PRO C 191 -12.88 -26.44 -28.80
CA PRO C 191 -12.97 -26.86 -30.20
C PRO C 191 -11.61 -26.68 -30.88
N GLU C 192 -11.16 -27.62 -31.71
CA GLU C 192 -9.86 -27.48 -32.37
C GLU C 192 -9.77 -26.18 -33.18
N SER C 193 -10.92 -25.77 -33.71
CA SER C 193 -11.05 -24.49 -34.38
C SER C 193 -10.66 -23.35 -33.46
N LYS C 194 -11.37 -23.24 -32.34
CA LYS C 194 -11.17 -22.18 -31.36
C LYS C 194 -9.74 -22.14 -30.85
N ILE C 195 -9.08 -23.28 -30.88
CA ILE C 195 -7.72 -23.39 -30.36
C ILE C 195 -6.66 -22.88 -31.35
N ALA C 196 -6.90 -23.04 -32.65
CA ALA C 196 -5.98 -22.47 -33.64
C ALA C 196 -5.93 -20.94 -33.54
N GLU C 197 -7.09 -20.31 -33.35
CA GLU C 197 -7.19 -18.86 -33.19
C GLU C 197 -6.28 -18.40 -32.06
N TRP C 198 -6.41 -19.07 -30.92
CA TRP C 198 -5.62 -18.85 -29.72
C TRP C 198 -4.14 -18.91 -30.05
N LEU C 199 -3.77 -19.87 -30.92
CA LEU C 199 -2.39 -20.05 -31.38
C LEU C 199 -1.92 -19.03 -32.43
N GLU C 200 -2.86 -18.25 -32.97
CA GLU C 200 -2.51 -17.28 -34.02
C GLU C 200 -2.31 -15.90 -33.43
N ASP C 201 -2.93 -15.70 -32.27
CA ASP C 201 -2.88 -14.44 -31.54
C ASP C 201 -1.42 -13.98 -31.40
N GLU C 202 -1.12 -12.87 -32.06
CA GLU C 202 0.22 -12.28 -32.08
C GLU C 202 0.84 -12.26 -30.68
N GLU C 203 0.02 -11.98 -29.68
CA GLU C 203 0.50 -11.88 -28.31
C GLU C 203 0.30 -13.17 -27.51
N ASN C 204 -0.04 -14.25 -28.21
CA ASN C 204 0.02 -15.57 -27.61
C ASN C 204 1.25 -16.34 -28.07
N PHE C 205 2.03 -16.76 -27.07
CA PHE C 205 3.29 -17.43 -27.28
C PHE C 205 3.15 -18.88 -26.85
N ALA C 206 3.32 -19.78 -27.81
CA ALA C 206 3.08 -21.20 -27.56
C ALA C 206 4.29 -21.97 -28.01
N TYR C 207 4.68 -22.96 -27.23
CA TYR C 207 5.90 -23.70 -27.49
C TYR C 207 5.66 -25.21 -27.41
N LEU C 208 6.23 -25.94 -28.36
CA LEU C 208 5.92 -27.35 -28.53
C LEU C 208 7.18 -28.21 -28.39
N ALA C 209 7.16 -29.17 -27.48
CA ALA C 209 8.19 -30.21 -27.43
C ALA C 209 7.55 -31.50 -27.92
N GLU C 210 8.31 -32.59 -28.05
CA GLU C 210 7.71 -33.82 -28.56
C GLU C 210 6.60 -34.41 -27.68
N ASP C 211 6.76 -34.32 -26.36
CA ASP C 211 5.75 -34.80 -25.42
C ASP C 211 5.26 -33.73 -24.45
N GLY C 212 4.98 -32.53 -24.97
CA GLY C 212 4.42 -31.45 -24.15
C GLY C 212 4.36 -30.11 -24.86
N PHE C 213 3.68 -29.15 -24.23
CA PHE C 213 3.65 -27.76 -24.71
C PHE C 213 3.45 -26.73 -23.59
N VAL C 214 3.69 -25.47 -23.86
CA VAL C 214 3.35 -24.42 -22.90
C VAL C 214 2.79 -23.18 -23.61
N VAL C 215 1.76 -22.57 -23.03
CA VAL C 215 1.27 -21.30 -23.57
C VAL C 215 1.31 -20.20 -22.50
N TYR C 216 1.89 -19.05 -22.83
CA TYR C 216 1.99 -17.96 -21.88
C TYR C 216 1.77 -16.58 -22.51
N ASN C 217 1.42 -15.60 -21.69
CA ASN C 217 1.25 -14.26 -22.23
C ASN C 217 1.80 -13.16 -21.32
N TRP C 218 1.87 -11.94 -21.86
CA TRP C 218 2.44 -10.80 -21.18
C TRP C 218 1.40 -9.72 -21.00
N SER C 219 0.15 -10.09 -20.78
CA SER C 219 -0.91 -9.11 -21.07
C SER C 219 -1.19 -8.01 -20.00
N ASP C 220 -0.42 -7.97 -18.93
CA ASP C 220 -0.75 -7.15 -17.78
C ASP C 220 0.49 -6.62 -17.09
N GLY C 221 1.59 -6.55 -17.85
CA GLY C 221 2.90 -6.30 -17.30
C GLY C 221 3.48 -7.52 -16.62
N ASP C 222 2.67 -8.56 -16.45
CA ASP C 222 3.10 -9.79 -15.76
C ASP C 222 3.15 -11.00 -16.71
N LEU C 223 4.20 -11.81 -16.58
CA LEU C 223 4.24 -13.11 -17.25
C LEU C 223 3.22 -14.07 -16.63
N GLN C 224 2.27 -14.54 -17.44
CA GLN C 224 1.32 -15.54 -16.96
C GLN C 224 1.28 -16.81 -17.85
N VAL C 225 1.38 -17.99 -17.22
CA VAL C 225 1.21 -19.25 -17.92
C VAL C 225 -0.23 -19.71 -17.89
N ASP C 226 -0.84 -19.89 -19.07
CA ASP C 226 -2.21 -20.37 -19.15
C ASP C 226 -2.33 -21.92 -19.10
N GLU C 227 -1.43 -22.63 -19.77
CA GLU C 227 -1.41 -24.09 -19.65
C GLU C 227 -0.02 -24.64 -19.83
N LEU C 228 0.35 -25.58 -18.96
CA LEU C 228 1.54 -26.38 -19.20
C LEU C 228 1.19 -27.88 -19.15
N VAL C 229 1.61 -28.61 -20.17
CA VAL C 229 1.42 -30.04 -20.22
C VAL C 229 2.77 -30.67 -20.55
N ALA C 230 3.16 -31.68 -19.77
CA ALA C 230 4.45 -32.32 -19.98
C ALA C 230 4.44 -33.74 -19.43
N HIS C 231 4.87 -34.71 -20.21
CA HIS C 231 4.77 -36.09 -19.75
C HIS C 231 6.04 -36.62 -19.07
N SER C 232 7.19 -36.19 -19.55
CA SER C 232 8.45 -36.59 -18.94
C SER C 232 9.05 -35.47 -18.07
N GLU C 233 9.91 -35.87 -17.15
CA GLU C 233 10.63 -34.92 -16.33
C GLU C 233 11.44 -33.97 -17.20
N ALA C 234 12.13 -34.52 -18.19
CA ALA C 234 12.95 -33.72 -19.10
C ALA C 234 12.16 -32.58 -19.72
N THR C 235 11.12 -32.93 -20.48
CA THR C 235 10.23 -31.95 -21.12
C THR C 235 9.65 -30.95 -20.12
N ALA C 236 9.28 -31.42 -18.94
CA ALA C 236 8.72 -30.50 -17.95
C ALA C 236 9.72 -29.44 -17.54
N ARG C 237 10.98 -29.83 -17.36
CA ARG C 237 12.02 -28.89 -16.97
C ARG C 237 12.36 -27.93 -18.13
N ALA C 238 12.34 -28.44 -19.35
CA ALA C 238 12.59 -27.59 -20.53
C ALA C 238 11.50 -26.55 -20.72
N LEU C 239 10.24 -26.99 -20.65
CA LEU C 239 9.17 -26.04 -20.85
C LEU C 239 9.13 -24.95 -19.76
N TRP C 240 9.38 -25.32 -18.51
CA TRP C 240 9.38 -24.34 -17.43
C TRP C 240 10.59 -23.41 -17.53
N ALA C 241 11.67 -23.91 -18.12
CA ALA C 241 12.89 -23.14 -18.28
C ALA C 241 12.75 -22.18 -19.45
N THR C 242 12.07 -22.62 -20.50
CA THR C 242 11.69 -21.76 -21.61
C THR C 242 10.84 -20.59 -21.08
N VAL C 243 9.89 -20.88 -20.18
CA VAL C 243 9.09 -19.84 -19.54
C VAL C 243 9.98 -18.91 -18.73
N GLY C 244 10.78 -19.46 -17.82
CA GLY C 244 11.62 -18.63 -16.95
C GLY C 244 12.62 -17.79 -17.73
N SER C 245 12.88 -18.22 -18.94
CA SER C 245 13.80 -17.55 -19.84
C SER C 245 13.09 -16.45 -20.64
N GLY C 246 11.79 -16.62 -20.90
CA GLY C 246 10.99 -15.59 -21.51
C GLY C 246 10.63 -14.47 -20.53
N ALA C 247 10.88 -14.70 -19.24
CA ALA C 247 10.40 -13.83 -18.16
C ALA C 247 11.15 -12.51 -18.00
N SER C 248 12.10 -12.23 -18.89
CA SER C 248 13.05 -11.11 -18.74
C SER C 248 13.55 -10.91 -17.29
N ILE C 249 13.42 -9.71 -16.75
CA ILE C 249 13.93 -9.46 -15.40
C ILE C 249 12.88 -9.49 -14.29
N ALA C 250 11.64 -9.84 -14.63
CA ALA C 250 10.57 -9.92 -13.63
C ALA C 250 10.88 -11.00 -12.60
N ARG C 251 10.68 -10.72 -11.32
CA ARG C 251 10.99 -11.70 -10.29
C ARG C 251 10.01 -12.88 -10.31
N THR C 252 8.73 -12.59 -10.57
CA THR C 252 7.72 -13.63 -10.43
C THR C 252 6.90 -13.92 -11.69
N VAL C 253 6.35 -15.13 -11.73
CA VAL C 253 5.63 -15.65 -12.86
C VAL C 253 4.37 -16.34 -12.32
N HIS C 254 3.20 -16.02 -12.87
CA HIS C 254 1.95 -16.66 -12.45
C HIS C 254 1.58 -17.80 -13.40
N ALA C 255 0.88 -18.80 -12.87
CA ALA C 255 0.55 -19.96 -13.67
C ALA C 255 -0.74 -20.59 -13.19
N TYR C 256 -1.67 -20.82 -14.11
CA TYR C 256 -2.85 -21.60 -13.77
C TYR C 256 -2.49 -23.06 -13.90
N LEU C 257 -2.70 -23.80 -12.81
CA LEU C 257 -2.39 -25.21 -12.78
C LEU C 257 -3.11 -25.91 -11.65
N SER C 258 -3.31 -27.23 -11.79
CA SER C 258 -3.90 -28.03 -10.71
C SER C 258 -3.17 -27.85 -9.37
N PRO C 259 -3.84 -28.21 -8.28
CA PRO C 259 -3.04 -28.03 -7.06
C PRO C 259 -2.22 -29.30 -6.82
N ASN C 260 -2.28 -30.22 -7.78
CA ASN C 260 -1.40 -31.39 -7.76
C ASN C 260 -0.26 -31.33 -8.76
N ASP C 261 -0.12 -30.21 -9.48
CA ASP C 261 0.84 -30.13 -10.55
C ASP C 261 2.26 -30.47 -10.10
N PRO C 262 3.00 -31.21 -10.95
CA PRO C 262 4.39 -31.56 -10.57
C PRO C 262 5.37 -30.38 -10.37
N VAL C 263 5.07 -29.15 -10.78
CA VAL C 263 6.08 -28.08 -10.59
C VAL C 263 6.43 -27.98 -9.13
N HIS C 264 5.41 -28.00 -8.29
CA HIS C 264 5.59 -27.86 -6.87
C HIS C 264 6.63 -28.84 -6.37
N LEU C 265 6.73 -30.00 -7.03
CA LEU C 265 7.68 -31.04 -6.63
C LEU C 265 9.09 -30.80 -7.20
N LEU C 266 9.16 -29.95 -8.23
CA LEU C 266 10.37 -29.64 -8.98
C LEU C 266 11.14 -28.34 -8.61
N VAL C 267 10.44 -27.24 -8.33
CA VAL C 267 11.12 -25.98 -8.02
C VAL C 267 11.75 -25.90 -6.61
N GLU C 268 12.84 -25.15 -6.47
CA GLU C 268 13.52 -25.03 -5.18
C GLU C 268 12.87 -24.11 -4.15
N HIS C 269 12.11 -23.11 -4.57
CA HIS C 269 11.34 -22.32 -3.63
C HIS C 269 9.88 -22.64 -3.81
N GLU C 270 9.19 -22.81 -2.69
CA GLU C 270 7.77 -23.10 -2.70
C GLU C 270 7.07 -21.94 -3.39
N ALA C 271 5.90 -22.17 -3.99
CA ALA C 271 5.10 -21.06 -4.53
C ALA C 271 4.83 -20.03 -3.45
N ASP C 272 4.52 -18.79 -3.85
CA ASP C 272 4.16 -17.77 -2.88
C ASP C 272 2.90 -18.17 -2.15
N LYS C 273 2.86 -17.90 -0.86
CA LYS C 273 1.71 -18.21 -0.02
C LYS C 273 0.44 -17.51 -0.52
N GLN C 274 0.58 -16.38 -1.20
CA GLN C 274 -0.58 -15.69 -1.78
C GLN C 274 -0.98 -16.35 -3.06
N ALA C 275 -2.21 -16.83 -3.11
CA ALA C 275 -2.68 -17.54 -4.28
C ALA C 275 -4.12 -17.15 -4.62
N HIS C 276 -4.58 -17.55 -5.79
CA HIS C 276 -5.94 -17.23 -6.18
C HIS C 276 -6.75 -18.50 -6.17
N VAL C 277 -7.86 -18.49 -5.46
CA VAL C 277 -8.80 -19.60 -5.49
C VAL C 277 -10.18 -19.11 -5.92
N GLN C 278 -10.57 -19.48 -7.14
CA GLN C 278 -11.93 -19.25 -7.63
C GLN C 278 -12.80 -20.52 -7.58
N ARG C 279 -14.11 -20.36 -7.62
CA ARG C 279 -15.06 -21.47 -7.63
C ARG C 279 -16.02 -21.38 -8.81
N TRP C 280 -16.32 -22.52 -9.42
CA TRP C 280 -17.33 -22.56 -10.49
C TRP C 280 -18.49 -23.50 -10.12
N MSE C 281 -19.63 -23.33 -10.77
CA MSE C 281 -20.81 -24.11 -10.40
C MSE C 281 -21.24 -25.10 -11.47
O MSE C 281 -20.86 -24.97 -12.62
CB MSE C 281 -21.97 -23.20 -10.04
CG MSE C 281 -21.84 -22.56 -8.68
SE MSE C 281 -23.43 -21.55 -8.16
CE MSE C 281 -23.06 -21.37 -6.27
N LEU C 282 -22.07 -26.05 -11.06
CA LEU C 282 -22.49 -27.14 -11.91
C LEU C 282 -23.96 -27.40 -11.70
N ARG C 283 -24.62 -27.84 -12.76
CA ARG C 283 -25.98 -28.37 -12.65
C ARG C 283 -26.15 -29.49 -13.64
N LEU C 284 -26.92 -30.51 -13.27
CA LEU C 284 -27.32 -31.51 -14.24
C LEU C 284 -28.59 -31.06 -14.98
N LEU C 285 -28.61 -31.21 -16.31
CA LEU C 285 -29.83 -30.91 -17.09
C LEU C 285 -30.57 -32.19 -17.52
N ASP C 286 -29.82 -33.27 -17.65
CA ASP C 286 -30.34 -34.55 -18.12
C ASP C 286 -29.55 -35.62 -17.38
N ALA C 287 -30.02 -35.95 -16.17
CA ALA C 287 -29.23 -36.77 -15.26
C ALA C 287 -28.78 -38.10 -15.86
N PRO C 288 -29.70 -38.89 -16.44
CA PRO C 288 -29.21 -40.15 -17.03
C PRO C 288 -28.07 -39.93 -18.03
N ALA C 289 -28.25 -38.99 -18.96
CA ALA C 289 -27.24 -38.69 -19.97
C ALA C 289 -25.87 -38.31 -19.39
N ALA C 290 -25.88 -37.46 -18.36
CA ALA C 290 -24.66 -37.02 -17.67
C ALA C 290 -23.91 -38.19 -17.04
N ILE C 291 -24.67 -39.08 -16.40
CA ILE C 291 -24.11 -40.29 -15.82
C ILE C 291 -23.52 -41.20 -16.91
N ALA C 292 -24.23 -41.29 -18.04
CA ALA C 292 -23.81 -42.09 -19.18
C ALA C 292 -22.45 -41.67 -19.74
N ALA C 293 -22.21 -40.35 -19.77
CA ALA C 293 -20.99 -39.83 -20.37
C ALA C 293 -19.82 -39.79 -19.41
N ARG C 294 -20.12 -39.93 -18.12
CA ARG C 294 -19.11 -39.76 -17.08
C ARG C 294 -18.15 -40.94 -16.98
N GLY C 295 -16.89 -40.65 -16.69
CA GLY C 295 -15.94 -41.68 -16.32
C GLY C 295 -16.07 -41.96 -14.84
N PHE C 296 -16.02 -43.24 -14.46
CA PHE C 296 -16.08 -43.65 -13.07
C PHE C 296 -14.81 -44.37 -12.68
N ALA C 297 -14.34 -44.15 -11.45
CA ALA C 297 -13.11 -44.79 -10.96
C ALA C 297 -13.12 -46.28 -11.29
N PRO C 298 -12.07 -46.74 -11.96
CA PRO C 298 -12.02 -48.07 -12.58
C PRO C 298 -12.33 -49.24 -11.63
N GLY C 299 -12.08 -49.07 -10.33
CA GLY C 299 -12.33 -50.15 -9.39
C GLY C 299 -13.69 -50.14 -8.69
N ALA C 300 -14.62 -49.32 -9.20
CA ALA C 300 -15.86 -49.03 -8.48
C ALA C 300 -17.01 -49.98 -8.72
N ALA C 301 -17.51 -50.54 -7.64
CA ALA C 301 -18.76 -51.28 -7.65
C ALA C 301 -19.77 -50.43 -6.88
N ALA C 302 -20.95 -50.23 -7.44
CA ALA C 302 -21.99 -49.52 -6.72
C ALA C 302 -23.37 -49.84 -7.24
N GLU C 303 -24.25 -50.24 -6.33
CA GLU C 303 -25.65 -50.47 -6.64
C GLU C 303 -26.51 -49.72 -5.61
N VAL C 304 -27.03 -48.58 -6.03
CA VAL C 304 -27.64 -47.62 -5.11
C VAL C 304 -28.91 -46.97 -5.69
N ASP C 305 -29.92 -46.80 -4.83
CA ASP C 305 -31.15 -46.09 -5.21
C ASP C 305 -31.11 -44.65 -4.69
N LEU C 306 -31.75 -43.71 -5.37
CA LEU C 306 -31.87 -42.34 -4.84
C LEU C 306 -33.08 -41.53 -5.31
N LEU C 307 -33.70 -40.85 -4.36
CA LEU C 307 -34.89 -40.06 -4.60
C LEU C 307 -34.51 -38.63 -4.99
N ILE C 308 -34.90 -38.22 -6.20
CA ILE C 308 -34.53 -36.90 -6.70
C ILE C 308 -35.69 -35.92 -6.75
N ASP C 309 -35.52 -34.76 -6.13
CA ASP C 309 -36.52 -33.70 -6.21
C ASP C 309 -35.97 -32.53 -7.03
N ASP C 310 -36.42 -32.36 -8.26
CA ASP C 310 -35.97 -31.23 -9.10
C ASP C 310 -37.15 -30.56 -9.78
N PRO C 311 -37.79 -29.60 -9.07
CA PRO C 311 -38.91 -28.85 -9.62
C PRO C 311 -38.52 -28.22 -10.95
N GLY C 312 -37.27 -27.73 -11.04
CA GLY C 312 -36.77 -27.10 -12.24
C GLY C 312 -36.62 -27.97 -13.49
N VAL C 313 -36.24 -29.23 -13.29
CA VAL C 313 -36.21 -30.19 -14.40
C VAL C 313 -36.97 -31.45 -14.01
N PRO C 314 -38.32 -31.38 -14.01
CA PRO C 314 -39.16 -32.48 -13.52
C PRO C 314 -38.86 -33.83 -14.18
N ALA C 315 -38.34 -33.82 -15.39
CA ALA C 315 -38.03 -35.08 -16.09
C ALA C 315 -37.10 -36.00 -15.30
N GLN C 316 -36.15 -35.41 -14.58
CA GLN C 316 -35.17 -36.19 -13.83
C GLN C 316 -35.54 -36.26 -12.35
N SER C 317 -36.79 -35.98 -12.04
CA SER C 317 -37.27 -36.00 -10.66
C SER C 317 -38.00 -37.32 -10.42
N GLY C 318 -37.68 -37.98 -9.31
CA GLY C 318 -38.29 -39.26 -8.97
C GLY C 318 -37.32 -40.23 -8.33
N ARG C 319 -37.68 -41.51 -8.30
CA ARG C 319 -36.80 -42.55 -7.76
C ARG C 319 -35.99 -43.21 -8.88
N TRP C 320 -34.67 -43.26 -8.71
CA TRP C 320 -33.76 -43.86 -9.70
C TRP C 320 -32.80 -44.84 -9.05
N HIS C 321 -32.28 -45.79 -9.84
CA HIS C 321 -31.20 -46.67 -9.39
C HIS C 321 -29.91 -46.40 -10.18
N LEU C 322 -28.83 -46.18 -9.43
CA LEU C 322 -27.52 -45.97 -10.00
C LEU C 322 -26.85 -47.32 -10.14
N SER C 323 -26.41 -47.65 -11.34
CA SER C 323 -25.66 -48.88 -11.57
C SER C 323 -24.31 -48.58 -12.20
N VAL C 324 -23.23 -48.77 -11.42
CA VAL C 324 -21.88 -48.54 -11.94
C VAL C 324 -20.86 -49.67 -11.67
N ALA C 325 -20.05 -49.94 -12.69
CA ALA C 325 -18.99 -50.94 -12.66
C ALA C 325 -18.15 -50.79 -13.92
N ASP C 326 -16.88 -51.17 -13.85
CA ASP C 326 -15.99 -51.15 -15.02
C ASP C 326 -15.82 -49.77 -15.65
N GLY C 327 -15.81 -48.73 -14.81
CA GLY C 327 -15.59 -47.37 -15.28
C GLY C 327 -16.77 -46.77 -16.00
N THR C 328 -17.84 -47.52 -16.16
CA THR C 328 -19.02 -47.00 -16.83
C THR C 328 -20.22 -46.97 -15.86
N GLY C 329 -21.22 -46.12 -16.13
CA GLY C 329 -22.39 -45.99 -15.27
C GLY C 329 -23.70 -45.86 -16.02
N GLU C 330 -24.80 -46.28 -15.39
CA GLU C 330 -26.13 -46.11 -15.96
C GLU C 330 -27.10 -45.63 -14.88
N LEU C 331 -28.10 -44.83 -15.27
CA LEU C 331 -29.08 -44.32 -14.30
C LEU C 331 -30.50 -44.59 -14.78
N THR C 332 -31.22 -45.41 -14.05
CA THR C 332 -32.50 -45.94 -14.53
C THR C 332 -33.59 -45.88 -13.45
N PRO C 333 -34.84 -45.69 -13.88
CA PRO C 333 -35.98 -45.62 -12.93
C PRO C 333 -36.10 -46.86 -12.05
N SER C 334 -36.72 -46.71 -10.88
CA SER C 334 -36.73 -47.78 -9.88
C SER C 334 -37.99 -47.82 -9.02
N ASP C 335 -38.54 -49.01 -8.87
CA ASP C 335 -39.77 -49.25 -8.10
C ASP C 335 -39.50 -49.58 -6.64
N ARG C 336 -38.22 -49.68 -6.27
CA ARG C 336 -37.84 -50.15 -4.94
C ARG C 336 -38.40 -49.29 -3.79
N SER C 337 -38.41 -49.89 -2.60
CA SER C 337 -38.98 -49.23 -1.43
C SER C 337 -38.09 -49.42 -0.21
N GLY C 338 -37.09 -48.57 -0.05
CA GLY C 338 -36.20 -48.64 1.09
C GLY C 338 -35.84 -47.29 1.68
N ASP C 339 -35.02 -47.32 2.72
CA ASP C 339 -34.43 -46.11 3.27
C ASP C 339 -33.45 -45.52 2.23
N VAL C 340 -33.98 -44.72 1.32
CA VAL C 340 -33.26 -44.27 0.14
C VAL C 340 -32.51 -42.95 0.44
N LEU C 341 -31.74 -42.47 -0.54
CA LEU C 341 -31.05 -41.18 -0.46
C LEU C 341 -31.86 -40.05 -1.11
N GLN C 342 -32.00 -38.93 -0.41
CA GLN C 342 -32.78 -37.81 -0.94
C GLN C 342 -31.94 -36.57 -1.21
N LEU C 343 -31.98 -36.10 -2.46
CA LEU C 343 -31.23 -34.93 -2.86
C LEU C 343 -31.97 -34.06 -3.88
N GLY C 344 -31.62 -32.77 -3.91
CA GLY C 344 -32.16 -31.85 -4.89
C GLY C 344 -31.15 -31.62 -6.00
N SER C 345 -31.41 -30.63 -6.85
CA SER C 345 -30.49 -30.34 -7.93
C SER C 345 -29.07 -30.01 -7.44
N ARG C 346 -28.98 -29.29 -6.32
CA ARG C 346 -27.67 -28.91 -5.78
C ARG C 346 -26.92 -30.14 -5.28
N GLY C 347 -27.56 -30.92 -4.44
CA GLY C 347 -26.97 -32.16 -3.97
C GLY C 347 -26.57 -33.06 -5.11
N LEU C 348 -27.47 -33.18 -6.10
CA LEU C 348 -27.19 -33.99 -7.29
C LEU C 348 -25.98 -33.49 -8.09
N ALA C 349 -25.85 -32.17 -8.24
CA ALA C 349 -24.70 -31.64 -8.97
C ALA C 349 -23.43 -31.81 -8.15
N ALA C 350 -23.54 -31.61 -6.85
CA ALA C 350 -22.34 -31.65 -6.03
C ALA C 350 -21.80 -33.08 -5.98
N LEU C 351 -22.71 -34.05 -5.94
CA LEU C 351 -22.33 -35.46 -5.95
C LEU C 351 -21.65 -35.85 -7.25
N TYR C 352 -22.18 -35.39 -8.38
CA TYR C 352 -21.56 -35.65 -9.68
C TYR C 352 -20.14 -35.10 -9.69
N ALA C 353 -19.94 -33.96 -9.02
CA ALA C 353 -18.65 -33.31 -9.01
C ALA C 353 -17.66 -33.96 -8.05
N GLY C 354 -18.04 -35.07 -7.45
CA GLY C 354 -17.15 -35.74 -6.52
C GLY C 354 -16.94 -35.06 -5.17
N THR C 355 -17.95 -34.38 -4.66
CA THR C 355 -17.83 -33.87 -3.30
C THR C 355 -18.29 -34.91 -2.31
N PRO C 356 -17.51 -35.08 -1.24
CA PRO C 356 -17.65 -36.16 -0.25
C PRO C 356 -19.01 -36.07 0.44
N LEU C 357 -19.67 -37.20 0.65
CA LEU C 357 -21.01 -37.22 1.22
C LEU C 357 -21.14 -36.66 2.63
N ALA C 358 -19.99 -36.56 3.32
CA ALA C 358 -19.95 -35.99 4.66
C ALA C 358 -20.24 -34.50 4.61
N ALA C 359 -19.64 -33.82 3.65
CA ALA C 359 -19.82 -32.38 3.50
C ALA C 359 -21.22 -32.04 2.98
N LEU C 360 -21.80 -32.96 2.22
CA LEU C 360 -23.15 -32.83 1.67
C LEU C 360 -24.23 -33.06 2.73
N ARG C 361 -23.99 -33.97 3.68
CA ARG C 361 -24.95 -34.18 4.77
C ARG C 361 -24.89 -33.02 5.72
N THR C 362 -23.66 -32.57 6.00
CA THR C 362 -23.44 -31.42 6.87
C THR C 362 -24.02 -30.14 6.26
N ALA C 363 -24.03 -30.06 4.93
CA ALA C 363 -24.58 -28.88 4.26
C ALA C 363 -26.09 -28.98 4.04
N GLY C 364 -26.69 -30.11 4.41
CA GLY C 364 -28.12 -30.27 4.28
C GLY C 364 -28.56 -30.50 2.85
N LEU C 365 -27.59 -30.68 1.95
CA LEU C 365 -27.88 -30.91 0.54
C LEU C 365 -28.35 -32.35 0.27
N VAL C 366 -28.33 -33.17 1.31
CA VAL C 366 -28.76 -34.56 1.20
C VAL C 366 -29.16 -35.19 2.55
N THR C 367 -30.22 -36.00 2.54
CA THR C 367 -30.70 -36.66 3.76
C THR C 367 -31.03 -38.15 3.55
N GLY C 368 -31.00 -38.91 4.64
CA GLY C 368 -31.51 -40.27 4.65
C GLY C 368 -30.60 -41.32 4.05
N GLY C 369 -31.05 -42.57 4.08
CA GLY C 369 -30.30 -43.68 3.53
C GLY C 369 -29.24 -44.18 4.47
N PRO C 370 -28.77 -45.42 4.26
CA PRO C 370 -27.80 -46.05 5.16
C PRO C 370 -26.39 -45.53 4.89
N VAL C 371 -25.50 -45.66 5.88
CA VAL C 371 -24.12 -45.20 5.72
C VAL C 371 -23.30 -46.10 4.80
N ALA C 372 -23.76 -47.33 4.59
CA ALA C 372 -23.10 -48.24 3.67
C ALA C 372 -23.05 -47.60 2.29
N SER C 373 -24.18 -47.02 1.89
CA SER C 373 -24.28 -46.36 0.59
C SER C 373 -23.30 -45.19 0.44
N ASP C 374 -23.09 -44.46 1.53
CA ASP C 374 -22.13 -43.34 1.54
C ASP C 374 -20.70 -43.75 1.15
N ARG C 375 -20.23 -44.91 1.61
CA ARG C 375 -18.90 -45.39 1.22
C ARG C 375 -18.87 -45.65 -0.28
N LEU C 376 -19.92 -46.26 -0.79
CA LEU C 376 -20.04 -46.64 -2.19
C LEU C 376 -19.90 -45.43 -3.11
N LEU C 377 -20.80 -44.45 -2.94
CA LEU C 377 -20.82 -43.29 -3.83
C LEU C 377 -19.53 -42.47 -3.68
N ASP C 378 -18.95 -42.45 -2.49
CA ASP C 378 -17.65 -41.80 -2.28
C ASP C 378 -16.52 -42.42 -3.11
N THR C 379 -16.53 -43.74 -3.28
CA THR C 379 -15.47 -44.37 -4.07
C THR C 379 -15.82 -44.39 -5.55
N ALA C 380 -17.11 -44.50 -5.86
CA ALA C 380 -17.55 -44.40 -7.24
C ALA C 380 -17.24 -43.01 -7.83
N PHE C 381 -17.86 -41.96 -7.29
CA PHE C 381 -17.70 -40.60 -7.80
C PHE C 381 -16.37 -39.95 -7.43
N GLY C 382 -15.53 -40.68 -6.70
CA GLY C 382 -14.26 -40.12 -6.24
C GLY C 382 -13.20 -40.05 -7.31
N GLY C 383 -12.10 -39.36 -7.00
CA GLY C 383 -10.98 -39.21 -7.92
C GLY C 383 -10.14 -37.98 -7.60
N ALA C 384 -9.52 -37.39 -8.61
CA ALA C 384 -8.82 -36.14 -8.41
C ALA C 384 -9.87 -35.04 -8.29
N ALA C 385 -9.58 -34.01 -7.51
CA ALA C 385 -10.54 -32.96 -7.27
C ALA C 385 -10.70 -32.16 -8.55
N PRO C 386 -11.95 -31.79 -8.91
CA PRO C 386 -12.24 -31.01 -10.11
C PRO C 386 -11.59 -29.62 -10.14
N TYR C 387 -10.97 -29.32 -11.28
CA TYR C 387 -10.45 -27.99 -11.49
C TYR C 387 -10.52 -27.66 -12.97
N MSE C 388 -10.35 -26.38 -13.29
CA MSE C 388 -10.12 -26.00 -14.68
C MSE C 388 -9.08 -24.87 -14.72
O MSE C 388 -8.70 -24.33 -13.67
CB MSE C 388 -11.42 -25.64 -15.38
CG MSE C 388 -12.11 -24.39 -14.85
SE MSE C 388 -13.60 -23.83 -16.02
CE MSE C 388 -14.98 -25.06 -15.36
N LEU C 389 -8.61 -24.53 -15.91
CA LEU C 389 -7.60 -23.48 -16.04
C LEU C 389 -8.21 -22.20 -16.61
N ASP C 390 -9.40 -22.30 -17.18
CA ASP C 390 -10.01 -21.18 -17.86
C ASP C 390 -11.03 -20.44 -17.02
N TYR C 391 -11.29 -19.21 -17.42
CA TYR C 391 -12.33 -18.41 -16.80
C TYR C 391 -13.25 -17.92 -17.90
N PHE C 392 -14.55 -17.88 -17.63
CA PHE C 392 -15.51 -17.46 -18.64
C PHE C 392 -16.81 -17.02 -17.99
N ASP D 7 34.55 -29.40 15.39
CA ASP D 7 34.40 -30.72 16.02
C ASP D 7 33.04 -30.90 16.72
N LEU D 8 32.11 -31.54 16.02
CA LEU D 8 30.69 -31.44 16.31
C LEU D 8 30.08 -32.72 16.86
N ARG D 9 29.13 -32.58 17.78
CA ARG D 9 28.43 -33.75 18.32
C ARG D 9 26.95 -33.53 18.62
N LEU D 10 26.14 -34.55 18.32
CA LEU D 10 24.72 -34.53 18.61
C LEU D 10 24.54 -34.66 20.11
N VAL D 11 23.46 -34.10 20.63
CA VAL D 11 23.31 -33.92 22.06
C VAL D 11 21.84 -33.85 22.45
N ASP D 12 21.52 -34.17 23.70
CA ASP D 12 20.20 -33.88 24.24
C ASP D 12 20.26 -32.54 24.94
N ILE D 13 19.43 -31.59 24.50
CA ILE D 13 19.33 -30.31 25.16
C ILE D 13 18.86 -30.43 26.61
N THR D 14 19.62 -29.84 27.53
CA THR D 14 19.23 -29.81 28.93
C THR D 14 18.58 -28.48 29.23
N GLU D 15 17.97 -28.37 30.40
CA GLU D 15 17.26 -27.15 30.78
C GLU D 15 18.16 -25.92 30.87
N THR D 16 19.41 -26.13 31.22
CA THR D 16 20.36 -25.03 31.34
C THR D 16 20.95 -24.60 29.98
N GLN D 17 20.68 -25.38 28.95
CA GLN D 17 21.19 -25.03 27.62
C GLN D 17 20.17 -24.22 26.84
N LEU D 18 18.99 -24.02 27.42
CA LEU D 18 17.91 -23.31 26.76
C LEU D 18 18.30 -21.88 26.39
N ASP D 19 18.94 -21.17 27.31
CA ASP D 19 19.40 -19.80 27.07
C ASP D 19 20.30 -19.73 25.85
N ASP D 20 21.14 -20.76 25.70
CA ASP D 20 22.07 -20.87 24.58
C ASP D 20 21.32 -21.11 23.27
N VAL D 21 20.32 -21.98 23.31
CA VAL D 21 19.43 -22.19 22.18
C VAL D 21 18.77 -20.89 21.74
N LEU D 22 18.32 -20.10 22.72
CA LEU D 22 17.67 -18.83 22.38
C LEU D 22 18.62 -17.86 21.69
N ARG D 23 19.88 -17.86 22.11
CA ARG D 23 20.91 -17.04 21.46
C ARG D 23 21.16 -17.49 19.99
N VAL D 24 21.25 -18.80 19.75
CA VAL D 24 21.34 -19.30 18.38
C VAL D 24 20.11 -18.87 17.58
N ARG D 25 18.94 -19.02 18.19
CA ARG D 25 17.69 -18.62 17.57
C ARG D 25 17.63 -17.13 17.20
N ALA D 26 18.25 -16.30 18.03
CA ALA D 26 18.19 -14.87 17.78
C ALA D 26 18.95 -14.50 16.50
N ARG D 27 20.00 -15.26 16.16
CA ARG D 27 20.79 -14.94 14.97
C ARG D 27 19.94 -15.00 13.71
N SER D 28 18.88 -15.79 13.76
CA SER D 28 18.02 -15.95 12.59
C SER D 28 16.69 -15.24 12.71
N PHE D 29 16.26 -14.96 13.94
CA PHE D 29 14.91 -14.44 14.15
C PHE D 29 14.84 -13.17 14.97
N GLY D 30 15.91 -12.81 15.65
CA GLY D 30 15.86 -11.69 16.59
C GLY D 30 15.40 -12.14 17.96
N LEU D 31 15.49 -11.22 18.93
CA LEU D 31 15.14 -11.54 20.31
C LEU D 31 13.64 -11.75 20.55
N LEU D 32 13.33 -12.58 21.53
CA LEU D 32 11.96 -12.70 22.01
C LEU D 32 11.62 -11.63 23.01
N ALA D 33 10.42 -11.08 22.88
CA ALA D 33 9.86 -10.15 23.85
C ALA D 33 9.79 -10.84 25.22
N ALA D 34 9.78 -10.04 26.28
CA ALA D 34 9.84 -10.57 27.64
C ALA D 34 8.72 -11.57 27.88
N GLY D 35 7.54 -11.24 27.36
CA GLY D 35 6.38 -12.09 27.51
C GLY D 35 6.60 -13.42 26.83
N ALA D 36 6.87 -13.35 25.53
CA ALA D 36 6.96 -14.55 24.68
C ALA D 36 8.17 -15.42 24.99
N ARG D 37 9.16 -14.85 25.66
CA ARG D 37 10.34 -15.61 26.10
C ARG D 37 9.94 -16.54 27.22
N GLU D 38 9.42 -15.93 28.28
CA GLU D 38 8.89 -16.63 29.44
C GLU D 38 8.03 -17.84 29.04
N ASP D 39 7.21 -17.68 28.01
CA ASP D 39 6.37 -18.76 27.54
C ASP D 39 7.20 -19.82 26.79
N TRP D 40 8.15 -19.37 25.98
CA TRP D 40 8.95 -20.26 25.17
C TRP D 40 9.66 -21.25 26.09
N VAL D 41 10.21 -20.73 27.17
CA VAL D 41 10.92 -21.54 28.15
C VAL D 41 9.97 -22.51 28.87
N ARG D 42 8.71 -22.11 29.01
CA ARG D 42 7.72 -22.95 29.69
C ARG D 42 7.55 -24.30 28.99
N ASP D 43 7.26 -24.30 27.71
CA ASP D 43 7.13 -25.59 27.02
C ASP D 43 8.42 -26.21 26.51
N ALA D 44 9.48 -25.41 26.39
CA ALA D 44 10.78 -25.98 26.09
C ALA D 44 11.13 -27.04 27.15
N VAL D 45 10.96 -26.68 28.42
CA VAL D 45 11.22 -27.59 29.53
C VAL D 45 10.58 -28.96 29.29
N GLU D 46 9.34 -28.95 28.80
CA GLU D 46 8.62 -30.20 28.59
C GLU D 46 9.27 -31.10 27.54
N PHE D 47 9.74 -30.50 26.43
CA PHE D 47 10.44 -31.22 25.39
C PHE D 47 11.73 -31.83 25.92
N VAL D 48 12.42 -31.06 26.76
CA VAL D 48 13.65 -31.54 27.39
C VAL D 48 13.40 -32.80 28.20
N HIS D 49 12.34 -32.75 28.99
CA HIS D 49 12.02 -33.84 29.90
C HIS D 49 11.62 -35.11 29.16
N ASP D 50 10.91 -34.96 28.05
CA ASP D 50 10.49 -36.14 27.32
C ASP D 50 11.50 -36.51 26.24
N GLY D 51 12.72 -35.99 26.37
CA GLY D 51 13.78 -36.31 25.43
C GLY D 51 13.38 -36.03 23.99
N ARG D 52 12.68 -34.91 23.79
CA ARG D 52 12.29 -34.51 22.44
C ARG D 52 12.89 -33.17 22.06
N PHE D 53 14.01 -32.81 22.69
CA PHE D 53 14.77 -31.61 22.32
C PHE D 53 16.23 -31.98 22.01
N LEU D 54 16.54 -32.06 20.72
CA LEU D 54 17.88 -32.39 20.24
C LEU D 54 18.69 -31.15 19.87
N GLY D 55 20.01 -31.28 19.90
CA GLY D 55 20.88 -30.20 19.49
C GLY D 55 22.25 -30.67 18.97
N VAL D 56 23.05 -29.71 18.52
CA VAL D 56 24.42 -29.99 18.10
C VAL D 56 25.36 -29.03 18.81
N VAL D 57 26.39 -29.58 19.46
CA VAL D 57 27.40 -28.79 20.17
C VAL D 57 28.76 -28.85 19.47
N SER D 58 29.50 -27.75 19.48
CA SER D 58 30.91 -27.74 19.03
C SER D 58 31.82 -27.38 20.20
N GLY D 59 32.45 -28.39 20.79
CA GLY D 59 33.12 -28.20 22.06
C GLY D 59 32.10 -28.22 23.18
N ASP D 60 31.91 -27.07 23.82
CA ASP D 60 30.99 -26.96 24.95
C ASP D 60 29.99 -25.81 24.75
N GLU D 61 29.53 -25.64 23.51
CA GLU D 61 28.59 -24.58 23.20
C GLU D 61 27.65 -25.01 22.07
N VAL D 62 26.38 -24.66 22.22
CA VAL D 62 25.36 -25.07 21.28
C VAL D 62 25.51 -24.30 19.98
N VAL D 63 25.31 -25.00 18.86
CA VAL D 63 25.39 -24.39 17.53
C VAL D 63 24.20 -24.76 16.65
N ALA D 64 23.28 -25.55 17.21
CA ALA D 64 22.02 -25.89 16.54
C ALA D 64 21.06 -26.65 17.46
N ALA D 65 19.76 -26.51 17.19
CA ALA D 65 18.73 -27.24 17.94
C ALA D 65 17.46 -27.46 17.13
N ALA D 66 16.65 -28.40 17.58
CA ALA D 66 15.35 -28.67 16.97
C ALA D 66 14.53 -29.44 17.97
N ARG D 67 13.21 -29.35 17.89
CA ARG D 67 12.41 -30.10 18.83
C ARG D 67 11.38 -30.97 18.12
N ILE D 68 10.82 -31.93 18.85
CA ILE D 68 9.96 -32.93 18.25
C ILE D 68 8.62 -32.95 18.96
N TRP D 69 7.56 -32.57 18.26
CA TRP D 69 6.23 -32.61 18.85
C TRP D 69 5.74 -34.04 18.91
N ASP D 70 5.19 -34.42 20.05
CA ASP D 70 4.56 -35.73 20.20
C ASP D 70 3.15 -35.71 19.60
N PHE D 71 3.08 -35.59 18.30
CA PHE D 71 1.81 -35.46 17.61
C PHE D 71 1.12 -36.78 17.28
N GLN D 72 -0.08 -36.66 16.74
CA GLN D 72 -0.71 -37.75 16.03
C GLN D 72 -1.31 -37.10 14.79
N GLN D 73 -1.40 -37.82 13.69
CA GLN D 73 -1.90 -37.21 12.46
C GLN D 73 -2.95 -38.11 11.82
N TRP D 74 -4.06 -37.51 11.41
CA TRP D 74 -5.12 -38.27 10.75
C TRP D 74 -4.68 -38.69 9.33
N TRP D 75 -5.03 -39.92 8.95
CA TRP D 75 -4.77 -40.44 7.61
C TRP D 75 -5.83 -41.49 7.30
N GLY D 76 -6.75 -41.19 6.39
CA GLY D 76 -7.82 -42.12 6.03
C GLY D 76 -8.79 -42.42 7.16
N GLY D 77 -8.94 -41.45 8.07
CA GLY D 77 -9.79 -41.60 9.22
C GLY D 77 -9.18 -42.42 10.34
N ARG D 78 -7.88 -42.67 10.30
CA ARG D 78 -7.22 -43.30 11.43
C ARG D 78 -6.08 -42.46 11.97
N ARG D 79 -5.82 -42.60 13.28
CA ARG D 79 -4.74 -41.89 13.95
C ARG D 79 -3.40 -42.61 13.86
N VAL D 80 -2.39 -41.84 13.45
CA VAL D 80 -1.03 -42.34 13.28
C VAL D 80 -0.07 -41.46 14.07
N PRO D 81 0.72 -42.06 14.97
CA PRO D 81 1.77 -41.33 15.69
C PRO D 81 2.73 -40.60 14.74
N MSE D 82 2.96 -39.31 14.91
CA MSE D 82 3.96 -38.65 14.06
C MSE D 82 4.84 -37.58 14.73
O MSE D 82 4.36 -36.78 15.52
CB MSE D 82 3.32 -38.10 12.77
CG MSE D 82 2.65 -36.79 12.88
SE MSE D 82 3.75 -35.19 12.55
CE MSE D 82 2.27 -34.02 12.11
N ALA D 83 6.11 -37.60 14.39
CA ALA D 83 7.05 -36.60 14.89
C ALA D 83 6.92 -35.27 14.12
N GLY D 84 6.28 -34.28 14.73
CA GLY D 84 6.26 -32.93 14.16
C GLY D 84 7.53 -32.17 14.51
N ILE D 85 8.35 -31.85 13.51
CA ILE D 85 9.65 -31.20 13.76
C ILE D 85 9.49 -29.67 13.77
N ALA D 86 9.95 -29.02 14.83
CA ALA D 86 9.82 -27.56 14.94
C ALA D 86 11.08 -26.84 15.42
N GLY D 87 11.12 -25.53 15.17
CA GLY D 87 12.17 -24.66 15.67
C GLY D 87 13.58 -25.06 15.33
N VAL D 88 13.84 -25.39 14.07
CA VAL D 88 15.16 -25.80 13.60
C VAL D 88 16.05 -24.60 13.40
N VAL D 89 17.12 -24.49 14.19
CA VAL D 89 18.00 -23.33 14.09
C VAL D 89 19.47 -23.72 14.07
N VAL D 90 20.26 -23.05 13.21
CA VAL D 90 21.70 -23.31 13.05
C VAL D 90 22.50 -21.99 13.09
N ALA D 91 23.59 -21.94 13.84
CA ALA D 91 24.35 -20.70 13.96
C ALA D 91 25.00 -20.33 12.64
N PRO D 92 25.01 -19.05 12.28
CA PRO D 92 25.46 -18.61 10.95
C PRO D 92 26.94 -18.86 10.67
N GLU D 93 27.83 -18.77 11.65
CA GLU D 93 29.26 -19.02 11.39
C GLU D 93 29.52 -20.45 10.97
N TYR D 94 28.59 -21.35 11.24
CA TYR D 94 28.81 -22.73 10.85
C TYR D 94 28.27 -23.06 9.44
N ARG D 95 28.02 -22.01 8.65
N ARG D 95 28.05 -22.00 8.65
CA ARG D 95 27.61 -22.13 7.26
CA ARG D 95 27.63 -22.13 7.25
C ARG D 95 28.49 -23.15 6.54
C ARG D 95 28.50 -23.08 6.46
N GLY D 96 27.86 -24.01 5.74
CA GLY D 96 28.58 -24.93 4.88
C GLY D 96 29.34 -26.08 5.51
N ARG D 97 29.04 -26.37 6.77
CA ARG D 97 29.74 -27.43 7.47
C ARG D 97 28.80 -28.59 7.75
N GLY D 98 27.61 -28.57 7.14
CA GLY D 98 26.66 -29.66 7.27
C GLY D 98 25.96 -29.82 8.62
N VAL D 99 25.97 -28.78 9.45
CA VAL D 99 25.40 -28.88 10.79
C VAL D 99 23.92 -29.24 10.77
N GLY D 100 23.14 -28.55 9.95
CA GLY D 100 21.70 -28.78 9.88
C GLY D 100 21.39 -30.23 9.58
N SER D 101 22.13 -30.78 8.63
CA SER D 101 21.96 -32.15 8.21
C SER D 101 22.33 -33.17 9.31
N LEU D 102 23.41 -32.92 10.05
CA LEU D 102 23.80 -33.77 11.18
C LEU D 102 22.70 -33.76 12.25
N LEU D 103 22.12 -32.59 12.49
CA LEU D 103 21.08 -32.45 13.48
C LEU D 103 19.81 -33.23 13.09
N MSE D 104 19.36 -33.06 11.85
CA MSE D 104 18.14 -33.73 11.37
C MSE D 104 18.20 -35.25 11.40
O MSE D 104 17.20 -35.93 11.70
CB MSE D 104 17.78 -33.23 9.99
CG MSE D 104 17.18 -31.84 9.98
SE MSE D 104 15.54 -31.82 11.05
CE MSE D 104 14.54 -33.20 10.07
N ARG D 105 19.37 -35.80 11.08
CA ARG D 105 19.58 -37.24 11.24
C ARG D 105 19.46 -37.65 12.71
N GLY D 106 19.84 -36.76 13.61
CA GLY D 106 19.62 -37.00 15.03
C GLY D 106 18.14 -37.06 15.32
N VAL D 107 17.41 -36.12 14.74
CA VAL D 107 15.96 -36.05 14.88
C VAL D 107 15.23 -37.27 14.30
N LEU D 108 15.65 -37.73 13.13
CA LEU D 108 14.97 -38.88 12.53
C LEU D 108 15.13 -40.12 13.42
N GLU D 109 16.32 -40.30 13.98
CA GLU D 109 16.60 -41.49 14.76
C GLU D 109 15.82 -41.49 16.07
N ARG D 110 15.72 -40.32 16.70
CA ARG D 110 15.01 -40.22 17.97
C ARG D 110 13.50 -40.46 17.75
N SER D 111 12.97 -39.90 16.67
CA SER D 111 11.56 -40.09 16.34
C SER D 111 11.28 -41.55 16.05
N ARG D 112 12.18 -42.17 15.30
CA ARG D 112 12.09 -43.60 15.03
C ARG D 112 12.08 -44.39 16.33
N ASP D 113 13.09 -44.18 17.18
CA ASP D 113 13.18 -44.85 18.48
C ASP D 113 12.01 -44.62 19.44
N LYS D 114 11.28 -43.53 19.26
CA LYS D 114 10.09 -43.34 20.08
C LYS D 114 8.82 -43.90 19.40
N GLY D 115 8.99 -44.64 18.31
CA GLY D 115 7.91 -45.40 17.71
C GLY D 115 6.91 -44.62 16.86
N MSE D 116 7.40 -43.56 16.23
CA MSE D 116 6.59 -42.79 15.30
C MSE D 116 6.97 -43.17 13.90
O MSE D 116 8.07 -42.90 13.48
CB MSE D 116 6.85 -41.30 15.52
CG MSE D 116 6.13 -40.77 16.74
SE MSE D 116 7.11 -39.46 17.81
CE MSE D 116 5.52 -38.55 18.49
N PRO D 117 6.05 -43.78 13.16
CA PRO D 117 6.44 -44.30 11.85
C PRO D 117 6.50 -43.23 10.79
N ILE D 118 5.96 -42.04 11.07
CA ILE D 118 6.01 -40.89 10.13
C ILE D 118 6.34 -39.57 10.80
N SER D 119 6.70 -38.59 9.98
CA SER D 119 7.14 -37.30 10.46
C SER D 119 6.71 -36.19 9.48
N ALA D 120 6.54 -34.97 9.99
CA ALA D 120 6.04 -33.87 9.18
C ALA D 120 6.65 -32.55 9.65
N LEU D 121 6.67 -31.57 8.77
CA LEU D 121 7.24 -30.27 9.08
C LEU D 121 6.89 -29.24 8.01
N TYR D 122 7.07 -27.96 8.36
CA TYR D 122 6.97 -26.84 7.44
C TYR D 122 8.38 -26.39 7.15
N PRO D 123 8.82 -26.53 5.90
CA PRO D 123 10.22 -26.28 5.53
C PRO D 123 10.45 -24.82 5.18
N ALA D 124 11.43 -24.21 5.83
CA ALA D 124 11.90 -22.89 5.48
C ALA D 124 12.55 -22.89 4.08
N THR D 125 13.31 -23.94 3.77
CA THR D 125 13.89 -24.11 2.43
C THR D 125 13.60 -25.53 2.00
N THR D 126 13.50 -25.79 0.71
CA THR D 126 13.19 -27.14 0.24
C THR D 126 14.42 -28.08 0.20
N VAL D 127 15.58 -27.53 -0.16
CA VAL D 127 16.73 -28.35 -0.53
C VAL D 127 17.25 -29.27 0.57
N ILE D 128 17.50 -28.74 1.77
CA ILE D 128 18.08 -29.59 2.82
C ILE D 128 17.13 -30.73 3.20
N TYR D 129 15.83 -30.42 3.26
CA TYR D 129 14.85 -31.43 3.67
C TYR D 129 14.52 -32.46 2.60
N ARG D 130 14.58 -32.07 1.33
CA ARG D 130 14.37 -33.05 0.26
C ARG D 130 15.53 -34.04 0.24
N HIS D 131 16.70 -33.56 0.61
CA HIS D 131 17.89 -34.40 0.63
C HIS D 131 17.85 -35.38 1.80
N LEU D 132 17.04 -35.07 2.82
CA LEU D 132 16.89 -35.96 3.96
C LEU D 132 15.67 -36.84 3.77
N GLY D 133 14.96 -36.62 2.67
CA GLY D 133 13.95 -37.56 2.24
C GLY D 133 12.52 -37.14 2.44
N TYR D 134 12.31 -35.88 2.82
CA TYR D 134 10.99 -35.31 2.97
C TYR D 134 10.47 -34.78 1.64
N GLU D 135 9.16 -34.72 1.51
CA GLU D 135 8.56 -34.13 0.34
C GLU D 135 7.18 -33.61 0.70
N PHE D 136 6.72 -32.59 -0.02
CA PHE D 136 5.39 -32.01 0.18
C PHE D 136 4.28 -33.07 0.24
N GLY D 137 3.46 -32.98 1.28
CA GLY D 137 2.44 -33.98 1.56
C GLY D 137 1.03 -33.42 1.73
N GLY D 138 0.92 -32.14 2.07
CA GLY D 138 -0.37 -31.50 2.18
C GLY D 138 -0.34 -29.98 2.31
N HIS D 139 -1.50 -29.38 2.55
CA HIS D 139 -1.62 -27.94 2.61
C HIS D 139 -2.20 -27.46 3.93
N ARG D 140 -2.01 -26.17 4.20
CA ARG D 140 -2.82 -25.42 5.13
C ARG D 140 -3.41 -24.24 4.35
N TYR D 141 -4.75 -24.15 4.34
CA TYR D 141 -5.47 -23.12 3.58
C TYR D 141 -6.12 -22.08 4.51
N ARG D 142 -6.07 -20.81 4.15
CA ARG D 142 -6.79 -19.79 4.88
C ARG D 142 -7.75 -19.07 3.95
N PHE D 143 -9.02 -19.04 4.32
CA PHE D 143 -10.01 -18.31 3.53
C PHE D 143 -10.56 -17.09 4.30
N SER D 144 -11.05 -16.10 3.57
CA SER D 144 -11.50 -14.87 4.22
C SER D 144 -12.93 -14.56 3.86
N PHE D 145 -13.76 -14.40 4.88
CA PHE D 145 -15.18 -14.13 4.68
C PHE D 145 -15.58 -12.78 5.27
N GLN D 146 -16.68 -12.22 4.76
CA GLN D 146 -17.25 -11.06 5.40
C GLN D 146 -18.19 -11.51 6.55
N ALA D 147 -18.06 -10.88 7.72
CA ALA D 147 -18.80 -11.31 8.91
C ALA D 147 -20.32 -11.22 8.68
N ALA D 148 -20.74 -10.24 7.90
CA ALA D 148 -22.14 -10.10 7.61
C ALA D 148 -22.66 -11.39 6.96
N ASP D 149 -21.86 -12.01 6.10
CA ASP D 149 -22.32 -13.19 5.37
C ASP D 149 -22.48 -14.39 6.26
N LEU D 150 -21.73 -14.43 7.36
CA LEU D 150 -21.84 -15.53 8.29
C LEU D 150 -23.04 -15.30 9.19
N ARG D 151 -23.33 -14.03 9.43
CA ARG D 151 -24.42 -13.65 10.31
C ARG D 151 -25.76 -14.08 9.67
N SER D 152 -25.91 -13.87 8.37
CA SER D 152 -27.10 -14.27 7.63
C SER D 152 -27.43 -15.77 7.71
N LEU D 153 -26.42 -16.60 8.04
CA LEU D 153 -26.62 -18.04 8.12
C LEU D 153 -27.73 -18.43 9.09
N GLY D 154 -27.89 -17.69 10.17
CA GLY D 154 -28.96 -17.94 11.12
C GLY D 154 -28.61 -18.93 12.21
N GLY D 155 -29.31 -20.06 12.24
CA GLY D 155 -29.08 -21.08 13.25
C GLY D 155 -29.51 -20.72 14.67
N ARG D 156 -30.06 -19.52 14.88
CA ARG D 156 -30.36 -19.06 16.24
C ARG D 156 -31.32 -19.94 17.06
N GLU D 157 -31.99 -20.90 16.44
CA GLU D 157 -32.90 -21.77 17.16
C GLU D 157 -32.16 -22.87 17.92
N VAL D 158 -30.88 -23.05 17.58
CA VAL D 158 -30.03 -24.09 18.16
C VAL D 158 -29.41 -23.59 19.44
N ALA D 159 -29.49 -24.38 20.51
CA ALA D 159 -28.89 -23.97 21.76
C ALA D 159 -27.36 -23.99 21.66
N VAL D 160 -26.72 -22.93 22.16
CA VAL D 160 -25.28 -22.76 22.10
C VAL D 160 -24.87 -22.09 23.38
N ARG D 161 -23.92 -22.66 24.11
CA ARG D 161 -23.48 -22.02 25.34
C ARG D 161 -22.01 -21.81 25.30
N ARG D 162 -21.55 -20.84 26.11
CA ARG D 162 -20.12 -20.61 26.28
C ARG D 162 -19.48 -21.88 26.81
N ALA D 163 -18.26 -22.16 26.34
CA ALA D 163 -17.51 -23.32 26.78
C ALA D 163 -16.09 -22.95 27.26
N GLY D 164 -15.46 -23.85 28.00
CA GLY D 164 -14.10 -23.64 28.42
C GLY D 164 -13.36 -24.94 28.64
N ALA D 165 -12.29 -24.86 29.43
CA ALA D 165 -11.42 -26.00 29.68
C ALA D 165 -12.18 -27.24 30.08
N LYS D 166 -13.16 -27.10 30.97
CA LYS D 166 -13.94 -28.26 31.45
C LYS D 166 -14.62 -29.05 30.34
N ASP D 167 -14.66 -28.47 29.14
CA ASP D 167 -15.37 -29.06 28.01
C ASP D 167 -14.42 -29.74 27.04
N ALA D 168 -13.15 -29.84 27.44
CA ALA D 168 -12.13 -30.41 26.55
C ALA D 168 -12.49 -31.81 26.07
N ALA D 169 -12.84 -32.67 27.01
CA ALA D 169 -13.17 -34.07 26.70
C ALA D 169 -14.21 -34.15 25.57
N ARG D 170 -15.30 -33.42 25.74
CA ARG D 170 -16.42 -33.40 24.80
C ARG D 170 -16.05 -32.89 23.38
N PHE D 171 -15.17 -31.89 23.30
CA PHE D 171 -14.66 -31.42 22.03
C PHE D 171 -13.96 -32.56 21.31
N LEU D 172 -13.22 -33.35 22.10
CA LEU D 172 -12.41 -34.41 21.55
C LEU D 172 -13.31 -35.51 21.02
N GLU D 173 -14.45 -35.74 21.67
CA GLU D 173 -15.42 -36.69 21.14
C GLU D 173 -15.95 -36.20 19.81
N LEU D 174 -16.36 -34.94 19.78
CA LEU D 174 -16.97 -34.35 18.60
C LEU D 174 -16.03 -34.36 17.38
N VAL D 175 -14.77 -33.96 17.58
CA VAL D 175 -13.77 -34.02 16.52
C VAL D 175 -13.61 -35.43 15.99
N GLY D 176 -13.42 -36.38 16.91
CA GLY D 176 -13.08 -37.74 16.53
C GLY D 176 -14.18 -38.37 15.71
N THR D 177 -15.42 -38.04 16.04
CA THR D 177 -16.57 -38.52 15.31
C THR D 177 -16.60 -37.92 13.91
N ALA D 178 -16.39 -36.62 13.82
CA ALA D 178 -16.33 -35.93 12.53
C ALA D 178 -15.29 -36.54 11.57
N HIS D 179 -14.04 -36.63 12.03
CA HIS D 179 -12.93 -37.11 11.20
C HIS D 179 -13.01 -38.60 10.86
N GLU D 180 -13.55 -39.41 11.76
CA GLU D 180 -13.73 -40.81 11.44
C GLU D 180 -14.76 -40.96 10.33
N ALA D 181 -15.82 -40.15 10.41
CA ALA D 181 -16.92 -40.26 9.47
C ALA D 181 -16.51 -39.83 8.07
N SER D 182 -15.59 -38.87 7.99
CA SER D 182 -15.18 -38.33 6.71
C SER D 182 -13.85 -38.88 6.24
N ARG D 183 -13.30 -39.84 6.98
CA ARG D 183 -11.99 -40.39 6.65
C ARG D 183 -10.93 -39.34 6.33
N ALA D 184 -10.97 -38.24 7.06
CA ALA D 184 -10.02 -37.14 6.94
C ALA D 184 -8.55 -37.56 6.92
N SER D 185 -7.73 -36.71 6.30
CA SER D 185 -6.28 -36.92 6.27
C SER D 185 -5.55 -35.60 6.53
N GLY D 186 -4.49 -35.65 7.33
CA GLY D 186 -3.60 -34.51 7.47
C GLY D 186 -3.65 -33.75 8.78
N LEU D 187 -4.75 -33.84 9.49
CA LEU D 187 -4.99 -33.05 10.70
C LEU D 187 -4.20 -33.49 11.94
N LEU D 188 -3.76 -32.52 12.73
CA LEU D 188 -3.06 -32.84 13.97
C LEU D 188 -4.04 -33.30 15.03
N VAL D 189 -3.62 -34.24 15.87
CA VAL D 189 -4.24 -34.39 17.17
C VAL D 189 -3.23 -33.96 18.22
N TRP D 190 -3.59 -32.92 18.97
CA TRP D 190 -2.74 -32.36 19.98
C TRP D 190 -2.94 -33.09 21.31
N PRO D 191 -1.88 -33.11 22.13
CA PRO D 191 -1.98 -33.63 23.50
C PRO D 191 -3.01 -32.84 24.28
N GLU D 192 -3.78 -33.49 25.16
CA GLU D 192 -4.87 -32.83 25.86
C GLU D 192 -4.43 -31.76 26.87
N SER D 193 -3.13 -31.70 27.15
CA SER D 193 -2.60 -30.60 27.95
C SER D 193 -2.57 -29.30 27.13
N LYS D 194 -2.28 -29.44 25.83
CA LYS D 194 -2.22 -28.29 24.93
C LYS D 194 -3.61 -27.82 24.52
N ILE D 195 -4.57 -28.74 24.44
CA ILE D 195 -5.97 -28.36 24.27
C ILE D 195 -6.46 -27.74 25.57
N ALA D 196 -5.86 -28.16 26.67
CA ALA D 196 -6.21 -27.64 27.97
C ALA D 196 -5.81 -26.18 28.06
N GLU D 197 -4.54 -25.90 27.77
CA GLU D 197 -4.05 -24.52 27.85
C GLU D 197 -4.69 -23.65 26.75
N TRP D 198 -5.09 -24.28 25.65
CA TRP D 198 -5.79 -23.62 24.56
C TRP D 198 -7.12 -23.04 25.01
N LEU D 199 -8.02 -23.89 25.50
CA LEU D 199 -9.31 -23.43 26.01
C LEU D 199 -9.17 -22.53 27.24
N GLU D 200 -8.18 -22.80 28.09
CA GLU D 200 -7.94 -22.01 29.29
C GLU D 200 -7.69 -20.54 28.95
N ASP D 201 -6.99 -20.30 27.85
CA ASP D 201 -6.62 -18.94 27.45
C ASP D 201 -7.83 -18.02 27.20
N GLU D 202 -7.87 -16.91 27.92
CA GLU D 202 -8.97 -15.97 27.82
C GLU D 202 -9.01 -15.20 26.47
N GLU D 203 -7.97 -15.35 25.66
CA GLU D 203 -7.94 -14.76 24.31
C GLU D 203 -8.75 -15.61 23.34
N ASN D 204 -8.95 -16.87 23.71
CA ASN D 204 -9.74 -17.79 22.91
C ASN D 204 -11.21 -17.88 23.34
N PHE D 205 -12.11 -17.86 22.37
CA PHE D 205 -13.53 -17.83 22.67
C PHE D 205 -14.13 -19.10 22.16
N ALA D 206 -14.61 -19.94 23.08
CA ALA D 206 -15.18 -21.23 22.69
C ALA D 206 -16.69 -21.29 22.91
N TYR D 207 -17.37 -21.93 21.96
CA TYR D 207 -18.80 -22.17 22.10
C TYR D 207 -19.06 -23.63 21.81
N LEU D 208 -20.10 -24.18 22.43
CA LEU D 208 -20.43 -25.59 22.29
C LEU D 208 -21.93 -25.78 22.08
N ALA D 209 -22.28 -26.68 21.16
CA ALA D 209 -23.67 -27.06 20.95
C ALA D 209 -23.80 -28.57 21.19
N GLU D 210 -24.98 -29.13 21.01
CA GLU D 210 -25.15 -30.57 21.23
C GLU D 210 -24.21 -31.39 20.35
N ASP D 211 -24.00 -30.91 19.12
CA ASP D 211 -23.19 -31.65 18.14
C ASP D 211 -22.16 -30.79 17.41
N GLY D 212 -21.48 -29.91 18.12
CA GLY D 212 -20.46 -29.11 17.49
C GLY D 212 -19.90 -28.03 18.38
N PHE D 213 -18.77 -27.45 17.97
CA PHE D 213 -18.15 -26.39 18.74
C PHE D 213 -17.36 -25.49 17.83
N VAL D 214 -16.90 -24.37 18.38
CA VAL D 214 -16.04 -23.48 17.65
C VAL D 214 -15.16 -22.69 18.62
N VAL D 215 -13.92 -22.46 18.19
CA VAL D 215 -12.99 -21.65 18.94
C VAL D 215 -12.46 -20.56 18.00
N TYR D 216 -12.45 -19.32 18.47
CA TYR D 216 -11.90 -18.24 17.66
C TYR D 216 -11.34 -17.08 18.48
N ASN D 217 -10.73 -16.11 17.79
CA ASN D 217 -10.07 -15.01 18.47
C ASN D 217 -9.78 -13.79 17.58
N TRP D 218 -9.30 -12.72 18.22
CA TRP D 218 -9.00 -11.50 17.51
C TRP D 218 -7.64 -11.58 16.81
N SER D 219 -7.55 -10.97 15.64
CA SER D 219 -6.33 -10.98 14.86
C SER D 219 -6.27 -9.69 14.06
N ASP D 220 -5.32 -8.83 14.39
CA ASP D 220 -5.13 -7.55 13.71
C ASP D 220 -6.41 -6.79 13.45
N GLY D 221 -7.40 -6.90 14.32
CA GLY D 221 -8.66 -6.23 14.10
C GLY D 221 -9.73 -7.03 13.38
N ASP D 222 -9.31 -8.16 12.79
CA ASP D 222 -10.26 -9.09 12.21
C ASP D 222 -10.43 -10.27 13.14
N LEU D 223 -11.31 -11.18 12.78
CA LEU D 223 -11.55 -12.37 13.58
C LEU D 223 -10.90 -13.54 12.86
N GLN D 224 -10.41 -14.51 13.63
CA GLN D 224 -9.85 -15.73 13.06
C GLN D 224 -10.45 -16.96 13.71
N VAL D 225 -10.97 -17.87 12.90
CA VAL D 225 -11.43 -19.15 13.41
C VAL D 225 -10.30 -20.19 13.47
N ASP D 226 -9.97 -20.66 14.67
CA ASP D 226 -8.97 -21.72 14.80
C ASP D 226 -9.52 -23.08 14.38
N GLU D 227 -10.74 -23.40 14.83
CA GLU D 227 -11.42 -24.64 14.48
C GLU D 227 -12.94 -24.54 14.61
N LEU D 228 -13.65 -25.09 13.62
CA LEU D 228 -15.09 -25.26 13.72
C LEU D 228 -15.46 -26.69 13.35
N VAL D 229 -16.15 -27.37 14.26
CA VAL D 229 -16.68 -28.70 13.98
C VAL D 229 -18.18 -28.68 14.17
N ALA D 230 -18.92 -29.12 13.16
CA ALA D 230 -20.37 -29.21 13.28
C ALA D 230 -20.90 -30.41 12.52
N HIS D 231 -21.65 -31.27 13.21
CA HIS D 231 -22.16 -32.47 12.55
C HIS D 231 -23.41 -32.23 11.69
N SER D 232 -24.14 -31.16 11.94
CA SER D 232 -25.35 -30.92 11.17
C SER D 232 -25.48 -29.47 10.64
N GLU D 233 -26.33 -29.31 9.64
CA GLU D 233 -26.54 -28.01 9.02
C GLU D 233 -26.88 -26.92 10.03
N ALA D 234 -27.96 -27.11 10.80
CA ALA D 234 -28.39 -26.10 11.78
C ALA D 234 -27.27 -25.72 12.75
N THR D 235 -26.47 -26.69 13.16
CA THR D 235 -25.38 -26.41 14.07
C THR D 235 -24.25 -25.61 13.41
N ALA D 236 -23.97 -25.92 12.15
CA ALA D 236 -22.96 -25.16 11.40
C ALA D 236 -23.46 -23.72 11.24
N ARG D 237 -24.71 -23.56 10.80
CA ARG D 237 -25.28 -22.24 10.69
C ARG D 237 -25.14 -21.53 12.06
N ALA D 238 -25.57 -22.17 13.14
CA ALA D 238 -25.49 -21.59 14.48
C ALA D 238 -24.10 -21.14 14.91
N LEU D 239 -23.07 -21.96 14.69
CA LEU D 239 -21.72 -21.57 15.11
C LEU D 239 -21.04 -20.51 14.22
N TRP D 240 -21.14 -20.65 12.89
CA TRP D 240 -20.64 -19.59 12.00
C TRP D 240 -21.32 -18.23 12.31
N ALA D 241 -22.63 -18.26 12.53
CA ALA D 241 -23.38 -17.03 12.77
C ALA D 241 -22.99 -16.44 14.11
N THR D 242 -22.60 -17.28 15.05
CA THR D 242 -22.08 -16.79 16.32
C THR D 242 -20.80 -16.01 16.12
N VAL D 243 -19.87 -16.61 15.36
CA VAL D 243 -18.59 -15.98 15.09
C VAL D 243 -18.84 -14.65 14.43
N GLY D 244 -19.74 -14.65 13.46
CA GLY D 244 -20.09 -13.45 12.71
C GLY D 244 -21.02 -12.42 13.37
N SER D 245 -21.45 -12.67 14.61
CA SER D 245 -22.38 -11.72 15.23
C SER D 245 -21.61 -10.43 15.52
N GLY D 246 -22.30 -9.35 15.81
CA GLY D 246 -21.60 -8.12 16.13
C GLY D 246 -21.92 -6.87 15.34
N ALA D 247 -20.96 -5.94 15.32
CA ALA D 247 -21.09 -4.67 14.63
C ALA D 247 -20.22 -4.59 13.39
N ALA D 250 -15.55 -5.28 13.00
CA ALA D 250 -15.09 -6.63 12.71
C ALA D 250 -15.65 -7.16 11.36
N ARG D 251 -15.31 -6.47 10.27
CA ARG D 251 -15.84 -6.82 8.95
C ARG D 251 -15.36 -8.18 8.41
N THR D 252 -14.10 -8.53 8.63
CA THR D 252 -13.50 -9.72 8.00
C THR D 252 -13.24 -10.87 8.99
N VAL D 253 -13.64 -12.07 8.59
CA VAL D 253 -13.38 -13.28 9.36
C VAL D 253 -12.51 -14.25 8.55
N HIS D 254 -11.29 -14.51 9.04
CA HIS D 254 -10.40 -15.53 8.45
C HIS D 254 -10.68 -16.92 9.09
N ALA D 255 -10.63 -17.97 8.28
CA ALA D 255 -10.81 -19.33 8.80
C ALA D 255 -9.82 -20.32 8.19
N TYR D 256 -9.22 -21.15 9.04
CA TYR D 256 -8.41 -22.25 8.54
C TYR D 256 -9.31 -23.45 8.27
N LEU D 257 -9.37 -23.88 7.02
CA LEU D 257 -10.14 -25.06 6.69
C LEU D 257 -9.81 -25.66 5.32
N SER D 258 -10.35 -26.83 5.06
CA SER D 258 -10.21 -27.51 3.76
C SER D 258 -11.00 -26.78 2.67
N PRO D 259 -10.59 -26.95 1.40
CA PRO D 259 -11.30 -26.27 0.30
C PRO D 259 -12.65 -26.91 0.08
N ASN D 260 -12.85 -28.08 0.67
CA ASN D 260 -14.11 -28.79 0.57
C ASN D 260 -14.98 -28.73 1.82
N ASP D 261 -14.70 -27.79 2.72
CA ASP D 261 -15.53 -27.58 3.92
C ASP D 261 -16.95 -27.21 3.54
N PRO D 262 -17.93 -27.59 4.37
CA PRO D 262 -19.30 -27.24 3.98
C PRO D 262 -19.64 -25.73 4.02
N VAL D 263 -18.80 -24.86 4.58
CA VAL D 263 -19.17 -23.44 4.63
C VAL D 263 -19.48 -22.93 3.25
N HIS D 264 -18.64 -23.34 2.30
CA HIS D 264 -18.68 -22.83 0.93
C HIS D 264 -20.01 -23.16 0.26
N LEU D 265 -20.70 -24.20 0.75
CA LEU D 265 -22.01 -24.55 0.23
C LEU D 265 -23.20 -23.81 0.92
N LEU D 266 -22.92 -23.10 2.03
CA LEU D 266 -23.94 -22.38 2.79
C LEU D 266 -23.90 -20.86 2.59
N VAL D 267 -22.70 -20.28 2.66
CA VAL D 267 -22.52 -18.84 2.68
C VAL D 267 -23.00 -18.21 1.37
N GLU D 268 -23.73 -17.11 1.43
CA GLU D 268 -24.32 -16.59 0.19
C GLU D 268 -23.32 -15.78 -0.62
N HIS D 269 -22.22 -15.40 0.04
N HIS D 269 -22.22 -15.39 0.02
CA HIS D 269 -21.12 -14.73 -0.64
CA HIS D 269 -21.12 -14.73 -0.67
C HIS D 269 -19.86 -15.59 -0.54
C HIS D 269 -19.85 -15.55 -0.54
N GLU D 270 -19.24 -15.83 -1.68
CA GLU D 270 -18.02 -16.63 -1.75
C GLU D 270 -16.87 -16.00 -0.92
N ALA D 271 -16.02 -16.84 -0.36
CA ALA D 271 -14.79 -16.38 0.26
C ALA D 271 -13.96 -15.57 -0.74
N ASP D 272 -13.12 -14.67 -0.23
CA ASP D 272 -12.22 -13.86 -1.04
C ASP D 272 -11.34 -14.74 -1.97
N LYS D 273 -11.22 -14.32 -3.22
CA LYS D 273 -10.29 -14.95 -4.17
C LYS D 273 -8.85 -15.05 -3.65
N GLN D 274 -8.35 -13.99 -2.99
CA GLN D 274 -7.04 -14.08 -2.38
C GLN D 274 -7.09 -14.97 -1.16
N ALA D 275 -6.32 -16.06 -1.23
CA ALA D 275 -6.22 -16.99 -0.12
C ALA D 275 -4.77 -17.31 0.19
N HIS D 276 -4.51 -17.75 1.41
CA HIS D 276 -3.21 -18.25 1.77
C HIS D 276 -3.20 -19.74 1.56
N VAL D 277 -2.19 -20.21 0.84
CA VAL D 277 -1.97 -21.64 0.68
C VAL D 277 -0.53 -21.98 1.03
N GLN D 278 -0.33 -22.65 2.18
CA GLN D 278 1.00 -23.15 2.57
C GLN D 278 1.11 -24.68 2.42
N ARG D 279 2.34 -25.18 2.32
CA ARG D 279 2.56 -26.61 2.21
C ARG D 279 3.43 -27.11 3.35
N TRP D 280 3.16 -28.36 3.76
CA TRP D 280 3.98 -29.04 4.77
C TRP D 280 4.51 -30.34 4.17
N MSE D 281 5.63 -30.82 4.70
CA MSE D 281 6.20 -32.04 4.15
C MSE D 281 6.00 -33.25 5.04
O MSE D 281 5.58 -33.13 6.20
CB MSE D 281 7.69 -31.87 3.84
CG MSE D 281 7.93 -30.87 2.73
SE MSE D 281 9.84 -30.71 2.27
CE MSE D 281 9.67 -30.03 0.45
N LEU D 282 6.30 -34.41 4.48
CA LEU D 282 6.08 -35.68 5.13
C LEU D 282 7.27 -36.58 4.80
N ARG D 283 7.57 -37.51 5.71
CA ARG D 283 8.53 -38.56 5.46
C ARG D 283 8.07 -39.79 6.20
N LEU D 284 8.26 -40.98 5.63
CA LEU D 284 8.01 -42.19 6.40
C LEU D 284 9.31 -42.59 7.10
N LEU D 285 9.23 -43.05 8.34
CA LEU D 285 10.42 -43.51 9.06
C LEU D 285 10.44 -45.03 9.18
N ASP D 286 9.24 -45.59 9.31
CA ASP D 286 9.03 -47.04 9.39
C ASP D 286 7.83 -47.33 8.50
N ALA D 287 8.09 -47.58 7.21
CA ALA D 287 7.01 -47.77 6.22
C ALA D 287 5.93 -48.80 6.59
N PRO D 288 6.32 -50.06 6.91
CA PRO D 288 5.31 -51.06 7.29
C PRO D 288 4.41 -50.63 8.45
N ALA D 289 5.01 -50.07 9.49
CA ALA D 289 4.22 -49.54 10.59
C ALA D 289 3.29 -48.44 10.09
N ALA D 290 3.79 -47.60 9.17
CA ALA D 290 3.02 -46.44 8.70
C ALA D 290 1.81 -46.92 7.91
N ILE D 291 2.06 -47.91 7.05
CA ILE D 291 1.02 -48.60 6.30
C ILE D 291 -0.03 -49.25 7.19
N ALA D 292 0.42 -49.97 8.21
CA ALA D 292 -0.51 -50.67 9.10
C ALA D 292 -1.45 -49.71 9.81
N ALA D 293 -0.96 -48.52 10.15
CA ALA D 293 -1.74 -47.54 10.91
C ALA D 293 -2.73 -46.78 10.04
N ARG D 294 -2.44 -46.73 8.73
CA ARG D 294 -3.21 -45.89 7.83
C ARG D 294 -4.59 -46.47 7.57
N GLY D 295 -5.57 -45.58 7.38
CA GLY D 295 -6.85 -46.01 6.86
C GLY D 295 -6.79 -45.96 5.33
N PHE D 296 -7.37 -46.96 4.67
CA PHE D 296 -7.42 -46.99 3.22
C PHE D 296 -8.84 -46.85 2.68
N ALA D 297 -8.93 -46.44 1.43
CA ALA D 297 -10.21 -46.18 0.78
C ALA D 297 -11.15 -47.37 0.90
N PRO D 298 -12.39 -47.10 1.30
CA PRO D 298 -13.39 -48.18 1.41
C PRO D 298 -13.54 -48.85 0.05
N GLY D 299 -13.60 -50.18 0.03
CA GLY D 299 -13.75 -50.91 -1.21
C GLY D 299 -12.58 -50.87 -2.18
N ALA D 300 -11.40 -50.45 -1.71
CA ALA D 300 -10.21 -50.52 -2.53
C ALA D 300 -9.46 -51.81 -2.28
N ALA D 301 -8.82 -52.33 -3.33
CA ALA D 301 -8.01 -53.54 -3.24
C ALA D 301 -6.77 -53.46 -4.14
N ALA D 302 -5.61 -53.76 -3.56
CA ALA D 302 -4.37 -53.71 -4.29
C ALA D 302 -3.44 -54.79 -3.77
N GLU D 303 -2.70 -55.40 -4.69
CA GLU D 303 -1.70 -56.40 -4.33
C GLU D 303 -0.50 -56.24 -5.25
N VAL D 304 0.45 -55.39 -4.87
CA VAL D 304 1.60 -55.11 -5.73
C VAL D 304 2.91 -55.00 -5.00
N ASP D 305 4.00 -55.16 -5.75
CA ASP D 305 5.36 -55.05 -5.23
C ASP D 305 5.92 -53.64 -5.42
N LEU D 306 6.79 -53.25 -4.50
CA LEU D 306 7.41 -51.93 -4.57
C LEU D 306 8.89 -52.09 -4.37
N LEU D 307 9.69 -51.26 -5.03
CA LEU D 307 11.12 -51.20 -4.72
C LEU D 307 11.44 -49.86 -4.05
N ILE D 308 11.79 -49.91 -2.76
CA ILE D 308 12.09 -48.69 -2.03
C ILE D 308 13.59 -48.51 -1.91
N ASP D 309 14.08 -47.38 -2.37
CA ASP D 309 15.48 -47.04 -2.21
C ASP D 309 15.64 -45.84 -1.28
N ASP D 310 16.11 -46.07 -0.06
CA ASP D 310 16.16 -45.02 0.96
C ASP D 310 17.43 -45.11 1.79
N PRO D 311 18.51 -44.51 1.28
CA PRO D 311 19.81 -44.56 1.95
C PRO D 311 19.76 -43.86 3.31
N GLY D 312 18.88 -42.88 3.46
CA GLY D 312 18.70 -42.21 4.73
C GLY D 312 18.15 -43.09 5.82
N VAL D 313 17.28 -44.04 5.45
CA VAL D 313 16.74 -45.01 6.40
C VAL D 313 16.73 -46.42 5.77
N PRO D 314 17.88 -47.09 5.80
CA PRO D 314 18.11 -48.34 5.07
C PRO D 314 17.15 -49.46 5.45
N ALA D 315 16.61 -49.46 6.67
CA ALA D 315 15.74 -50.56 7.08
C ALA D 315 14.50 -50.71 6.20
N GLN D 316 14.05 -49.62 5.59
CA GLN D 316 12.90 -49.73 4.71
C GLN D 316 13.30 -49.86 3.25
N SER D 317 14.59 -49.96 2.98
CA SER D 317 15.06 -50.22 1.61
C SER D 317 14.74 -51.64 1.12
N GLY D 318 14.66 -51.80 -0.20
CA GLY D 318 14.49 -53.11 -0.78
C GLY D 318 13.10 -53.33 -1.35
N ARG D 319 12.76 -54.58 -1.60
CA ARG D 319 11.51 -54.90 -2.26
C ARG D 319 10.41 -55.30 -1.25
N TRP D 320 9.19 -54.84 -1.48
CA TRP D 320 8.10 -55.08 -0.54
C TRP D 320 6.87 -55.49 -1.30
N HIS D 321 5.98 -56.23 -0.64
CA HIS D 321 4.64 -56.44 -1.16
C HIS D 321 3.64 -55.64 -0.33
N LEU D 322 2.70 -55.00 -1.03
CA LEU D 322 1.72 -54.17 -0.36
C LEU D 322 0.35 -54.81 -0.58
N SER D 323 -0.36 -55.04 0.51
CA SER D 323 -1.67 -55.67 0.48
C SER D 323 -2.73 -54.74 1.08
N VAL D 324 -3.69 -54.32 0.27
CA VAL D 324 -4.76 -53.44 0.73
C VAL D 324 -6.12 -54.05 0.42
N ALA D 325 -6.98 -54.09 1.43
CA ALA D 325 -8.28 -54.72 1.33
C ALA D 325 -9.06 -54.40 2.59
N ASP D 326 -10.35 -54.18 2.43
CA ASP D 326 -11.22 -53.91 3.56
C ASP D 326 -10.78 -52.72 4.43
N GLY D 327 -10.24 -51.67 3.79
CA GLY D 327 -9.82 -50.48 4.49
C GLY D 327 -8.52 -50.59 5.30
N THR D 328 -7.87 -51.76 5.21
CA THR D 328 -6.65 -52.02 5.96
C THR D 328 -5.47 -52.36 5.04
N GLY D 329 -4.27 -51.94 5.40
CA GLY D 329 -3.12 -52.17 4.55
C GLY D 329 -2.04 -52.96 5.25
N GLU D 330 -1.17 -53.61 4.48
CA GLU D 330 -0.04 -54.34 5.05
C GLU D 330 1.18 -54.38 4.14
N LEU D 331 2.37 -54.19 4.72
CA LEU D 331 3.63 -54.15 3.96
C LEU D 331 4.59 -55.23 4.42
N THR D 332 4.87 -56.16 3.52
CA THR D 332 5.69 -57.32 3.88
C THR D 332 6.84 -57.50 2.89
N PRO D 333 7.99 -57.96 3.40
CA PRO D 333 9.22 -58.25 2.66
C PRO D 333 8.94 -59.08 1.42
N SER D 334 9.58 -58.76 0.30
CA SER D 334 9.44 -59.60 -0.91
C SER D 334 10.77 -59.98 -1.58
N ASP D 335 10.93 -61.26 -1.86
CA ASP D 335 12.13 -61.71 -2.54
C ASP D 335 11.91 -62.00 -4.02
N ARG D 336 10.76 -61.59 -4.55
CA ARG D 336 10.46 -61.81 -5.96
C ARG D 336 11.32 -60.96 -6.90
N SER D 337 11.19 -61.22 -8.20
CA SER D 337 11.99 -60.56 -9.22
C SER D 337 11.14 -60.02 -10.34
N GLY D 338 11.66 -59.03 -11.05
CA GLY D 338 10.95 -58.45 -12.19
C GLY D 338 10.63 -56.97 -12.02
N ASP D 339 10.30 -56.32 -13.13
CA ASP D 339 10.03 -54.89 -13.20
C ASP D 339 9.02 -54.41 -12.16
N VAL D 340 9.40 -53.41 -11.38
CA VAL D 340 8.52 -52.87 -10.35
C VAL D 340 8.64 -51.38 -10.19
N LEU D 341 7.66 -50.83 -9.49
CA LEU D 341 7.65 -49.43 -9.13
C LEU D 341 8.84 -49.11 -8.22
N GLN D 342 9.66 -48.15 -8.61
CA GLN D 342 10.78 -47.71 -7.80
C GLN D 342 10.51 -46.36 -7.16
N LEU D 343 10.70 -46.27 -5.85
CA LEU D 343 10.48 -45.01 -5.16
C LEU D 343 11.68 -44.74 -4.25
N GLY D 344 12.08 -43.46 -4.17
CA GLY D 344 12.99 -43.01 -3.14
C GLY D 344 12.15 -42.60 -1.94
N SER D 345 12.79 -42.07 -0.88
CA SER D 345 12.05 -41.56 0.27
C SER D 345 10.98 -40.52 -0.12
N ARG D 346 11.30 -39.63 -1.06
CA ARG D 346 10.38 -38.55 -1.40
C ARG D 346 9.12 -39.06 -2.08
N GLY D 347 9.31 -39.92 -3.09
CA GLY D 347 8.20 -40.50 -3.83
C GLY D 347 7.30 -41.31 -2.93
N LEU D 348 7.91 -42.02 -1.99
CA LEU D 348 7.19 -42.84 -1.01
C LEU D 348 6.34 -41.97 -0.06
N ALA D 349 6.92 -40.91 0.47
CA ALA D 349 6.15 -40.02 1.33
C ALA D 349 5.00 -39.38 0.54
N ALA D 350 5.27 -38.95 -0.68
CA ALA D 350 4.22 -38.29 -1.44
C ALA D 350 3.11 -39.27 -1.83
N LEU D 351 3.48 -40.51 -2.11
CA LEU D 351 2.47 -41.53 -2.41
C LEU D 351 1.58 -41.82 -1.20
N TYR D 352 2.18 -41.95 -0.03
CA TYR D 352 1.43 -42.20 1.21
C TYR D 352 0.43 -41.06 1.47
N ALA D 353 0.74 -39.87 0.96
CA ALA D 353 -0.08 -38.70 1.21
C ALA D 353 -1.08 -38.45 0.10
N GLY D 354 -1.30 -39.44 -0.75
CA GLY D 354 -2.30 -39.34 -1.79
C GLY D 354 -1.90 -38.60 -3.05
N THR D 355 -0.60 -38.32 -3.24
CA THR D 355 -0.20 -37.66 -4.48
C THR D 355 -0.29 -38.64 -5.64
N PRO D 356 -0.94 -38.25 -6.76
CA PRO D 356 -1.17 -39.19 -7.88
C PRO D 356 0.09 -39.58 -8.61
N LEU D 357 0.25 -40.88 -8.92
CA LEU D 357 1.44 -41.40 -9.59
C LEU D 357 1.91 -40.61 -10.84
N ALA D 358 0.97 -40.15 -11.66
CA ALA D 358 1.34 -39.30 -12.81
C ALA D 358 2.30 -38.14 -12.42
N ALA D 359 1.94 -37.39 -11.38
CA ALA D 359 2.81 -36.31 -10.88
C ALA D 359 4.16 -36.85 -10.45
N LEU D 360 4.17 -37.89 -9.60
CA LEU D 360 5.41 -38.52 -9.15
C LEU D 360 6.31 -38.97 -10.31
N ARG D 361 5.70 -39.45 -11.40
CA ARG D 361 6.49 -39.87 -12.55
C ARG D 361 7.05 -38.66 -13.29
N THR D 362 6.23 -37.64 -13.49
CA THR D 362 6.68 -36.44 -14.19
C THR D 362 7.72 -35.66 -13.40
N ALA D 363 7.76 -35.86 -12.08
CA ALA D 363 8.77 -35.20 -11.27
C ALA D 363 9.99 -36.06 -11.03
N GLY D 364 9.97 -37.28 -11.56
CA GLY D 364 11.10 -38.19 -11.36
C GLY D 364 11.24 -38.77 -9.95
N LEU D 365 10.18 -38.70 -9.16
CA LEU D 365 10.24 -39.26 -7.82
C LEU D 365 9.98 -40.76 -7.86
N VAL D 366 9.45 -41.22 -8.98
CA VAL D 366 9.15 -42.62 -9.15
C VAL D 366 9.44 -43.03 -10.61
N THR D 367 9.94 -44.26 -10.83
CA THR D 367 10.18 -44.79 -12.17
C THR D 367 9.92 -46.30 -12.23
N GLY D 368 9.77 -46.84 -13.44
CA GLY D 368 9.58 -48.27 -13.64
C GLY D 368 8.21 -48.82 -13.28
N GLY D 369 8.00 -50.11 -13.54
CA GLY D 369 6.75 -50.75 -13.17
C GLY D 369 5.63 -50.56 -14.17
N PRO D 370 4.77 -51.56 -14.32
CA PRO D 370 3.64 -51.50 -15.26
C PRO D 370 2.73 -50.36 -14.93
N VAL D 371 2.75 -49.35 -15.79
CA VAL D 371 2.02 -48.11 -15.57
C VAL D 371 0.52 -48.34 -15.39
N ALA D 372 0.05 -49.50 -15.79
CA ALA D 372 -1.37 -49.84 -15.68
C ALA D 372 -1.82 -50.08 -14.24
N SER D 373 -0.92 -50.54 -13.38
CA SER D 373 -1.27 -50.80 -11.99
C SER D 373 -1.12 -49.55 -11.11
N ASP D 374 -0.77 -48.42 -11.71
CA ASP D 374 -0.74 -47.17 -10.96
C ASP D 374 -2.14 -46.91 -10.44
N ARG D 375 -3.12 -47.28 -11.25
CA ARG D 375 -4.53 -47.10 -10.94
C ARG D 375 -4.90 -47.66 -9.56
N LEU D 376 -4.43 -48.86 -9.27
CA LEU D 376 -4.76 -49.53 -8.02
C LEU D 376 -4.10 -48.82 -6.86
N LEU D 377 -2.90 -48.28 -7.09
CA LEU D 377 -2.22 -47.53 -6.05
C LEU D 377 -2.89 -46.18 -5.77
N ASP D 378 -3.28 -45.48 -6.84
CA ASP D 378 -3.92 -44.17 -6.67
C ASP D 378 -5.20 -44.30 -5.87
N THR D 379 -6.00 -45.31 -6.21
CA THR D 379 -7.29 -45.55 -5.58
C THR D 379 -7.18 -45.89 -4.10
N ALA D 380 -6.24 -46.77 -3.76
CA ALA D 380 -6.09 -47.23 -2.39
C ALA D 380 -5.67 -46.09 -1.47
N PHE D 381 -4.89 -45.19 -2.03
CA PHE D 381 -4.28 -44.10 -1.29
C PHE D 381 -5.06 -42.81 -1.43
N GLY D 382 -6.13 -42.84 -2.24
CA GLY D 382 -6.91 -41.64 -2.49
C GLY D 382 -7.94 -41.26 -1.43
N GLY D 383 -8.73 -40.23 -1.72
CA GLY D 383 -9.69 -39.70 -0.78
C GLY D 383 -9.51 -38.21 -0.65
N ALA D 384 -10.15 -37.61 0.34
CA ALA D 384 -10.07 -36.16 0.55
C ALA D 384 -8.63 -35.75 0.70
N ALA D 385 -8.24 -34.79 -0.13
CA ALA D 385 -6.90 -34.23 -0.08
C ALA D 385 -6.48 -33.90 1.35
N PRO D 386 -5.24 -34.24 1.73
CA PRO D 386 -4.77 -33.97 3.10
C PRO D 386 -4.54 -32.47 3.38
N TYR D 387 -5.05 -32.00 4.52
CA TYR D 387 -4.87 -30.63 4.93
C TYR D 387 -4.72 -30.58 6.43
N MSE D 388 -4.35 -29.42 6.95
CA MSE D 388 -4.39 -29.24 8.38
C MSE D 388 -4.72 -27.78 8.76
O MSE D 388 -4.85 -26.91 7.89
CB MSE D 388 -3.10 -29.79 9.06
CG MSE D 388 -1.86 -28.90 8.94
SE MSE D 388 -0.25 -29.50 9.96
CE MSE D 388 0.12 -31.19 9.04
N LEU D 389 -4.84 -27.54 10.06
CA LEU D 389 -5.41 -26.32 10.59
C LEU D 389 -4.32 -25.47 11.20
N ASP D 390 -3.30 -26.15 11.72
CA ASP D 390 -2.29 -25.52 12.52
C ASP D 390 -1.03 -25.24 11.71
N TYR D 391 -0.21 -24.32 12.21
CA TYR D 391 1.15 -24.16 11.71
C TYR D 391 2.02 -24.56 12.89
N PHE D 392 3.22 -25.07 12.62
CA PHE D 392 4.16 -25.34 13.71
C PHE D 392 5.61 -25.41 13.22
N ASP E 7 21.90 -25.12 -37.15
CA ASP E 7 22.99 -24.48 -36.43
C ASP E 7 23.02 -23.01 -36.80
N LEU E 8 23.48 -22.21 -35.84
CA LEU E 8 23.33 -20.76 -35.84
C LEU E 8 24.45 -20.01 -36.58
N ARG E 9 24.14 -18.80 -37.06
CA ARG E 9 25.10 -17.95 -37.74
C ARG E 9 24.96 -16.49 -37.31
N LEU E 10 26.08 -15.85 -36.97
CA LEU E 10 26.12 -14.41 -36.80
C LEU E 10 25.80 -13.73 -38.12
N VAL E 11 25.04 -12.65 -38.12
CA VAL E 11 24.54 -12.06 -39.36
C VAL E 11 24.40 -10.53 -39.18
N ASP E 12 24.39 -9.75 -40.24
CA ASP E 12 24.00 -8.34 -40.12
C ASP E 12 22.50 -8.26 -40.39
N ILE E 13 21.74 -7.68 -39.47
CA ILE E 13 20.31 -7.58 -39.71
C ILE E 13 20.04 -6.67 -40.91
N THR E 14 19.18 -7.14 -41.80
CA THR E 14 18.83 -6.38 -42.99
C THR E 14 17.46 -5.74 -42.76
N GLU E 15 17.19 -4.67 -43.50
CA GLU E 15 15.91 -3.99 -43.42
C GLU E 15 14.68 -4.93 -43.49
N THR E 16 14.76 -5.98 -44.31
CA THR E 16 13.69 -6.97 -44.44
C THR E 16 13.46 -7.80 -43.16
N GLN E 17 14.43 -7.81 -42.26
CA GLN E 17 14.35 -8.72 -41.11
C GLN E 17 13.79 -8.03 -39.87
N LEU E 18 13.46 -6.75 -40.00
CA LEU E 18 13.05 -5.96 -38.82
C LEU E 18 11.77 -6.47 -38.11
N ASP E 19 10.75 -6.90 -38.85
CA ASP E 19 9.61 -7.58 -38.22
C ASP E 19 10.04 -8.82 -37.45
N ASP E 20 10.96 -9.60 -38.03
CA ASP E 20 11.51 -10.75 -37.34
C ASP E 20 12.09 -10.37 -35.99
N VAL E 21 12.85 -9.27 -35.96
CA VAL E 21 13.43 -8.81 -34.70
C VAL E 21 12.37 -8.46 -33.65
N LEU E 22 11.31 -7.75 -34.06
CA LEU E 22 10.22 -7.45 -33.14
C LEU E 22 9.50 -8.71 -32.66
N ARG E 23 9.40 -9.71 -33.53
CA ARG E 23 8.81 -10.96 -33.11
C ARG E 23 9.63 -11.53 -31.96
N VAL E 24 10.94 -11.58 -32.10
CA VAL E 24 11.77 -12.05 -31.00
C VAL E 24 11.60 -11.13 -29.80
N ARG E 25 11.58 -9.83 -30.03
CA ARG E 25 11.48 -8.88 -28.93
C ARG E 25 10.20 -9.07 -28.10
N ALA E 26 9.11 -9.36 -28.81
CA ALA E 26 7.81 -9.49 -28.16
C ALA E 26 7.76 -10.60 -27.09
N ARG E 27 8.51 -11.67 -27.28
CA ARG E 27 8.33 -12.87 -26.46
C ARG E 27 9.00 -12.71 -25.09
N SER E 28 9.62 -11.55 -24.87
CA SER E 28 10.24 -11.28 -23.59
C SER E 28 10.12 -9.83 -23.18
N PHE E 29 9.28 -9.07 -23.86
CA PHE E 29 8.93 -7.70 -23.43
C PHE E 29 7.44 -7.43 -23.64
N GLY E 30 6.80 -8.31 -24.39
CA GLY E 30 5.40 -8.11 -24.73
C GLY E 30 5.23 -7.32 -26.01
N LEU E 31 4.09 -7.55 -26.66
CA LEU E 31 3.71 -6.89 -27.90
C LEU E 31 3.89 -5.38 -27.85
N LEU E 32 4.35 -4.79 -28.96
CA LEU E 32 4.46 -3.33 -29.07
C LEU E 32 3.17 -2.71 -29.62
N ALA E 33 2.67 -1.67 -28.96
CA ALA E 33 1.48 -0.94 -29.44
C ALA E 33 1.77 -0.26 -30.79
N ALA E 34 0.79 -0.29 -31.69
CA ALA E 34 0.97 0.14 -33.08
C ALA E 34 1.71 1.46 -33.25
N GLY E 35 1.51 2.38 -32.30
CA GLY E 35 2.19 3.65 -32.36
C GLY E 35 3.68 3.49 -32.14
N ALA E 36 4.02 2.84 -31.05
CA ALA E 36 5.40 2.63 -30.66
C ALA E 36 6.20 1.81 -31.67
N ARG E 37 5.51 0.95 -32.43
CA ARG E 37 6.16 0.06 -33.38
C ARG E 37 6.73 0.81 -34.58
N GLU E 38 5.96 1.75 -35.11
CA GLU E 38 6.45 2.55 -36.22
C GLU E 38 7.66 3.34 -35.76
N ASP E 39 7.62 3.79 -34.51
CA ASP E 39 8.74 4.55 -33.96
C ASP E 39 9.96 3.65 -33.80
N TRP E 40 9.71 2.38 -33.51
CA TRP E 40 10.80 1.41 -33.36
C TRP E 40 11.47 1.23 -34.72
N VAL E 41 10.65 1.01 -35.74
CA VAL E 41 11.13 0.90 -37.12
C VAL E 41 11.92 2.13 -37.60
N ARG E 42 11.38 3.34 -37.45
CA ARG E 42 12.11 4.57 -37.83
C ARG E 42 13.48 4.65 -37.20
N ASP E 43 13.59 4.28 -35.93
CA ASP E 43 14.88 4.34 -35.23
C ASP E 43 15.76 3.14 -35.51
N ALA E 44 15.23 2.12 -36.18
CA ALA E 44 16.04 0.92 -36.41
C ALA E 44 16.80 0.94 -37.72
N VAL E 45 16.29 1.65 -38.73
CA VAL E 45 16.93 1.66 -40.04
C VAL E 45 18.34 2.25 -40.06
N GLU E 46 18.55 3.30 -39.30
CA GLU E 46 19.89 3.85 -39.09
C GLU E 46 20.90 2.79 -38.62
N PHE E 47 20.54 1.95 -37.66
CA PHE E 47 21.45 0.92 -37.17
C PHE E 47 21.75 -0.11 -38.27
N VAL E 48 20.70 -0.51 -38.98
CA VAL E 48 20.82 -1.44 -40.09
C VAL E 48 21.81 -0.96 -41.16
N HIS E 49 21.64 0.28 -41.63
CA HIS E 49 22.38 0.74 -42.78
C HIS E 49 23.75 1.35 -42.45
N ASP E 50 24.25 1.08 -41.26
CA ASP E 50 25.56 1.56 -40.90
C ASP E 50 26.31 0.45 -40.15
N GLY E 51 25.96 -0.79 -40.47
CA GLY E 51 26.61 -1.96 -39.89
C GLY E 51 26.57 -2.01 -38.38
N ARG E 52 25.52 -1.44 -37.79
CA ARG E 52 25.45 -1.40 -36.34
C ARG E 52 24.23 -2.13 -35.77
N PHE E 53 23.74 -3.13 -36.49
CA PHE E 53 22.64 -3.96 -36.01
C PHE E 53 22.95 -5.44 -36.28
N LEU E 54 23.37 -6.17 -35.24
CA LEU E 54 23.82 -7.56 -35.38
C LEU E 54 22.69 -8.52 -35.04
N GLY E 55 22.81 -9.74 -35.55
CA GLY E 55 21.84 -10.76 -35.22
C GLY E 55 22.41 -12.15 -35.25
N VAL E 56 21.61 -13.08 -34.74
CA VAL E 56 21.91 -14.49 -34.88
C VAL E 56 20.71 -15.14 -35.53
N VAL E 57 21.00 -16.01 -36.48
CA VAL E 57 20.00 -16.59 -37.34
C VAL E 57 20.15 -18.12 -37.24
N SER E 58 19.04 -18.83 -37.34
CA SER E 58 19.01 -20.28 -37.36
C SER E 58 18.21 -20.72 -38.57
N GLY E 59 18.87 -21.18 -39.62
CA GLY E 59 18.22 -21.30 -40.90
C GLY E 59 18.03 -19.88 -41.40
N ASP E 60 16.79 -19.48 -41.64
CA ASP E 60 16.51 -18.11 -42.00
C ASP E 60 15.69 -17.39 -40.93
N GLU E 61 15.56 -18.03 -39.75
CA GLU E 61 14.90 -17.40 -38.60
C GLU E 61 15.87 -16.54 -37.80
N VAL E 62 15.47 -15.33 -37.49
CA VAL E 62 16.22 -14.50 -36.55
C VAL E 62 15.87 -14.95 -35.14
N VAL E 63 16.88 -15.07 -34.30
CA VAL E 63 16.77 -15.78 -33.02
C VAL E 63 17.37 -14.96 -31.88
N ALA E 64 18.06 -13.89 -32.26
CA ALA E 64 18.71 -12.95 -31.35
C ALA E 64 19.17 -11.70 -32.11
N ALA E 65 19.18 -10.57 -31.43
CA ALA E 65 19.65 -9.35 -32.04
C ALA E 65 20.16 -8.39 -30.99
N ALA E 66 21.03 -7.49 -31.42
CA ALA E 66 21.52 -6.40 -30.59
C ALA E 66 22.04 -5.29 -31.48
N ARG E 67 21.84 -4.05 -31.04
CA ARG E 67 22.33 -2.92 -31.79
C ARG E 67 23.44 -2.16 -31.03
N ILE E 68 24.28 -1.45 -31.78
CA ILE E 68 25.40 -0.70 -31.23
C ILE E 68 25.22 0.80 -31.46
N TRP E 69 25.05 1.58 -30.39
CA TRP E 69 24.98 3.03 -30.51
C TRP E 69 26.35 3.59 -30.82
N ASP E 70 26.43 4.56 -31.74
CA ASP E 70 27.68 5.29 -32.02
C ASP E 70 27.85 6.48 -31.09
N PHE E 71 28.12 6.20 -29.81
CA PHE E 71 28.29 7.22 -28.79
C PHE E 71 29.72 7.78 -28.74
N GLN E 72 29.89 8.83 -27.96
CA GLN E 72 31.19 9.17 -27.42
C GLN E 72 30.94 9.25 -25.94
N GLN E 73 31.95 8.94 -25.14
CA GLN E 73 31.77 9.02 -23.68
C GLN E 73 32.87 9.87 -23.07
N TRP E 74 32.50 10.72 -22.12
CA TRP E 74 33.49 11.55 -21.46
C TRP E 74 34.35 10.73 -20.53
N TRP E 75 35.66 10.95 -20.60
CA TRP E 75 36.56 10.38 -19.61
C TRP E 75 37.68 11.36 -19.29
N GLY E 76 37.65 11.88 -18.06
CA GLY E 76 38.63 12.86 -17.62
C GLY E 76 38.70 14.12 -18.49
N GLY E 77 37.55 14.66 -18.88
CA GLY E 77 37.54 15.89 -19.65
C GLY E 77 37.62 15.73 -21.16
N ARG E 78 37.97 14.54 -21.64
CA ARG E 78 38.06 14.31 -23.08
C ARG E 78 36.99 13.34 -23.60
N ARG E 79 36.70 13.43 -24.89
CA ARG E 79 35.68 12.59 -25.50
C ARG E 79 36.26 11.37 -26.19
N VAL E 80 35.92 10.21 -25.66
CA VAL E 80 36.35 8.93 -26.20
C VAL E 80 35.18 8.25 -26.94
N PRO E 81 35.40 7.84 -28.19
CA PRO E 81 34.34 7.14 -28.95
C PRO E 81 33.97 5.83 -28.29
N MSE E 82 32.68 5.55 -28.14
CA MSE E 82 32.30 4.32 -27.48
C MSE E 82 31.11 3.60 -28.09
O MSE E 82 30.25 4.19 -28.73
CB MSE E 82 32.07 4.56 -25.99
CG MSE E 82 30.69 4.98 -25.67
SE MSE E 82 29.55 3.58 -24.91
CE MSE E 82 28.91 4.72 -23.47
N ALA E 83 31.07 2.29 -27.89
CA ALA E 83 30.02 1.49 -28.47
C ALA E 83 29.01 1.10 -27.40
N GLY E 84 27.83 1.74 -27.43
CA GLY E 84 26.78 1.41 -26.49
C GLY E 84 25.90 0.28 -26.99
N ILE E 85 25.86 -0.84 -26.27
CA ILE E 85 25.06 -2.00 -26.66
C ILE E 85 23.64 -1.88 -26.11
N ALA E 86 22.64 -2.11 -26.94
CA ALA E 86 21.25 -1.95 -26.53
C ALA E 86 20.33 -3.01 -27.17
N GLY E 87 19.13 -3.17 -26.62
CA GLY E 87 18.18 -4.13 -27.14
C GLY E 87 18.71 -5.54 -27.33
N VAL E 88 19.51 -6.06 -26.39
CA VAL E 88 19.95 -7.43 -26.52
C VAL E 88 18.78 -8.37 -26.28
N VAL E 89 18.45 -9.18 -27.27
CA VAL E 89 17.33 -10.08 -27.11
C VAL E 89 17.61 -11.48 -27.67
N VAL E 90 17.13 -12.51 -26.97
CA VAL E 90 17.36 -13.88 -27.35
C VAL E 90 16.06 -14.67 -27.22
N ALA E 91 15.67 -15.35 -28.29
CA ALA E 91 14.44 -16.15 -28.26
C ALA E 91 14.43 -17.14 -27.09
N PRO E 92 13.28 -17.24 -26.41
CA PRO E 92 13.12 -18.11 -25.23
C PRO E 92 13.51 -19.57 -25.46
N GLU E 93 13.10 -20.16 -26.59
CA GLU E 93 13.45 -21.55 -26.87
C GLU E 93 14.94 -21.78 -27.05
N TYR E 94 15.70 -20.73 -27.32
CA TYR E 94 17.14 -20.91 -27.49
C TYR E 94 17.94 -20.77 -26.19
N ARG E 95 17.25 -20.98 -25.07
CA ARG E 95 17.88 -21.01 -23.75
C ARG E 95 18.98 -22.08 -23.65
N GLY E 96 20.04 -21.76 -22.91
CA GLY E 96 21.15 -22.66 -22.68
C GLY E 96 21.90 -23.16 -23.91
N ARG E 97 22.10 -22.33 -24.92
CA ARG E 97 22.76 -22.76 -26.14
C ARG E 97 23.84 -21.77 -26.56
N GLY E 98 24.15 -20.83 -25.68
CA GLY E 98 25.22 -19.90 -25.96
C GLY E 98 24.93 -18.84 -27.02
N VAL E 99 23.67 -18.69 -27.42
CA VAL E 99 23.32 -17.71 -28.44
C VAL E 99 23.75 -16.29 -28.04
N GLY E 100 23.41 -15.90 -26.80
CA GLY E 100 23.81 -14.61 -26.24
C GLY E 100 25.29 -14.29 -26.40
N SER E 101 26.13 -15.26 -26.09
CA SER E 101 27.56 -15.14 -26.31
C SER E 101 27.98 -15.09 -27.79
N LEU E 102 27.39 -15.94 -28.64
CA LEU E 102 27.66 -15.87 -30.08
C LEU E 102 27.39 -14.45 -30.52
N LEU E 103 26.23 -13.91 -30.13
CA LEU E 103 25.85 -12.56 -30.49
C LEU E 103 26.88 -11.52 -30.02
N MSE E 104 27.14 -11.51 -28.70
CA MSE E 104 27.98 -10.46 -28.11
C MSE E 104 29.41 -10.42 -28.68
O MSE E 104 29.99 -9.34 -28.85
CB MSE E 104 27.97 -10.56 -26.58
CG MSE E 104 26.67 -10.06 -25.93
SE MSE E 104 26.24 -8.16 -26.38
CE MSE E 104 27.85 -7.28 -25.62
N ARG E 105 29.95 -11.59 -29.01
CA ARG E 105 31.27 -11.66 -29.64
C ARG E 105 31.25 -10.96 -31.00
N GLY E 106 30.14 -11.08 -31.70
CA GLY E 106 29.99 -10.42 -32.98
C GLY E 106 29.98 -8.92 -32.78
N VAL E 107 29.21 -8.49 -31.79
CA VAL E 107 29.09 -7.09 -31.43
C VAL E 107 30.43 -6.49 -31.00
N LEU E 108 31.17 -7.20 -30.14
CA LEU E 108 32.51 -6.77 -29.79
C LEU E 108 33.45 -6.66 -31.00
N GLU E 109 33.40 -7.64 -31.89
CA GLU E 109 34.26 -7.64 -33.08
C GLU E 109 33.92 -6.45 -33.98
N ARG E 110 32.62 -6.26 -34.23
CA ARG E 110 32.17 -5.15 -35.05
C ARG E 110 32.59 -3.81 -34.45
N SER E 111 32.48 -3.70 -33.13
CA SER E 111 32.82 -2.47 -32.42
C SER E 111 34.29 -2.14 -32.56
N ARG E 112 35.12 -3.17 -32.55
N ARG E 112 35.11 -3.19 -32.55
CA ARG E 112 36.55 -3.00 -32.73
CA ARG E 112 36.55 -3.06 -32.72
C ARG E 112 36.93 -2.60 -34.15
C ARG E 112 36.94 -2.63 -34.14
N ASP E 113 36.25 -3.15 -35.14
CA ASP E 113 36.58 -2.84 -36.53
C ASP E 113 36.27 -1.37 -36.83
N LYS E 114 35.25 -0.85 -36.18
CA LYS E 114 34.82 0.53 -36.40
C LYS E 114 35.63 1.55 -35.56
N GLY E 115 36.63 1.07 -34.83
CA GLY E 115 37.56 1.94 -34.14
C GLY E 115 37.05 2.56 -32.84
N MSE E 116 36.06 1.95 -32.20
CA MSE E 116 35.66 2.41 -30.89
C MSE E 116 36.45 1.62 -29.85
O MSE E 116 36.34 0.40 -29.81
CB MSE E 116 34.15 2.23 -30.70
CG MSE E 116 33.43 1.95 -32.03
SE MSE E 116 31.53 2.36 -32.01
CE MSE E 116 30.94 1.40 -33.58
N PRO E 117 37.26 2.32 -29.03
CA PRO E 117 38.19 1.64 -28.12
C PRO E 117 37.52 1.13 -26.84
N ILE E 118 36.28 1.54 -26.58
CA ILE E 118 35.58 1.11 -25.38
C ILE E 118 34.12 0.84 -25.69
N SER E 119 33.46 0.09 -24.80
CA SER E 119 32.04 -0.22 -24.91
C SER E 119 31.33 -0.22 -23.54
N ALA E 120 30.05 0.14 -23.51
CA ALA E 120 29.29 0.18 -22.27
C ALA E 120 27.83 -0.27 -22.47
N LEU E 121 27.22 -0.80 -21.42
CA LEU E 121 25.82 -1.24 -21.48
C LEU E 121 25.19 -1.28 -20.10
N TYR E 122 23.85 -1.36 -20.05
CA TYR E 122 23.14 -1.64 -18.80
C TYR E 122 22.77 -3.11 -18.77
N PRO E 123 23.29 -3.84 -17.78
CA PRO E 123 23.18 -5.31 -17.85
C PRO E 123 21.91 -5.84 -17.21
N ALA E 124 21.09 -6.58 -17.96
CA ALA E 124 19.92 -7.23 -17.39
C ALA E 124 20.32 -8.23 -16.31
N THR E 125 21.45 -8.90 -16.52
CA THR E 125 22.03 -9.87 -15.60
C THR E 125 23.56 -9.69 -15.68
N THR E 126 24.28 -10.03 -14.62
CA THR E 126 25.71 -9.71 -14.57
C THR E 126 26.59 -10.80 -15.15
N VAL E 127 26.11 -12.03 -15.04
CA VAL E 127 26.92 -13.22 -15.31
C VAL E 127 27.43 -13.34 -16.74
N ILE E 128 26.56 -13.20 -17.72
CA ILE E 128 27.01 -13.34 -19.09
C ILE E 128 28.00 -12.23 -19.51
N TYR E 129 27.69 -10.98 -19.18
CA TYR E 129 28.58 -9.87 -19.55
C TYR E 129 29.95 -9.92 -18.87
N ARG E 130 29.97 -10.37 -17.62
CA ARG E 130 31.24 -10.51 -16.88
C ARG E 130 32.13 -11.56 -17.55
N HIS E 131 31.49 -12.64 -18.02
CA HIS E 131 32.21 -13.66 -18.79
C HIS E 131 32.81 -13.08 -20.08
N LEU E 132 32.13 -12.08 -20.66
CA LEU E 132 32.60 -11.39 -21.85
C LEU E 132 33.56 -10.26 -21.50
N GLY E 133 33.75 -10.00 -20.22
CA GLY E 133 34.78 -9.06 -19.78
C GLY E 133 34.31 -7.67 -19.41
N TYR E 134 33.00 -7.47 -19.28
CA TYR E 134 32.46 -6.20 -18.78
C TYR E 134 32.49 -6.19 -17.26
N GLU E 135 32.57 -5.01 -16.67
CA GLU E 135 32.42 -4.85 -15.22
C GLU E 135 31.87 -3.47 -14.89
N PHE E 136 31.12 -3.36 -13.80
CA PHE E 136 30.53 -2.08 -13.41
C PHE E 136 31.55 -0.95 -13.44
N GLY E 137 31.19 0.14 -14.10
CA GLY E 137 32.07 1.29 -14.25
C GLY E 137 31.55 2.58 -13.64
N GLY E 138 30.23 2.76 -13.59
CA GLY E 138 29.65 3.97 -13.04
C GLY E 138 28.20 3.87 -12.65
N HIS E 139 27.58 4.99 -12.27
CA HIS E 139 26.20 5.00 -11.83
C HIS E 139 25.24 5.93 -12.61
N ARG E 140 23.95 5.67 -12.48
CA ARG E 140 22.93 6.65 -12.78
C ARG E 140 22.17 6.89 -11.48
N TYR E 141 22.08 8.15 -11.04
CA TYR E 141 21.31 8.52 -9.84
C TYR E 141 20.01 9.29 -10.12
N ARG E 142 18.95 8.99 -9.37
CA ARG E 142 17.72 9.78 -9.41
C ARG E 142 17.36 10.27 -8.02
N PHE E 143 17.23 11.58 -7.83
CA PHE E 143 16.88 12.15 -6.53
C PHE E 143 15.50 12.80 -6.53
N SER E 144 14.83 12.79 -5.38
CA SER E 144 13.49 13.36 -5.25
C SER E 144 13.44 14.60 -4.38
N PHE E 145 12.81 15.65 -4.90
CA PHE E 145 12.80 16.95 -4.27
C PHE E 145 11.39 17.43 -4.09
N GLN E 146 11.19 18.27 -3.08
CA GLN E 146 9.93 18.97 -2.90
C GLN E 146 9.78 20.12 -3.91
N ALA E 147 8.69 20.09 -4.65
CA ALA E 147 8.42 21.10 -5.66
C ALA E 147 8.39 22.51 -5.07
N ALA E 148 7.79 22.65 -3.89
CA ALA E 148 7.73 23.97 -3.25
C ALA E 148 9.14 24.52 -3.00
N ASP E 149 10.06 23.64 -2.61
CA ASP E 149 11.43 24.04 -2.33
C ASP E 149 12.14 24.58 -3.57
N LEU E 150 11.75 24.09 -4.74
CA LEU E 150 12.36 24.54 -5.98
C LEU E 150 11.78 25.89 -6.41
N ARG E 151 10.47 26.04 -6.22
CA ARG E 151 9.73 27.22 -6.66
C ARG E 151 10.34 28.51 -6.12
N SER E 152 10.90 28.44 -4.92
CA SER E 152 11.38 29.66 -4.27
C SER E 152 12.88 29.89 -4.34
N LEU E 153 13.56 29.16 -5.22
CA LEU E 153 15.00 29.28 -5.27
C LEU E 153 15.45 30.61 -5.85
N GLY E 154 14.56 31.30 -6.55
CA GLY E 154 14.85 32.65 -7.05
C GLY E 154 15.47 32.77 -8.42
N GLY E 155 16.38 33.75 -8.57
CA GLY E 155 16.92 34.13 -9.86
C GLY E 155 15.85 34.69 -10.79
N ARG E 156 15.02 35.58 -10.24
CA ARG E 156 13.84 36.08 -10.95
C ARG E 156 14.15 36.85 -12.24
N GLU E 157 15.37 37.37 -12.37
CA GLU E 157 15.70 38.22 -13.49
C GLU E 157 16.29 37.49 -14.69
N VAL E 158 16.74 36.26 -14.48
CA VAL E 158 17.33 35.49 -15.57
C VAL E 158 16.31 35.19 -16.67
N ALA E 159 16.66 35.50 -17.91
CA ALA E 159 15.80 35.16 -19.05
C ALA E 159 15.81 33.66 -19.36
N VAL E 160 14.63 33.07 -19.54
CA VAL E 160 14.49 31.66 -19.87
C VAL E 160 13.39 31.50 -20.90
N ARG E 161 13.65 30.83 -22.01
CA ARG E 161 12.61 30.63 -23.02
C ARG E 161 12.44 29.16 -23.41
N ARG E 162 11.26 28.83 -23.95
N ARG E 162 11.26 28.83 -23.95
CA ARG E 162 11.01 27.53 -24.55
CA ARG E 162 11.02 27.54 -24.59
C ARG E 162 12.08 27.26 -25.59
C ARG E 162 12.16 27.29 -25.55
N ALA E 163 12.65 26.06 -25.60
CA ALA E 163 13.66 25.71 -26.58
C ALA E 163 13.13 24.58 -27.47
N GLY E 164 13.78 24.38 -28.61
CA GLY E 164 13.28 23.44 -29.59
C GLY E 164 14.45 22.85 -30.34
N ALA E 165 14.19 22.18 -31.47
CA ALA E 165 15.21 21.43 -32.19
C ALA E 165 16.39 22.31 -32.60
N LYS E 166 16.08 23.50 -33.11
CA LYS E 166 17.10 24.43 -33.60
C LYS E 166 18.13 24.85 -32.54
N ASP E 167 17.88 24.50 -31.29
CA ASP E 167 18.77 24.88 -30.20
C ASP E 167 19.75 23.74 -29.87
N ALA E 168 19.66 22.65 -30.64
CA ALA E 168 20.46 21.46 -30.40
C ALA E 168 21.95 21.78 -30.26
N ALA E 169 22.47 22.50 -31.26
CA ALA E 169 23.88 22.85 -31.29
C ALA E 169 24.25 23.68 -30.07
N ARG E 170 23.33 24.51 -29.62
CA ARG E 170 23.60 25.40 -28.51
C ARG E 170 23.68 24.57 -27.23
N PHE E 171 22.83 23.56 -27.12
CA PHE E 171 22.87 22.67 -25.96
C PHE E 171 24.21 21.96 -25.93
N LEU E 172 24.64 21.46 -27.09
CA LEU E 172 25.88 20.71 -27.16
C LEU E 172 27.10 21.59 -26.84
N GLU E 173 27.06 22.84 -27.27
CA GLU E 173 28.08 23.79 -26.88
C GLU E 173 28.16 23.96 -25.34
N LEU E 174 27.03 24.29 -24.72
CA LEU E 174 27.01 24.59 -23.28
C LEU E 174 27.50 23.43 -22.44
N VAL E 175 27.04 22.23 -22.77
CA VAL E 175 27.45 21.02 -22.07
C VAL E 175 28.94 20.75 -22.21
N GLY E 176 29.46 20.92 -23.43
CA GLY E 176 30.85 20.64 -23.73
C GLY E 176 31.78 21.53 -22.94
N THR E 177 31.33 22.75 -22.69
CA THR E 177 32.09 23.69 -21.89
C THR E 177 32.19 23.17 -20.45
N ALA E 178 31.04 22.84 -19.89
CA ALA E 178 30.95 22.36 -18.52
C ALA E 178 31.82 21.13 -18.29
N HIS E 179 31.57 20.06 -19.06
CA HIS E 179 32.30 18.79 -18.88
C HIS E 179 33.81 18.94 -19.05
N GLU E 180 34.26 19.91 -19.84
CA GLU E 180 35.70 20.10 -20.05
C GLU E 180 36.39 20.71 -18.83
N ALA E 181 35.81 21.81 -18.32
CA ALA E 181 36.30 22.44 -17.09
C ALA E 181 36.24 21.49 -15.88
N SER E 182 35.09 20.85 -15.69
CA SER E 182 34.89 19.90 -14.60
C SER E 182 35.69 18.59 -14.73
N ARG E 183 36.26 18.34 -15.92
CA ARG E 183 37.01 17.11 -16.20
C ARG E 183 36.15 15.82 -16.09
N ALA E 184 34.90 15.95 -16.50
CA ALA E 184 33.86 14.93 -16.34
C ALA E 184 34.17 13.56 -16.91
N SER E 185 33.52 12.56 -16.34
CA SER E 185 33.68 11.16 -16.73
C SER E 185 32.34 10.43 -16.74
N GLY E 186 32.12 9.60 -17.76
CA GLY E 186 30.95 8.73 -17.77
C GLY E 186 29.78 9.21 -18.61
N LEU E 187 29.62 10.52 -18.73
CA LEU E 187 28.47 11.10 -19.44
C LEU E 187 28.48 10.81 -20.94
N LEU E 188 27.28 10.62 -21.48
CA LEU E 188 27.09 10.37 -22.90
C LEU E 188 27.20 11.63 -23.77
N VAL E 189 27.71 11.45 -24.98
CA VAL E 189 27.58 12.43 -26.05
C VAL E 189 26.68 11.84 -27.14
N TRP E 190 25.51 12.42 -27.34
CA TRP E 190 24.61 12.00 -28.40
C TRP E 190 24.92 12.73 -29.72
N PRO E 191 24.64 12.08 -30.86
CA PRO E 191 24.66 12.82 -32.11
C PRO E 191 23.61 13.94 -32.12
N GLU E 192 23.94 15.07 -32.75
CA GLU E 192 23.06 16.23 -32.75
C GLU E 192 21.69 15.88 -33.33
N SER E 193 21.66 14.94 -34.26
CA SER E 193 20.41 14.51 -34.86
C SER E 193 19.49 13.98 -33.76
N LYS E 194 20.02 13.11 -32.93
CA LYS E 194 19.24 12.50 -31.87
C LYS E 194 18.82 13.55 -30.81
N ILE E 195 19.70 14.50 -30.51
CA ILE E 195 19.35 15.60 -29.61
C ILE E 195 18.19 16.41 -30.16
N ALA E 196 18.26 16.74 -31.44
CA ALA E 196 17.20 17.53 -32.05
C ALA E 196 15.88 16.75 -32.07
N GLU E 197 15.96 15.44 -32.20
CA GLU E 197 14.77 14.60 -32.11
C GLU E 197 14.17 14.63 -30.70
N TRP E 198 15.05 14.73 -29.70
CA TRP E 198 14.68 14.76 -28.29
C TRP E 198 14.01 16.08 -27.90
N LEU E 199 14.56 17.18 -28.40
CA LEU E 199 14.00 18.51 -28.18
C LEU E 199 12.72 18.73 -28.96
N GLU E 200 12.53 17.93 -30.00
CA GLU E 200 11.40 18.09 -30.92
C GLU E 200 10.13 17.50 -30.31
N ASP E 201 10.31 16.44 -29.50
CA ASP E 201 9.20 15.68 -28.95
C ASP E 201 8.24 16.58 -28.19
N GLU E 202 6.96 16.50 -28.53
CA GLU E 202 5.95 17.38 -27.97
C GLU E 202 5.74 17.12 -26.47
N GLU E 203 6.22 15.99 -25.98
CA GLU E 203 6.06 15.70 -24.55
C GLU E 203 7.33 15.85 -23.71
N ASN E 204 8.41 16.34 -24.33
CA ASN E 204 9.57 16.85 -23.60
C ASN E 204 9.59 18.38 -23.56
N PHE E 205 9.85 18.93 -22.38
CA PHE E 205 9.76 20.36 -22.18
C PHE E 205 11.15 20.95 -21.90
N ALA E 206 11.63 21.77 -22.82
CA ALA E 206 13.00 22.24 -22.80
C ALA E 206 13.06 23.75 -22.70
N TYR E 207 14.00 24.24 -21.90
CA TYR E 207 14.12 25.66 -21.66
C TYR E 207 15.58 26.09 -21.72
N LEU E 208 15.84 27.22 -22.37
CA LEU E 208 17.19 27.67 -22.65
C LEU E 208 17.45 29.00 -21.96
N ALA E 209 18.59 29.10 -21.30
CA ALA E 209 19.09 30.37 -20.78
C ALA E 209 20.47 30.66 -21.39
N GLU E 210 21.01 31.83 -21.08
CA GLU E 210 22.28 32.27 -21.64
C GLU E 210 23.48 31.39 -21.26
N ASP E 211 23.44 30.81 -20.07
CA ASP E 211 24.50 29.91 -19.62
C ASP E 211 23.92 28.62 -19.02
N GLY E 212 22.84 28.11 -19.62
CA GLY E 212 22.23 26.89 -19.12
C GLY E 212 20.94 26.42 -19.78
N PHE E 213 20.55 25.20 -19.47
CA PHE E 213 19.27 24.67 -19.98
C PHE E 213 18.71 23.61 -19.05
N VAL E 214 17.41 23.34 -19.20
CA VAL E 214 16.79 22.20 -18.52
C VAL E 214 15.78 21.50 -19.45
N VAL E 215 15.71 20.17 -19.36
CA VAL E 215 14.67 19.40 -20.02
C VAL E 215 13.94 18.54 -19.00
N TYR E 216 12.60 18.59 -19.00
CA TYR E 216 11.84 17.72 -18.11
C TYR E 216 10.57 17.17 -18.77
N ASN E 217 9.84 16.30 -18.06
CA ASN E 217 8.60 15.69 -18.59
C ASN E 217 7.66 15.13 -17.52
N TRP E 218 6.44 14.78 -17.95
CA TRP E 218 5.37 14.29 -17.07
C TRP E 218 4.97 12.86 -17.39
N SER E 219 5.84 12.07 -18.00
CA SER E 219 5.36 10.85 -18.64
C SER E 219 4.99 9.68 -17.70
N ASP E 220 4.97 9.92 -16.39
CA ASP E 220 4.73 8.84 -15.42
C ASP E 220 3.81 9.24 -14.27
N GLY E 221 3.05 10.32 -14.45
CA GLY E 221 2.24 10.89 -13.39
C GLY E 221 3.06 11.73 -12.43
N ASP E 222 4.37 11.71 -12.63
CA ASP E 222 5.30 12.51 -11.84
C ASP E 222 6.08 13.44 -12.77
N LEU E 223 6.52 14.57 -12.23
CA LEU E 223 7.44 15.44 -12.96
C LEU E 223 8.87 14.92 -12.82
N GLN E 224 9.57 14.81 -13.94
CA GLN E 224 10.89 14.24 -13.92
C GLN E 224 11.86 15.08 -14.72
N VAL E 225 12.96 15.48 -14.09
CA VAL E 225 14.01 16.20 -14.80
C VAL E 225 15.04 15.24 -15.41
N ASP E 226 15.19 15.33 -16.73
CA ASP E 226 16.17 14.50 -17.46
C ASP E 226 17.58 15.06 -17.38
N GLU E 227 17.70 16.38 -17.46
CA GLU E 227 19.00 17.05 -17.43
C GLU E 227 18.86 18.55 -17.16
N LEU E 228 19.72 19.07 -16.29
CA LEU E 228 19.78 20.50 -16.05
C LEU E 228 21.25 20.90 -16.00
N VAL E 229 21.61 21.90 -16.79
CA VAL E 229 22.98 22.35 -16.93
C VAL E 229 22.97 23.84 -16.72
N ALA E 230 23.85 24.34 -15.85
CA ALA E 230 23.81 25.76 -15.52
C ALA E 230 25.14 26.23 -14.95
N HIS E 231 25.69 27.29 -15.53
CA HIS E 231 27.01 27.76 -15.11
C HIS E 231 27.00 28.63 -13.83
N SER E 232 26.09 29.61 -13.75
CA SER E 232 26.06 30.53 -12.60
C SER E 232 24.92 30.28 -11.59
N GLU E 233 25.09 30.83 -10.40
CA GLU E 233 24.12 30.63 -9.33
C GLU E 233 22.72 31.11 -9.73
N ALA E 234 22.67 32.32 -10.30
CA ALA E 234 21.40 32.89 -10.75
C ALA E 234 20.69 32.00 -11.78
N THR E 235 21.43 31.42 -12.72
CA THR E 235 20.81 30.60 -13.75
C THR E 235 20.38 29.25 -13.20
N ALA E 236 21.13 28.71 -12.26
CA ALA E 236 20.71 27.44 -11.64
C ALA E 236 19.39 27.64 -10.90
N ARG E 237 19.31 28.73 -10.13
CA ARG E 237 18.07 29.06 -9.42
C ARG E 237 16.91 29.28 -10.38
N ALA E 238 17.13 30.01 -11.46
CA ALA E 238 16.08 30.24 -12.45
C ALA E 238 15.52 28.95 -13.03
N LEU E 239 16.41 28.09 -13.53
CA LEU E 239 15.96 26.86 -14.18
C LEU E 239 15.21 25.92 -13.22
N TRP E 240 15.66 25.83 -11.96
CA TRP E 240 14.99 25.00 -10.99
C TRP E 240 13.62 25.56 -10.60
N ALA E 241 13.53 26.89 -10.53
CA ALA E 241 12.28 27.53 -10.22
C ALA E 241 11.31 27.36 -11.39
N THR E 242 11.85 27.29 -12.60
CA THR E 242 11.01 27.02 -13.76
C THR E 242 10.40 25.63 -13.64
N VAL E 243 11.22 24.64 -13.29
CA VAL E 243 10.72 23.29 -13.03
C VAL E 243 9.65 23.30 -11.93
N GLY E 244 9.96 24.00 -10.86
CA GLY E 244 9.04 24.13 -9.75
C GLY E 244 7.68 24.71 -10.12
N SER E 245 7.64 25.69 -11.01
CA SER E 245 6.34 26.18 -11.48
C SER E 245 5.64 25.12 -12.34
N GLY E 246 6.42 24.28 -13.01
CA GLY E 246 5.88 23.19 -13.80
C GLY E 246 5.14 22.14 -12.98
N ALA E 247 5.51 21.97 -11.72
CA ALA E 247 5.06 20.82 -10.92
C ALA E 247 3.59 20.82 -10.51
N SER E 248 2.91 21.94 -10.74
CA SER E 248 1.56 22.19 -10.21
C SER E 248 1.44 21.84 -8.72
N ILE E 249 0.34 21.14 -8.39
CA ILE E 249 0.01 20.78 -7.01
C ILE E 249 0.73 19.52 -6.50
N ALA E 250 1.66 18.99 -7.30
CA ALA E 250 2.46 17.81 -6.91
C ALA E 250 3.45 18.12 -5.79
N ARG E 251 3.51 17.26 -4.78
CA ARG E 251 4.53 17.37 -3.75
C ARG E 251 5.95 17.29 -4.31
N THR E 252 6.21 16.26 -5.12
CA THR E 252 7.61 15.94 -5.43
C THR E 252 7.94 15.97 -6.90
N VAL E 253 9.23 16.21 -7.18
CA VAL E 253 9.82 16.27 -8.51
C VAL E 253 11.04 15.37 -8.45
N HIS E 254 11.22 14.51 -9.46
CA HIS E 254 12.40 13.63 -9.54
C HIS E 254 13.42 14.21 -10.52
N ALA E 255 14.69 13.82 -10.38
CA ALA E 255 15.74 14.42 -11.20
C ALA E 255 16.96 13.54 -11.35
N TYR E 256 17.42 13.35 -12.58
CA TYR E 256 18.64 12.62 -12.82
C TYR E 256 19.80 13.57 -12.76
N LEU E 257 20.72 13.37 -11.83
CA LEU E 257 21.76 14.36 -11.64
C LEU E 257 23.05 13.71 -11.26
N SER E 258 24.15 14.43 -11.43
CA SER E 258 25.38 14.07 -10.75
C SER E 258 25.13 13.92 -9.25
N PRO E 259 25.98 13.12 -8.59
CA PRO E 259 25.78 12.98 -7.14
C PRO E 259 26.32 14.21 -6.43
N ASN E 260 27.11 15.01 -7.15
CA ASN E 260 27.67 16.26 -6.67
C ASN E 260 26.96 17.51 -7.18
N ASP E 261 25.76 17.36 -7.72
CA ASP E 261 25.08 18.51 -8.30
C ASP E 261 24.87 19.61 -7.29
N PRO E 262 25.05 20.87 -7.70
CA PRO E 262 24.88 22.03 -6.81
C PRO E 262 23.50 22.17 -6.16
N VAL E 263 22.44 21.61 -6.77
CA VAL E 263 21.08 21.71 -6.21
C VAL E 263 20.99 21.31 -4.71
N HIS E 264 21.85 20.39 -4.29
CA HIS E 264 21.86 19.92 -2.91
C HIS E 264 22.35 20.99 -1.94
N LEU E 265 23.22 21.89 -2.42
CA LEU E 265 23.64 23.04 -1.61
C LEU E 265 22.61 24.19 -1.62
N LEU E 266 21.65 24.15 -2.54
CA LEU E 266 20.75 25.28 -2.72
C LEU E 266 19.35 25.07 -2.09
N VAL E 267 18.83 23.85 -2.21
CA VAL E 267 17.46 23.57 -1.84
C VAL E 267 17.26 23.63 -0.30
N GLU E 268 16.04 23.93 0.15
CA GLU E 268 15.80 24.07 1.60
C GLU E 268 15.65 22.76 2.37
N HIS E 269 14.82 21.84 1.88
CA HIS E 269 14.72 20.52 2.48
C HIS E 269 15.58 19.54 1.70
N GLU E 270 16.32 18.71 2.42
CA GLU E 270 17.20 17.75 1.81
C GLU E 270 16.37 16.84 0.92
N ALA E 271 16.95 16.34 -0.17
CA ALA E 271 16.30 15.34 -1.02
C ALA E 271 15.78 14.15 -0.23
N ASP E 272 14.72 13.50 -0.68
CA ASP E 272 14.20 12.33 0.04
C ASP E 272 15.26 11.21 0.22
N LYS E 273 15.18 10.53 1.34
CA LYS E 273 16.13 9.48 1.65
C LYS E 273 16.11 8.38 0.58
N GLN E 274 14.89 8.04 0.16
CA GLN E 274 14.67 7.06 -0.89
C GLN E 274 15.08 7.63 -2.24
N ALA E 275 16.09 6.99 -2.83
CA ALA E 275 16.63 7.39 -4.14
C ALA E 275 16.76 6.17 -5.05
N HIS E 276 17.03 6.42 -6.33
CA HIS E 276 17.35 5.35 -7.29
C HIS E 276 18.84 5.35 -7.60
N VAL E 277 19.47 4.19 -7.48
CA VAL E 277 20.87 4.06 -7.85
C VAL E 277 21.10 2.86 -8.76
N GLN E 278 21.39 3.12 -10.04
CA GLN E 278 21.67 2.08 -11.05
C GLN E 278 23.10 2.16 -11.52
N ARG E 279 23.61 1.06 -12.09
CA ARG E 279 25.00 0.97 -12.47
C ARG E 279 25.11 0.54 -13.94
N TRP E 280 26.12 1.04 -14.63
CA TRP E 280 26.37 0.57 -16.00
C TRP E 280 27.76 -0.11 -16.07
N MSE E 281 27.99 -0.93 -17.09
CA MSE E 281 29.27 -1.64 -17.22
C MSE E 281 30.10 -1.09 -18.37
O MSE E 281 29.61 -0.37 -19.21
CB MSE E 281 29.06 -3.14 -17.42
CG MSE E 281 28.47 -3.86 -16.23
SE MSE E 281 28.39 -5.84 -16.37
CE MSE E 281 28.09 -6.31 -14.49
N LEU E 282 31.37 -1.49 -18.40
CA LEU E 282 32.33 -0.97 -19.35
C LEU E 282 33.25 -2.10 -19.79
N ARG E 283 33.88 -1.96 -20.95
CA ARG E 283 34.93 -2.87 -21.35
C ARG E 283 35.87 -2.10 -22.25
N LEU E 284 37.16 -2.43 -22.24
CA LEU E 284 38.08 -1.87 -23.23
C LEU E 284 38.14 -2.85 -24.40
N LEU E 285 38.13 -2.30 -25.61
CA LEU E 285 38.24 -3.13 -26.79
C LEU E 285 39.61 -2.96 -27.41
N ASP E 286 40.25 -1.83 -27.11
CA ASP E 286 41.53 -1.40 -27.66
C ASP E 286 42.19 -0.51 -26.63
N ALA E 287 42.96 -1.12 -25.74
CA ALA E 287 43.49 -0.41 -24.59
C ALA E 287 44.45 0.76 -24.92
N PRO E 288 45.45 0.55 -25.80
CA PRO E 288 46.28 1.71 -26.17
C PRO E 288 45.47 2.88 -26.73
N ALA E 289 44.55 2.62 -27.64
CA ALA E 289 43.72 3.71 -28.14
C ALA E 289 42.89 4.29 -26.98
N ALA E 290 42.33 3.42 -26.14
CA ALA E 290 41.47 3.92 -25.05
C ALA E 290 42.24 4.82 -24.09
N ILE E 291 43.50 4.47 -23.85
CA ILE E 291 44.35 5.27 -22.99
C ILE E 291 44.70 6.63 -23.64
N ALA E 292 45.04 6.59 -24.93
CA ALA E 292 45.42 7.79 -25.67
C ALA E 292 44.28 8.82 -25.74
N ALA E 293 43.04 8.35 -25.67
CA ALA E 293 41.89 9.23 -25.83
C ALA E 293 41.46 9.76 -24.47
N ARG E 294 41.79 9.00 -23.42
CA ARG E 294 41.44 9.42 -22.06
C ARG E 294 42.12 10.73 -21.67
N GLY E 295 41.42 11.51 -20.85
CA GLY E 295 42.02 12.65 -20.18
C GLY E 295 42.50 12.14 -18.84
N PHE E 296 43.53 12.75 -18.28
CA PHE E 296 44.04 12.28 -17.00
C PHE E 296 44.08 13.39 -15.93
N ALA E 297 44.04 12.97 -14.67
CA ALA E 297 43.98 13.90 -13.55
C ALA E 297 45.11 14.93 -13.60
N PRO E 298 44.73 16.21 -13.46
CA PRO E 298 45.69 17.30 -13.53
C PRO E 298 46.73 17.18 -12.41
N GLY E 299 48.00 17.36 -12.77
CA GLY E 299 49.09 17.21 -11.82
C GLY E 299 49.53 15.78 -11.60
N ALA E 300 48.79 14.82 -12.13
CA ALA E 300 49.10 13.42 -11.88
C ALA E 300 50.21 12.87 -12.77
N ALA E 301 51.17 12.18 -12.16
CA ALA E 301 52.21 11.49 -12.93
C ALA E 301 52.28 10.01 -12.56
N ALA E 302 52.65 9.18 -13.53
CA ALA E 302 52.79 7.74 -13.33
C ALA E 302 53.59 7.06 -14.42
N GLU E 303 54.43 6.11 -14.02
CA GLU E 303 55.17 5.24 -14.92
C GLU E 303 55.19 3.87 -14.25
N VAL E 304 54.49 2.92 -14.85
CA VAL E 304 54.21 1.65 -14.21
C VAL E 304 53.83 0.60 -15.24
N ASP E 305 54.41 -0.59 -15.12
CA ASP E 305 54.08 -1.70 -15.99
C ASP E 305 52.76 -2.38 -15.58
N LEU E 306 52.24 -3.19 -16.49
CA LEU E 306 50.87 -3.66 -16.38
C LEU E 306 50.75 -4.93 -17.21
N LEU E 307 50.37 -6.04 -16.58
CA LEU E 307 50.22 -7.30 -17.32
C LEU E 307 48.75 -7.64 -17.51
N ILE E 308 48.32 -7.60 -18.77
CA ILE E 308 46.91 -7.82 -19.13
C ILE E 308 46.67 -9.23 -19.66
N ASP E 309 45.59 -9.85 -19.21
CA ASP E 309 45.19 -11.15 -19.71
C ASP E 309 43.77 -11.11 -20.26
N ASP E 310 43.64 -11.04 -21.58
CA ASP E 310 42.31 -10.95 -22.17
C ASP E 310 42.16 -11.93 -23.32
N PRO E 311 41.79 -13.17 -23.02
CA PRO E 311 41.51 -14.17 -24.04
C PRO E 311 40.41 -13.72 -24.99
N GLY E 312 39.52 -12.84 -24.53
CA GLY E 312 38.42 -12.35 -25.35
C GLY E 312 38.84 -11.35 -26.41
N VAL E 313 39.93 -10.63 -26.14
CA VAL E 313 40.55 -9.75 -27.15
C VAL E 313 42.07 -9.89 -27.03
N PRO E 314 42.64 -10.90 -27.69
CA PRO E 314 44.06 -11.25 -27.54
C PRO E 314 45.02 -10.10 -27.89
N ALA E 315 44.58 -9.20 -28.77
CA ALA E 315 45.43 -8.11 -29.24
C ALA E 315 45.87 -7.13 -28.14
N GLN E 316 45.17 -7.13 -27.00
CA GLN E 316 45.60 -6.24 -25.90
C GLN E 316 46.24 -6.99 -24.72
N SER E 317 46.50 -8.27 -24.90
CA SER E 317 47.19 -9.08 -23.87
C SER E 317 48.69 -8.77 -23.80
N GLY E 318 49.38 -9.28 -22.80
CA GLY E 318 50.81 -9.02 -22.64
C GLY E 318 51.14 -7.89 -21.69
N ARG E 319 52.42 -7.53 -21.62
CA ARG E 319 52.92 -6.56 -20.66
C ARG E 319 53.09 -5.18 -21.30
N TRP E 320 52.43 -4.18 -20.72
CA TRP E 320 52.46 -2.82 -21.26
C TRP E 320 53.02 -1.80 -20.25
N HIS E 321 53.43 -0.64 -20.76
CA HIS E 321 53.91 0.42 -19.90
C HIS E 321 52.93 1.57 -19.91
N LEU E 322 52.49 2.00 -18.73
CA LEU E 322 51.59 3.16 -18.65
C LEU E 322 52.42 4.37 -18.34
N SER E 323 52.38 5.36 -19.23
CA SER E 323 53.08 6.63 -18.97
C SER E 323 52.09 7.79 -18.92
N VAL E 324 51.94 8.36 -17.74
CA VAL E 324 50.95 9.40 -17.53
C VAL E 324 51.61 10.70 -17.08
N ALA E 325 51.37 11.77 -17.84
CA ALA E 325 51.92 13.07 -17.52
C ALA E 325 51.19 14.18 -18.25
N ASP E 326 50.97 15.29 -17.55
CA ASP E 326 50.39 16.50 -18.13
C ASP E 326 48.99 16.31 -18.70
N GLY E 327 48.21 15.42 -18.09
CA GLY E 327 46.84 15.17 -18.50
C GLY E 327 46.71 14.19 -19.66
N THR E 328 47.83 13.57 -20.03
CA THR E 328 47.87 12.69 -21.19
C THR E 328 48.55 11.36 -20.88
N GLY E 329 47.97 10.28 -21.39
CA GLY E 329 48.53 8.95 -21.21
C GLY E 329 48.88 8.24 -22.49
N GLU E 330 49.82 7.30 -22.39
CA GLU E 330 50.18 6.45 -23.52
C GLU E 330 50.49 5.06 -23.00
N LEU E 331 49.96 4.05 -23.68
CA LEU E 331 50.21 2.67 -23.32
C LEU E 331 51.06 2.05 -24.41
N THR E 332 52.25 1.59 -24.04
CA THR E 332 53.20 0.99 -24.98
C THR E 332 53.64 -0.39 -24.48
N PRO E 333 53.90 -1.32 -25.42
CA PRO E 333 54.42 -2.66 -25.10
C PRO E 333 55.76 -2.61 -24.38
N SER E 334 55.90 -3.39 -23.30
CA SER E 334 57.08 -3.31 -22.43
C SER E 334 57.81 -4.65 -22.28
N ASP E 335 59.14 -4.61 -22.44
CA ASP E 335 59.97 -5.82 -22.40
C ASP E 335 60.63 -6.08 -21.05
N ARG E 336 60.19 -5.36 -20.02
CA ARG E 336 60.74 -5.52 -18.69
C ARG E 336 60.32 -6.83 -18.03
N SER E 337 61.00 -7.15 -16.94
CA SER E 337 60.77 -8.38 -16.20
C SER E 337 60.62 -8.07 -14.72
N GLY E 338 59.81 -8.86 -14.03
CA GLY E 338 59.64 -8.68 -12.60
C GLY E 338 58.18 -8.71 -12.22
N ASP E 339 57.90 -8.77 -10.92
CA ASP E 339 56.53 -8.76 -10.44
C ASP E 339 55.78 -7.54 -10.95
N VAL E 340 54.50 -7.74 -11.28
CA VAL E 340 53.70 -6.69 -11.88
C VAL E 340 52.21 -6.94 -11.65
N LEU E 341 51.46 -5.85 -11.49
CA LEU E 341 50.01 -5.91 -11.46
C LEU E 341 49.50 -6.74 -12.64
N GLN E 342 48.64 -7.72 -12.36
CA GLN E 342 47.99 -8.50 -13.41
C GLN E 342 46.49 -8.26 -13.42
N LEU E 343 45.91 -8.10 -14.61
CA LEU E 343 44.46 -7.96 -14.68
C LEU E 343 43.89 -8.62 -15.91
N GLY E 344 42.66 -9.10 -15.79
CA GLY E 344 41.92 -9.54 -16.95
C GLY E 344 41.09 -8.37 -17.39
N SER E 345 40.14 -8.61 -18.30
CA SER E 345 39.32 -7.54 -18.85
C SER E 345 38.53 -6.74 -17.80
N ARG E 346 37.88 -7.44 -16.87
CA ARG E 346 37.08 -6.81 -15.82
C ARG E 346 37.92 -5.87 -14.98
N GLY E 347 39.10 -6.33 -14.57
CA GLY E 347 40.00 -5.47 -13.80
C GLY E 347 40.37 -4.24 -14.60
N LEU E 348 40.81 -4.46 -15.84
CA LEU E 348 41.17 -3.37 -16.74
C LEU E 348 40.06 -2.32 -16.93
N ALA E 349 38.84 -2.75 -17.24
CA ALA E 349 37.75 -1.79 -17.39
C ALA E 349 37.47 -1.04 -16.09
N ALA E 350 37.38 -1.76 -14.99
CA ALA E 350 37.06 -1.13 -13.72
C ALA E 350 38.18 -0.17 -13.30
N LEU E 351 39.41 -0.49 -13.69
CA LEU E 351 40.53 0.37 -13.36
C LEU E 351 40.42 1.66 -14.17
N TYR E 352 40.17 1.53 -15.46
CA TYR E 352 40.00 2.67 -16.35
C TYR E 352 38.88 3.59 -15.86
N ALA E 353 37.88 3.02 -15.19
CA ALA E 353 36.75 3.77 -14.66
C ALA E 353 37.06 4.40 -13.32
N GLY E 354 38.24 4.08 -12.79
CA GLY E 354 38.66 4.68 -11.54
C GLY E 354 38.10 3.99 -10.33
N THR E 355 37.84 2.69 -10.44
CA THR E 355 37.52 1.93 -9.23
C THR E 355 38.82 1.80 -8.44
N PRO E 356 38.79 2.12 -7.13
CA PRO E 356 40.00 2.06 -6.31
C PRO E 356 40.66 0.69 -6.38
N LEU E 357 41.99 0.62 -6.38
CA LEU E 357 42.72 -0.65 -6.40
C LEU E 357 42.36 -1.58 -5.23
N ALA E 358 42.25 -1.01 -4.03
CA ALA E 358 41.83 -1.74 -2.85
C ALA E 358 40.64 -2.67 -3.12
N ALA E 359 39.58 -2.11 -3.71
CA ALA E 359 38.35 -2.84 -3.94
C ALA E 359 38.56 -3.87 -5.01
N LEU E 360 39.37 -3.52 -6.00
CA LEU E 360 39.71 -4.48 -7.04
C LEU E 360 40.41 -5.70 -6.45
N ARG E 361 41.38 -5.46 -5.57
CA ARG E 361 42.12 -6.55 -4.94
C ARG E 361 41.21 -7.42 -4.10
N THR E 362 40.38 -6.78 -3.28
CA THR E 362 39.49 -7.56 -2.43
C THR E 362 38.48 -8.41 -3.23
N ALA E 363 38.08 -7.94 -4.41
CA ALA E 363 37.10 -8.69 -5.21
C ALA E 363 37.76 -9.64 -6.20
N GLY E 364 39.09 -9.77 -6.11
CA GLY E 364 39.86 -10.73 -6.87
C GLY E 364 40.08 -10.43 -8.35
N LEU E 365 39.96 -9.17 -8.75
CA LEU E 365 39.97 -8.80 -10.15
C LEU E 365 41.38 -8.40 -10.63
N VAL E 366 42.26 -8.23 -9.67
CA VAL E 366 43.60 -7.74 -9.88
C VAL E 366 44.47 -8.47 -8.86
N THR E 367 45.62 -8.97 -9.28
CA THR E 367 46.55 -9.56 -8.31
C THR E 367 47.97 -9.18 -8.65
N GLY E 368 48.87 -9.40 -7.70
CA GLY E 368 50.28 -9.12 -7.87
C GLY E 368 50.58 -7.64 -7.81
N GLY E 369 51.86 -7.30 -7.98
CA GLY E 369 52.28 -5.90 -8.10
C GLY E 369 52.68 -5.19 -6.82
N PRO E 370 53.74 -4.36 -6.91
CA PRO E 370 54.12 -3.54 -5.76
C PRO E 370 52.94 -2.64 -5.43
N VAL E 371 52.70 -2.37 -4.15
CA VAL E 371 51.59 -1.52 -3.76
C VAL E 371 51.98 -0.06 -4.04
N ALA E 372 53.25 0.11 -4.43
CA ALA E 372 53.72 1.35 -5.03
C ALA E 372 52.94 1.68 -6.32
N SER E 373 52.68 0.66 -7.12
CA SER E 373 51.90 0.83 -8.34
C SER E 373 50.49 1.32 -8.01
N ASP E 374 49.88 0.70 -7.01
CA ASP E 374 48.49 1.00 -6.62
C ASP E 374 48.26 2.49 -6.37
N ARG E 375 49.09 3.11 -5.54
CA ARG E 375 48.81 4.48 -5.15
C ARG E 375 48.94 5.45 -6.33
N LEU E 376 49.93 5.22 -7.18
CA LEU E 376 50.07 6.09 -8.34
C LEU E 376 48.94 5.86 -9.35
N LEU E 377 48.53 4.61 -9.51
CA LEU E 377 47.39 4.28 -10.39
C LEU E 377 46.05 4.86 -9.88
N ASP E 378 45.79 4.76 -8.59
CA ASP E 378 44.59 5.39 -8.03
C ASP E 378 44.68 6.89 -8.27
N THR E 379 45.90 7.43 -8.24
CA THR E 379 46.10 8.83 -8.55
C THR E 379 45.89 9.11 -10.04
N ALA E 380 46.42 8.24 -10.87
CA ALA E 380 46.36 8.41 -12.32
C ALA E 380 44.93 8.35 -12.89
N PHE E 381 44.08 7.49 -12.34
CA PHE E 381 42.73 7.33 -12.89
C PHE E 381 41.63 8.04 -12.10
N GLY E 382 42.03 8.75 -11.06
CA GLY E 382 41.06 9.34 -10.17
C GLY E 382 40.40 10.60 -10.70
N GLY E 383 39.51 11.16 -9.90
CA GLY E 383 38.77 12.34 -10.28
C GLY E 383 37.35 12.17 -9.80
N ALA E 384 36.46 13.04 -10.26
CA ALA E 384 35.02 12.87 -10.04
C ALA E 384 34.57 11.46 -10.43
N ALA E 385 33.62 10.91 -9.67
CA ALA E 385 33.14 9.54 -9.87
C ALA E 385 32.30 9.45 -11.13
N PRO E 386 32.51 8.39 -11.93
CA PRO E 386 31.80 8.26 -13.22
C PRO E 386 30.28 8.18 -13.06
N TYR E 387 29.56 8.92 -13.88
CA TYR E 387 28.11 8.82 -13.85
C TYR E 387 27.55 9.18 -15.20
N MSE E 388 26.28 8.86 -15.40
CA MSE E 388 25.59 9.40 -16.56
C MSE E 388 24.11 9.64 -16.25
O MSE E 388 23.57 9.11 -15.29
CB MSE E 388 25.78 8.51 -17.79
CG MSE E 388 25.10 7.18 -17.66
SE MSE E 388 25.01 6.12 -19.31
CE MSE E 388 26.79 5.26 -19.32
N LEU E 389 23.47 10.44 -17.10
CA LEU E 389 22.08 10.80 -16.89
C LEU E 389 21.16 9.85 -17.64
N ASP E 390 21.67 9.23 -18.68
CA ASP E 390 20.82 8.46 -19.59
C ASP E 390 20.81 6.97 -19.30
N TYR E 391 19.75 6.34 -19.80
CA TYR E 391 19.58 4.91 -19.81
C TYR E 391 19.39 4.50 -21.26
N PHE E 392 19.89 3.32 -21.63
CA PHE E 392 19.79 2.86 -23.02
C PHE E 392 19.95 1.36 -23.09
N ASP F 7 14.07 35.22 31.61
CA ASP F 7 14.66 35.27 30.28
C ASP F 7 15.81 34.25 30.11
N LEU F 8 16.21 34.02 28.86
CA LEU F 8 17.02 32.87 28.45
C LEU F 8 18.53 32.96 28.64
N ARG F 9 19.16 31.84 29.01
CA ARG F 9 20.63 31.78 29.04
C ARG F 9 21.24 30.38 28.87
N LEU F 10 22.42 30.35 28.27
N LEU F 10 22.42 30.35 28.27
CA LEU F 10 23.19 29.13 28.06
CA LEU F 10 23.18 29.11 28.06
C LEU F 10 23.64 28.51 29.38
C LEU F 10 23.61 28.51 29.39
N VAL F 11 23.59 27.19 29.47
CA VAL F 11 23.87 26.49 30.71
C VAL F 11 24.42 25.09 30.44
N ASP F 12 25.21 24.55 31.38
CA ASP F 12 25.63 23.15 31.35
C ASP F 12 24.61 22.28 32.07
N ILE F 13 24.04 21.31 31.38
CA ILE F 13 22.99 20.48 31.94
C ILE F 13 23.51 19.62 33.08
N THR F 14 22.82 19.62 34.21
CA THR F 14 23.26 18.81 35.35
C THR F 14 22.44 17.54 35.54
N GLU F 15 23.01 16.58 36.26
CA GLU F 15 22.33 15.36 36.62
C GLU F 15 20.84 15.57 36.95
N THR F 16 20.57 16.51 37.87
CA THR F 16 19.20 16.69 38.34
C THR F 16 18.30 17.42 37.34
N GLN F 17 18.85 17.81 36.20
CA GLN F 17 18.06 18.44 35.15
C GLN F 17 17.72 17.50 34.02
N LEU F 18 18.00 16.20 34.16
CA LEU F 18 17.77 15.27 33.06
C LEU F 18 16.29 14.92 32.86
N ASP F 19 15.54 14.83 33.95
CA ASP F 19 14.11 14.61 33.81
C ASP F 19 13.47 15.76 33.03
N ASP F 20 14.03 16.96 33.19
CA ASP F 20 13.56 18.12 32.44
C ASP F 20 13.88 18.06 30.95
N VAL F 21 15.09 17.57 30.61
CA VAL F 21 15.46 17.40 29.21
C VAL F 21 14.53 16.41 28.57
N LEU F 22 14.28 15.31 29.26
CA LEU F 22 13.36 14.30 28.78
C LEU F 22 11.97 14.89 28.55
N ARG F 23 11.55 15.77 29.44
CA ARG F 23 10.25 16.43 29.38
C ARG F 23 10.14 17.18 28.04
N VAL F 24 11.17 17.98 27.76
CA VAL F 24 11.26 18.74 26.51
C VAL F 24 11.35 17.79 25.31
N ARG F 25 12.04 16.67 25.50
CA ARG F 25 12.20 15.71 24.43
C ARG F 25 10.83 15.12 24.03
N ALA F 26 10.01 14.83 25.02
CA ALA F 26 8.76 14.14 24.77
C ALA F 26 7.76 14.98 23.98
N ARG F 27 7.85 16.30 24.08
CA ARG F 27 6.91 17.19 23.41
C ARG F 27 7.14 17.22 21.91
N SER F 28 8.30 16.77 21.47
CA SER F 28 8.63 16.77 20.04
C SER F 28 8.63 15.36 19.46
N PHE F 29 8.95 14.37 20.30
CA PHE F 29 9.13 13.00 19.84
C PHE F 29 8.23 11.97 20.51
N GLY F 30 7.59 12.35 21.61
CA GLY F 30 6.83 11.39 22.41
C GLY F 30 7.64 10.76 23.53
N LEU F 31 6.94 10.23 24.53
CA LEU F 31 7.58 9.62 25.69
C LEU F 31 8.38 8.41 25.26
N LEU F 32 9.43 8.09 26.00
CA LEU F 32 10.17 6.85 25.78
C LEU F 32 9.43 5.70 26.43
N ALA F 33 9.87 4.48 26.14
CA ALA F 33 9.48 3.32 26.93
C ALA F 33 10.20 3.41 28.29
N ALA F 34 9.92 2.48 29.20
CA ALA F 34 10.40 2.61 30.58
C ALA F 34 11.87 2.19 30.77
N GLY F 35 12.32 1.28 29.92
CA GLY F 35 13.68 0.80 29.99
C GLY F 35 14.55 1.69 29.15
N ALA F 36 13.92 2.35 28.17
CA ALA F 36 14.62 3.26 27.29
C ALA F 36 15.06 4.45 28.12
N ARG F 37 14.21 4.84 29.07
CA ARG F 37 14.51 5.97 29.93
C ARG F 37 15.71 5.66 30.81
N GLU F 38 15.66 4.53 31.52
CA GLU F 38 16.77 4.07 32.33
C GLU F 38 18.08 4.04 31.54
N ASP F 39 17.99 3.66 30.27
CA ASP F 39 19.15 3.66 29.39
C ASP F 39 19.56 5.05 28.91
N TRP F 40 18.57 5.84 28.51
CA TRP F 40 18.83 7.18 28.00
C TRP F 40 19.56 7.97 29.07
N VAL F 41 19.11 7.82 30.31
CA VAL F 41 19.66 8.55 31.45
C VAL F 41 21.12 8.19 31.73
N ARG F 42 21.42 6.89 31.73
CA ARG F 42 22.76 6.42 32.01
C ARG F 42 23.77 6.96 31.02
N ASP F 43 23.40 6.98 29.74
CA ASP F 43 24.25 7.54 28.70
C ASP F 43 24.53 9.02 28.91
N ALA F 44 23.46 9.77 29.17
CA ALA F 44 23.51 11.22 29.35
C ALA F 44 24.52 11.65 30.42
N VAL F 45 24.44 10.99 31.58
CA VAL F 45 25.34 11.25 32.70
C VAL F 45 26.80 11.40 32.28
N GLU F 46 27.24 10.58 31.33
CA GLU F 46 28.60 10.70 30.80
C GLU F 46 28.85 12.05 30.13
N PHE F 47 27.86 12.54 29.40
CA PHE F 47 27.96 13.83 28.71
C PHE F 47 27.95 14.99 29.69
N VAL F 48 27.16 14.86 30.75
CA VAL F 48 27.08 15.88 31.77
C VAL F 48 28.43 16.05 32.47
N HIS F 49 29.04 14.95 32.88
CA HIS F 49 30.28 15.03 33.64
C HIS F 49 31.51 15.39 32.81
N ASP F 50 31.36 15.50 31.50
CA ASP F 50 32.50 15.89 30.66
C ASP F 50 32.23 17.21 29.89
N GLY F 51 31.30 18.02 30.36
CA GLY F 51 31.06 19.33 29.77
C GLY F 51 30.56 19.27 28.33
N ARG F 52 29.76 18.26 28.03
CA ARG F 52 29.36 18.04 26.66
C ARG F 52 27.84 17.97 26.49
N PHE F 53 27.11 18.49 27.46
CA PHE F 53 25.66 18.53 27.41
C PHE F 53 25.18 19.91 27.77
N LEU F 54 24.86 20.70 26.75
CA LEU F 54 24.45 22.08 26.96
C LEU F 54 22.95 22.24 26.91
N GLY F 55 22.45 23.27 27.57
CA GLY F 55 21.04 23.59 27.48
C GLY F 55 20.76 25.08 27.56
N VAL F 56 19.51 25.46 27.32
CA VAL F 56 19.10 26.82 27.58
C VAL F 56 17.96 26.83 28.59
N VAL F 57 18.08 27.63 29.64
CA VAL F 57 16.99 27.75 30.59
C VAL F 57 16.29 29.08 30.44
N SER F 58 14.99 29.10 30.76
CA SER F 58 14.22 30.33 30.88
C SER F 58 13.80 30.43 32.33
N GLY F 59 14.31 31.45 33.02
CA GLY F 59 14.15 31.54 34.46
C GLY F 59 14.77 30.32 35.11
N ASP F 60 13.93 29.45 35.64
CA ASP F 60 14.41 28.22 36.26
C ASP F 60 14.04 26.99 35.45
N GLU F 61 13.44 27.18 34.27
CA GLU F 61 12.97 26.04 33.49
C GLU F 61 13.91 25.71 32.33
N VAL F 62 14.27 24.44 32.22
CA VAL F 62 15.02 23.94 31.06
C VAL F 62 14.14 24.02 29.83
N VAL F 63 14.67 24.60 28.75
CA VAL F 63 13.82 24.89 27.61
C VAL F 63 14.38 24.39 26.27
N ALA F 64 15.67 24.08 26.28
CA ALA F 64 16.32 23.41 25.14
C ALA F 64 17.57 22.70 25.62
N ALA F 65 18.07 21.78 24.82
CA ALA F 65 19.31 21.08 25.13
C ALA F 65 19.89 20.39 23.90
N ALA F 66 21.19 20.08 24.00
CA ALA F 66 21.95 19.47 22.91
C ALA F 66 23.18 18.78 23.49
N ARG F 67 23.70 17.75 22.81
CA ARG F 67 24.93 17.17 23.29
C ARG F 67 26.07 17.08 22.24
N ILE F 68 27.27 16.78 22.73
CA ILE F 68 28.47 16.80 21.92
C ILE F 68 29.22 15.49 22.07
N TRP F 69 29.19 14.68 21.01
CA TRP F 69 30.00 13.47 20.96
C TRP F 69 31.47 13.81 20.76
N ASP F 70 32.33 13.23 21.58
CA ASP F 70 33.77 13.35 21.42
C ASP F 70 34.27 12.37 20.36
N PHE F 71 33.90 12.62 19.10
CA PHE F 71 34.29 11.75 17.99
C PHE F 71 35.68 12.07 17.44
N GLN F 72 36.13 11.18 16.56
CA GLN F 72 37.16 11.47 15.58
C GLN F 72 36.55 11.11 14.24
N GLN F 73 37.08 11.68 13.16
CA GLN F 73 36.60 11.39 11.83
C GLN F 73 37.75 11.24 10.83
N TRP F 74 37.66 10.23 9.95
CA TRP F 74 38.74 9.97 8.99
C TRP F 74 38.75 11.01 7.88
N TRP F 75 39.91 11.55 7.57
CA TRP F 75 40.07 12.41 6.41
C TRP F 75 41.38 12.10 5.68
N GLY F 76 41.28 11.64 4.45
CA GLY F 76 42.45 11.36 3.65
C GLY F 76 43.34 10.35 4.35
N GLY F 77 42.72 9.41 5.06
CA GLY F 77 43.45 8.37 5.76
C GLY F 77 43.96 8.76 7.14
N ARG F 78 43.49 9.89 7.66
CA ARG F 78 43.96 10.32 8.98
C ARG F 78 42.80 10.68 9.94
N ARG F 79 43.04 10.47 11.22
CA ARG F 79 42.02 10.66 12.22
C ARG F 79 42.05 12.11 12.66
N VAL F 80 40.89 12.78 12.57
CA VAL F 80 40.78 14.20 12.91
C VAL F 80 39.74 14.40 14.01
N PRO F 81 40.12 15.05 15.12
CA PRO F 81 39.18 15.24 16.23
C PRO F 81 37.93 16.00 15.80
N MSE F 82 36.75 15.54 16.20
CA MSE F 82 35.54 16.22 15.74
C MSE F 82 34.35 16.15 16.70
O MSE F 82 34.16 15.15 17.38
CB MSE F 82 35.17 15.74 14.33
CG MSE F 82 34.26 14.57 14.29
SE MSE F 82 32.32 14.99 14.22
CE MSE F 82 31.85 13.56 12.98
N ALA F 83 33.56 17.22 16.72
CA ALA F 83 32.38 17.32 17.57
C ALA F 83 31.06 16.97 16.86
N GLY F 84 30.51 15.80 17.19
CA GLY F 84 29.26 15.36 16.62
C GLY F 84 28.07 15.80 17.45
N ILE F 85 27.23 16.64 16.88
CA ILE F 85 26.18 17.27 17.67
C ILE F 85 24.95 16.38 17.65
N ALA F 86 24.39 16.09 18.84
CA ALA F 86 23.23 15.18 18.89
C ALA F 86 22.14 15.65 19.86
N GLY F 87 20.91 15.22 19.57
CA GLY F 87 19.76 15.50 20.40
C GLY F 87 19.44 16.96 20.59
N VAL F 88 19.57 17.75 19.54
CA VAL F 88 19.15 19.14 19.59
C VAL F 88 17.65 19.17 19.73
N VAL F 89 17.18 19.69 20.86
CA VAL F 89 15.76 19.60 21.20
C VAL F 89 15.30 20.95 21.75
N VAL F 90 14.15 21.43 21.29
CA VAL F 90 13.61 22.72 21.75
C VAL F 90 12.12 22.63 22.12
N ALA F 91 11.74 23.23 23.24
CA ALA F 91 10.34 23.24 23.66
C ALA F 91 9.48 23.91 22.58
N PRO F 92 8.37 23.28 22.18
CA PRO F 92 7.51 23.90 21.17
C PRO F 92 6.92 25.26 21.59
N GLU F 93 6.68 25.44 22.88
CA GLU F 93 6.16 26.69 23.40
C GLU F 93 7.12 27.87 23.15
N TYR F 94 8.40 27.57 23.00
CA TYR F 94 9.43 28.59 22.83
C TYR F 94 9.84 28.77 21.37
N ARG F 95 8.90 28.52 20.47
CA ARG F 95 9.07 28.75 19.04
C ARG F 95 9.44 30.22 18.75
N GLY F 96 10.17 30.45 17.66
CA GLY F 96 10.50 31.79 17.20
C GLY F 96 11.18 32.77 18.17
N ARG F 97 11.88 32.25 19.18
CA ARG F 97 12.51 33.12 20.15
C ARG F 97 14.03 33.06 20.13
N GLY F 98 14.58 32.37 19.12
CA GLY F 98 16.02 32.33 18.90
C GLY F 98 16.74 31.28 19.74
N VAL F 99 15.96 30.49 20.48
CA VAL F 99 16.53 29.52 21.42
C VAL F 99 17.53 28.55 20.75
N GLY F 100 17.20 28.13 19.53
CA GLY F 100 18.05 27.22 18.77
C GLY F 100 19.42 27.78 18.42
N SER F 101 19.44 28.99 17.87
CA SER F 101 20.66 29.69 17.54
C SER F 101 21.54 29.92 18.80
N LEU F 102 20.93 30.41 19.89
CA LEU F 102 21.63 30.62 21.16
C LEU F 102 22.29 29.32 21.62
N LEU F 103 21.52 28.24 21.59
CA LEU F 103 22.01 26.92 21.96
C LEU F 103 23.22 26.52 21.13
N MSE F 104 23.04 26.47 19.81
CA MSE F 104 24.09 26.04 18.88
C MSE F 104 25.41 26.81 18.98
O MSE F 104 26.48 26.22 18.89
CB MSE F 104 23.58 26.06 17.44
CG MSE F 104 22.80 24.80 17.04
SE MSE F 104 23.74 23.11 17.43
CE MSE F 104 22.79 22.63 19.06
N ARG F 105 25.33 28.12 19.16
N ARG F 105 25.34 28.13 19.15
CA ARG F 105 26.53 28.93 19.30
CA ARG F 105 26.54 28.92 19.30
C ARG F 105 27.28 28.57 20.57
C ARG F 105 27.28 28.53 20.56
N GLY F 106 26.53 28.14 21.59
CA GLY F 106 27.13 27.67 22.82
C GLY F 106 27.88 26.39 22.50
N VAL F 107 27.20 25.52 21.77
CA VAL F 107 27.73 24.24 21.35
C VAL F 107 29.04 24.42 20.58
N LEU F 108 29.03 25.30 19.58
CA LEU F 108 30.20 25.59 18.75
C LEU F 108 31.36 26.10 19.59
N GLU F 109 31.04 26.92 20.59
CA GLU F 109 32.06 27.45 21.46
C GLU F 109 32.63 26.38 22.34
N ARG F 110 31.77 25.55 22.93
CA ARG F 110 32.25 24.48 23.79
C ARG F 110 33.13 23.49 23.02
N SER F 111 32.92 23.40 21.71
CA SER F 111 33.69 22.49 20.87
C SER F 111 35.10 22.97 20.53
N ARG F 112 35.27 24.27 20.29
CA ARG F 112 36.59 24.83 20.05
C ARG F 112 37.37 24.77 21.37
N ASP F 113 36.70 25.17 22.45
CA ASP F 113 37.28 25.14 23.77
C ASP F 113 37.82 23.76 24.12
N LYS F 114 37.19 22.71 23.62
CA LYS F 114 37.65 21.36 23.92
C LYS F 114 38.68 20.88 22.88
N GLY F 115 38.92 21.69 21.86
CA GLY F 115 39.99 21.41 20.93
C GLY F 115 39.64 20.72 19.62
N MSE F 116 38.35 20.53 19.36
CA MSE F 116 37.95 19.89 18.13
C MSE F 116 37.99 20.86 16.95
O MSE F 116 37.28 21.86 16.97
CB MSE F 116 36.56 19.27 18.28
CG MSE F 116 36.57 17.96 19.08
SE MSE F 116 35.00 17.70 20.22
CE MSE F 116 35.11 19.35 21.16
N PRO F 117 38.81 20.58 15.93
CA PRO F 117 38.98 21.51 14.81
C PRO F 117 37.80 21.50 13.85
N ILE F 118 37.08 20.38 13.77
CA ILE F 118 35.91 20.28 12.91
C ILE F 118 34.66 19.80 13.65
N SER F 119 33.48 19.94 13.03
CA SER F 119 32.22 19.52 13.61
C SER F 119 31.29 18.92 12.57
N ALA F 120 30.44 17.98 12.97
CA ALA F 120 29.48 17.38 12.04
C ALA F 120 28.17 16.99 12.73
N LEU F 121 27.09 16.93 11.95
CA LEU F 121 25.80 16.49 12.45
C LEU F 121 24.84 16.06 11.34
N TYR F 122 23.74 15.40 11.73
CA TYR F 122 22.62 15.19 10.80
C TYR F 122 21.55 16.23 11.09
N PRO F 123 21.29 17.11 10.12
CA PRO F 123 20.35 18.19 10.35
C PRO F 123 18.91 17.72 10.17
N ALA F 124 18.02 18.12 11.06
CA ALA F 124 16.60 17.87 10.87
C ALA F 124 16.05 18.89 9.86
N THR F 125 16.57 20.10 9.93
CA THR F 125 16.28 21.14 8.95
C THR F 125 17.61 21.82 8.69
N THR F 126 17.72 22.47 7.53
CA THR F 126 19.00 22.97 7.05
C THR F 126 19.23 24.45 7.30
N VAL F 127 18.16 25.21 7.45
CA VAL F 127 18.25 26.68 7.47
C VAL F 127 19.07 27.24 8.62
N ILE F 128 18.75 26.83 9.83
CA ILE F 128 19.52 27.27 10.99
C ILE F 128 21.00 26.86 10.92
N TYR F 129 21.26 25.61 10.56
CA TYR F 129 22.65 25.15 10.47
C TYR F 129 23.45 25.87 9.38
N ARG F 130 22.81 26.13 8.25
CA ARG F 130 23.48 26.87 7.18
C ARG F 130 23.86 28.27 7.65
N HIS F 131 23.01 28.90 8.46
CA HIS F 131 23.29 30.24 8.98
C HIS F 131 24.46 30.18 9.95
N LEU F 132 24.59 29.06 10.65
CA LEU F 132 25.64 28.86 11.63
C LEU F 132 26.94 28.33 11.02
N GLY F 133 26.92 28.02 9.72
CA GLY F 133 28.15 27.66 9.03
C GLY F 133 28.36 26.22 8.55
N TYR F 134 27.39 25.34 8.79
CA TYR F 134 27.50 23.98 8.32
C TYR F 134 27.01 23.86 6.87
N GLU F 135 27.62 22.95 6.12
CA GLU F 135 27.15 22.64 4.79
C GLU F 135 27.30 21.14 4.59
N PHE F 136 26.55 20.55 3.69
CA PHE F 136 26.69 19.12 3.43
C PHE F 136 28.12 18.74 3.08
N GLY F 137 28.60 17.65 3.65
CA GLY F 137 29.97 17.23 3.48
C GLY F 137 30.13 15.78 3.07
N GLY F 138 29.10 14.96 3.29
CA GLY F 138 29.19 13.57 2.93
C GLY F 138 27.87 12.81 2.93
N HIS F 139 27.98 11.48 2.82
CA HIS F 139 26.80 10.64 2.64
C HIS F 139 26.79 9.44 3.58
N ARG F 140 25.60 8.87 3.77
CA ARG F 140 25.44 7.54 4.34
C ARG F 140 24.51 6.73 3.41
N TYR F 141 25.05 5.67 2.81
CA TYR F 141 24.32 4.81 1.89
C TYR F 141 23.85 3.51 2.52
N ARG F 142 22.62 3.11 2.27
CA ARG F 142 22.14 1.77 2.60
C ARG F 142 21.73 1.02 1.31
N PHE F 143 22.33 -0.14 1.08
CA PHE F 143 22.00 -0.93 -0.12
C PHE F 143 21.30 -2.23 0.23
N SER F 144 20.46 -2.70 -0.68
CA SER F 144 19.68 -3.95 -0.47
C SER F 144 20.06 -5.09 -1.42
N PHE F 145 20.52 -6.18 -0.84
CA PHE F 145 20.94 -7.37 -1.58
C PHE F 145 20.03 -8.56 -1.35
N GLN F 146 20.11 -9.53 -2.25
CA GLN F 146 19.40 -10.78 -2.03
C GLN F 146 20.22 -11.70 -1.09
N ALA F 147 19.57 -12.19 -0.05
CA ALA F 147 20.19 -13.13 0.87
C ALA F 147 20.82 -14.32 0.13
N ALA F 148 20.15 -14.80 -0.90
CA ALA F 148 20.64 -15.96 -1.64
C ALA F 148 22.00 -15.68 -2.31
N ASP F 149 22.16 -14.48 -2.86
CA ASP F 149 23.41 -14.11 -3.50
C ASP F 149 24.55 -14.15 -2.51
N LEU F 150 24.30 -13.72 -1.27
CA LEU F 150 25.33 -13.72 -0.26
C LEU F 150 25.69 -15.16 0.20
N ARG F 151 24.67 -15.96 0.45
CA ARG F 151 24.84 -17.35 0.88
C ARG F 151 25.79 -18.15 -0.01
N SER F 152 25.96 -17.76 -1.26
CA SER F 152 26.82 -18.54 -2.15
C SER F 152 28.17 -17.94 -2.51
N LEU F 153 28.56 -16.83 -1.91
CA LEU F 153 29.87 -16.26 -2.17
C LEU F 153 31.08 -17.16 -1.85
N GLY F 154 30.92 -18.11 -0.92
CA GLY F 154 31.96 -19.08 -0.62
C GLY F 154 32.93 -18.67 0.47
N GLY F 155 34.22 -18.88 0.21
CA GLY F 155 35.25 -18.69 1.23
C GLY F 155 35.02 -19.66 2.36
N ARG F 156 34.74 -20.92 2.02
CA ARG F 156 34.26 -21.90 2.99
C ARG F 156 35.26 -22.25 4.11
N GLU F 157 36.56 -22.05 3.86
CA GLU F 157 37.57 -22.49 4.82
C GLU F 157 37.91 -21.42 5.84
N VAL F 158 37.39 -20.21 5.64
CA VAL F 158 37.80 -19.11 6.49
C VAL F 158 37.21 -19.24 7.88
N ALA F 159 38.07 -19.17 8.89
CA ALA F 159 37.63 -19.28 10.28
C ALA F 159 36.96 -17.99 10.74
N VAL F 160 35.73 -18.13 11.23
CA VAL F 160 34.86 -17.01 11.59
C VAL F 160 34.19 -17.33 12.90
N ARG F 161 34.34 -16.47 13.91
CA ARG F 161 33.73 -16.80 15.19
C ARG F 161 32.93 -15.66 15.77
N ARG F 162 32.03 -15.98 16.71
CA ARG F 162 31.28 -14.99 17.46
C ARG F 162 32.20 -14.02 18.15
N ALA F 163 31.86 -12.74 18.05
CA ALA F 163 32.67 -11.69 18.65
C ALA F 163 31.87 -11.04 19.76
N GLY F 164 32.56 -10.43 20.72
CA GLY F 164 31.90 -9.82 21.84
C GLY F 164 32.72 -8.65 22.37
N ALA F 165 32.39 -8.18 23.56
CA ALA F 165 33.01 -6.96 24.07
C ALA F 165 34.54 -7.06 24.21
N LYS F 166 35.04 -8.26 24.45
CA LYS F 166 36.47 -8.40 24.60
C LYS F 166 37.24 -8.11 23.30
N ASP F 167 36.56 -8.19 22.15
CA ASP F 167 37.21 -8.05 20.85
C ASP F 167 37.24 -6.61 20.34
N ALA F 168 36.85 -5.66 21.20
CA ALA F 168 36.70 -4.26 20.75
C ALA F 168 37.98 -3.64 20.17
N ALA F 169 39.11 -3.84 20.83
CA ALA F 169 40.36 -3.22 20.39
C ALA F 169 40.82 -3.80 19.06
N ARG F 170 40.54 -5.08 18.85
CA ARG F 170 40.91 -5.77 17.62
C ARG F 170 40.06 -5.31 16.44
N PHE F 171 38.80 -4.96 16.71
CA PHE F 171 37.96 -4.39 15.68
C PHE F 171 38.55 -3.06 15.25
N LEU F 172 38.87 -2.19 16.21
CA LEU F 172 39.41 -0.87 15.88
C LEU F 172 40.74 -1.01 15.18
N GLU F 173 41.40 -2.12 15.40
CA GLU F 173 42.73 -2.33 14.86
C GLU F 173 42.62 -2.67 13.39
N LEU F 174 41.74 -3.62 13.07
CA LEU F 174 41.53 -4.03 11.67
C LEU F 174 41.07 -2.86 10.81
N VAL F 175 40.12 -2.10 11.31
CA VAL F 175 39.58 -0.96 10.58
C VAL F 175 40.59 0.19 10.42
N GLY F 176 41.47 0.35 11.40
CA GLY F 176 42.48 1.40 11.33
C GLY F 176 43.43 1.22 10.16
N THR F 177 43.94 0.00 9.99
CA THR F 177 44.83 -0.29 8.88
C THR F 177 44.04 -0.23 7.57
N ALA F 178 42.78 -0.66 7.60
CA ALA F 178 41.95 -0.59 6.39
C ALA F 178 41.81 0.83 5.87
N HIS F 179 41.45 1.77 6.74
CA HIS F 179 41.17 3.14 6.34
C HIS F 179 42.42 3.94 6.01
N GLU F 180 43.51 3.66 6.74
CA GLU F 180 44.79 4.35 6.49
C GLU F 180 45.27 4.00 5.10
N ALA F 181 45.00 2.75 4.72
CA ALA F 181 45.39 2.24 3.42
C ALA F 181 44.66 3.00 2.35
N SER F 182 43.33 2.95 2.40
CA SER F 182 42.50 3.52 1.34
C SER F 182 42.47 5.06 1.31
N ARG F 183 43.06 5.70 2.32
CA ARG F 183 43.00 7.17 2.49
C ARG F 183 41.57 7.64 2.75
N ALA F 184 40.79 6.84 3.47
CA ALA F 184 39.36 7.06 3.64
C ALA F 184 39.02 8.40 4.28
N SER F 185 37.84 8.91 3.93
CA SER F 185 37.33 10.18 4.43
C SER F 185 35.88 10.02 4.83
N GLY F 186 35.49 10.68 5.90
CA GLY F 186 34.11 10.66 6.35
C GLY F 186 33.81 9.79 7.55
N LEU F 187 34.45 8.64 7.68
CA LEU F 187 34.05 7.65 8.68
C LEU F 187 34.24 8.10 10.13
N LEU F 188 33.38 7.59 11.01
CA LEU F 188 33.46 7.85 12.43
C LEU F 188 34.46 6.96 13.15
N VAL F 189 35.19 7.55 14.09
CA VAL F 189 35.99 6.80 15.03
C VAL F 189 35.32 6.88 16.39
N TRP F 190 34.71 5.78 16.80
CA TRP F 190 34.11 5.72 18.12
C TRP F 190 35.17 5.34 19.14
N PRO F 191 34.97 5.77 20.39
CA PRO F 191 35.84 5.36 21.51
C PRO F 191 35.74 3.87 21.69
N GLU F 192 36.81 3.24 22.18
CA GLU F 192 36.80 1.81 22.38
C GLU F 192 35.67 1.39 23.31
N SER F 193 35.37 2.23 24.29
CA SER F 193 34.26 2.00 25.22
C SER F 193 32.95 1.74 24.47
N LYS F 194 32.68 2.58 23.48
CA LYS F 194 31.42 2.52 22.79
C LYS F 194 31.37 1.29 21.90
N ILE F 195 32.48 1.00 21.21
CA ILE F 195 32.60 -0.24 20.47
C ILE F 195 32.25 -1.46 21.33
N ALA F 196 32.85 -1.53 22.51
CA ALA F 196 32.62 -2.64 23.43
C ALA F 196 31.13 -2.82 23.76
N GLU F 197 30.43 -1.72 24.06
CA GLU F 197 29.00 -1.82 24.34
C GLU F 197 28.23 -2.32 23.12
N TRP F 198 28.52 -1.74 21.96
CA TRP F 198 27.91 -2.12 20.71
C TRP F 198 28.09 -3.62 20.51
N LEU F 199 29.32 -4.08 20.70
CA LEU F 199 29.63 -5.48 20.53
C LEU F 199 28.90 -6.40 21.53
N GLU F 200 28.68 -5.96 22.76
CA GLU F 200 28.10 -6.86 23.77
C GLU F 200 26.57 -6.85 23.80
N ASP F 201 25.98 -5.86 23.14
CA ASP F 201 24.51 -5.75 23.01
C ASP F 201 23.94 -7.01 22.40
N GLU F 202 22.94 -7.60 23.05
CA GLU F 202 22.40 -8.88 22.61
C GLU F 202 21.57 -8.80 21.33
N GLU F 203 21.28 -7.58 20.88
CA GLU F 203 20.55 -7.35 19.65
C GLU F 203 21.51 -7.30 18.46
N ASN F 204 22.80 -7.11 18.76
CA ASN F 204 23.82 -7.05 17.73
C ASN F 204 24.54 -8.37 17.64
N PHE F 205 24.99 -8.74 16.46
CA PHE F 205 25.60 -10.04 16.23
C PHE F 205 26.89 -9.86 15.45
N ALA F 206 28.00 -9.99 16.16
CA ALA F 206 29.30 -9.73 15.60
C ALA F 206 30.04 -11.02 15.35
N TYR F 207 30.89 -10.99 14.31
CA TYR F 207 31.66 -12.14 13.88
C TYR F 207 33.06 -11.66 13.48
N LEU F 208 34.09 -12.44 13.82
CA LEU F 208 35.47 -12.02 13.62
C LEU F 208 36.28 -13.06 12.85
N ALA F 209 37.18 -12.57 12.00
CA ALA F 209 38.14 -13.43 11.30
C ALA F 209 39.50 -12.76 11.35
N GLU F 210 40.52 -13.44 10.85
CA GLU F 210 41.90 -12.96 10.91
C GLU F 210 42.07 -11.57 10.29
N ASP F 211 41.37 -11.31 9.18
CA ASP F 211 41.48 -10.03 8.52
C ASP F 211 40.12 -9.37 8.22
N GLY F 212 39.21 -9.45 9.18
CA GLY F 212 37.93 -8.77 9.05
C GLY F 212 36.85 -9.15 10.05
N PHE F 213 35.72 -8.45 9.95
CA PHE F 213 34.57 -8.71 10.81
C PHE F 213 33.29 -8.20 10.16
N VAL F 214 32.15 -8.55 10.75
CA VAL F 214 30.87 -7.98 10.37
C VAL F 214 29.98 -7.90 11.60
N VAL F 215 29.17 -6.87 11.68
CA VAL F 215 28.18 -6.79 12.74
C VAL F 215 26.81 -6.49 12.14
N TYR F 216 25.81 -7.30 12.49
CA TYR F 216 24.45 -7.09 11.98
C TYR F 216 23.35 -7.30 13.04
N ASN F 217 22.11 -7.03 12.66
CA ASN F 217 20.97 -7.12 13.59
C ASN F 217 19.65 -7.32 12.90
N TRP F 218 18.64 -7.67 13.70
CA TRP F 218 17.30 -7.96 13.20
C TRP F 218 16.28 -6.99 13.75
N SER F 219 16.70 -5.76 14.04
CA SER F 219 15.81 -4.85 14.75
C SER F 219 14.61 -4.37 13.92
N ASP F 220 14.83 -4.13 12.63
CA ASP F 220 13.75 -3.72 11.73
C ASP F 220 12.61 -4.74 11.70
N GLY F 221 12.99 -6.02 11.70
CA GLY F 221 12.16 -7.06 11.12
C GLY F 221 12.86 -7.47 9.83
N ASP F 222 13.79 -6.62 9.40
CA ASP F 222 14.69 -6.92 8.29
C ASP F 222 16.09 -7.11 8.83
N LEU F 223 16.91 -7.86 8.11
CA LEU F 223 18.30 -8.02 8.48
C LEU F 223 19.12 -6.79 8.05
N GLN F 224 19.86 -6.20 8.97
CA GLN F 224 20.60 -5.00 8.65
C GLN F 224 22.07 -5.15 8.98
N VAL F 225 22.93 -4.94 8.00
CA VAL F 225 24.38 -4.98 8.22
C VAL F 225 24.91 -3.58 8.62
N ASP F 226 25.38 -3.43 9.84
CA ASP F 226 25.92 -2.15 10.30
C ASP F 226 27.28 -1.88 9.70
N GLU F 227 28.10 -2.91 9.56
CA GLU F 227 29.44 -2.70 9.04
C GLU F 227 30.07 -4.01 8.64
N LEU F 228 30.79 -3.99 7.53
CA LEU F 228 31.59 -5.14 7.17
C LEU F 228 32.96 -4.65 6.68
N VAL F 229 34.00 -5.30 7.16
CA VAL F 229 35.39 -5.03 6.80
C VAL F 229 36.07 -6.35 6.45
N ALA F 230 36.83 -6.37 5.36
CA ALA F 230 37.62 -7.55 5.00
C ALA F 230 38.70 -7.20 3.99
N HIS F 231 39.95 -7.59 4.25
N HIS F 231 39.91 -7.68 4.24
CA HIS F 231 41.02 -7.27 3.31
CA HIS F 231 41.09 -7.29 3.46
C HIS F 231 41.06 -8.23 2.14
C HIS F 231 41.38 -8.23 2.27
N SER F 232 41.12 -9.52 2.43
CA SER F 232 41.30 -10.50 1.37
C SER F 232 39.97 -10.94 0.82
N GLU F 233 40.00 -11.44 -0.41
CA GLU F 233 38.82 -11.87 -1.12
C GLU F 233 38.04 -12.93 -0.34
N ALA F 234 38.75 -14.00 0.03
CA ALA F 234 38.15 -15.13 0.72
C ALA F 234 37.42 -14.73 2.01
N THR F 235 38.02 -13.82 2.78
CA THR F 235 37.36 -13.33 3.99
C THR F 235 36.11 -12.51 3.66
N ALA F 236 36.17 -11.65 2.64
CA ALA F 236 34.98 -10.93 2.20
C ALA F 236 33.86 -11.92 1.85
N ARG F 237 34.16 -12.96 1.08
CA ARG F 237 33.12 -13.90 0.66
C ARG F 237 32.56 -14.65 1.88
N ALA F 238 33.45 -15.00 2.80
CA ALA F 238 33.06 -15.75 3.99
C ALA F 238 32.14 -14.94 4.92
N LEU F 239 32.47 -13.66 5.10
CA LEU F 239 31.72 -12.83 6.02
C LEU F 239 30.30 -12.58 5.50
N TRP F 240 30.19 -12.32 4.19
CA TRP F 240 28.91 -12.14 3.52
C TRP F 240 28.11 -13.44 3.55
N ALA F 241 28.80 -14.56 3.37
CA ALA F 241 28.14 -15.84 3.45
C ALA F 241 27.59 -16.09 4.86
N THR F 242 28.27 -15.59 5.89
CA THR F 242 27.77 -15.70 7.27
C THR F 242 26.44 -14.94 7.39
N VAL F 243 26.42 -13.68 6.94
CA VAL F 243 25.19 -12.89 6.91
C VAL F 243 24.08 -13.61 6.15
N GLY F 244 24.40 -14.17 4.99
CA GLY F 244 23.39 -14.88 4.22
C GLY F 244 22.73 -16.03 4.96
N SER F 245 23.43 -16.65 5.92
CA SER F 245 22.89 -17.77 6.69
C SER F 245 22.04 -17.32 7.87
N GLY F 246 22.32 -16.11 8.35
CA GLY F 246 21.54 -15.53 9.43
C GLY F 246 20.27 -14.94 8.86
N ALA F 247 20.15 -14.99 7.53
CA ALA F 247 19.08 -14.28 6.83
C ALA F 247 17.73 -14.99 6.86
N SER F 248 17.64 -16.12 7.56
CA SER F 248 16.37 -16.85 7.66
C SER F 248 15.71 -17.04 6.28
N ILE F 249 14.40 -16.80 6.20
CA ILE F 249 13.71 -16.92 4.91
C ILE F 249 13.59 -15.57 4.21
N ALA F 250 14.08 -14.53 4.87
CA ALA F 250 14.10 -13.18 4.30
C ALA F 250 14.77 -13.18 2.94
N ARG F 251 14.02 -12.79 1.92
CA ARG F 251 14.61 -12.57 0.61
C ARG F 251 15.71 -11.54 0.67
N THR F 252 15.53 -10.50 1.50
CA THR F 252 16.33 -9.27 1.43
C THR F 252 17.20 -8.91 2.64
N VAL F 253 18.42 -8.45 2.36
CA VAL F 253 19.30 -7.98 3.40
C VAL F 253 19.79 -6.57 3.06
N HIS F 254 19.71 -5.65 4.02
CA HIS F 254 20.18 -4.29 3.85
C HIS F 254 21.57 -4.16 4.42
N ALA F 255 22.33 -3.15 4.00
CA ALA F 255 23.68 -2.98 4.48
C ALA F 255 24.20 -1.56 4.32
N TYR F 256 24.84 -1.04 5.36
CA TYR F 256 25.49 0.26 5.28
C TYR F 256 26.94 0.12 4.81
N LEU F 257 27.25 0.70 3.65
CA LEU F 257 28.60 0.62 3.09
C LEU F 257 28.80 1.65 1.98
N SER F 258 30.06 1.99 1.72
CA SER F 258 30.45 2.78 0.55
C SER F 258 29.86 2.30 -0.80
N PRO F 259 29.80 3.19 -1.81
CA PRO F 259 29.41 2.57 -3.08
C PRO F 259 30.63 2.04 -3.81
N ASN F 260 31.82 2.34 -3.30
CA ASN F 260 33.05 1.72 -3.78
C ASN F 260 33.30 0.34 -3.16
N ASP F 261 32.33 -0.16 -2.43
CA ASP F 261 32.52 -1.39 -1.69
C ASP F 261 32.64 -2.56 -2.67
N PRO F 262 33.63 -3.43 -2.46
CA PRO F 262 33.80 -4.51 -3.44
C PRO F 262 32.63 -5.53 -3.49
N VAL F 263 31.65 -5.45 -2.58
CA VAL F 263 30.52 -6.39 -2.63
C VAL F 263 29.76 -6.34 -3.97
N HIS F 264 29.78 -5.17 -4.62
CA HIS F 264 29.08 -4.97 -5.87
C HIS F 264 29.76 -5.77 -7.00
N LEU F 265 31.06 -5.97 -6.88
CA LEU F 265 31.82 -6.67 -7.91
C LEU F 265 31.79 -8.17 -7.68
N LEU F 266 31.45 -8.57 -6.46
CA LEU F 266 31.45 -9.97 -6.06
C LEU F 266 30.12 -10.66 -6.30
N VAL F 267 29.05 -9.95 -6.00
CA VAL F 267 27.72 -10.53 -5.97
C VAL F 267 27.09 -10.71 -7.37
N GLU F 268 26.20 -11.68 -7.51
CA GLU F 268 25.64 -12.05 -8.82
C GLU F 268 24.54 -11.11 -9.34
N HIS F 269 23.58 -10.75 -8.50
CA HIS F 269 22.55 -9.80 -8.89
C HIS F 269 22.89 -8.43 -8.35
N GLU F 270 22.68 -7.41 -9.16
CA GLU F 270 22.95 -6.07 -8.72
C GLU F 270 22.13 -5.77 -7.45
N ALA F 271 22.65 -4.92 -6.57
CA ALA F 271 21.83 -4.39 -5.47
C ALA F 271 20.52 -3.81 -6.02
N ASP F 272 19.48 -3.77 -5.21
CA ASP F 272 18.23 -3.15 -5.64
C ASP F 272 18.40 -1.69 -5.99
N LYS F 273 17.62 -1.26 -6.98
CA LYS F 273 17.64 0.11 -7.45
C LYS F 273 17.21 1.09 -6.35
N GLN F 274 16.29 0.65 -5.50
CA GLN F 274 15.80 1.49 -4.41
C GLN F 274 16.82 1.49 -3.29
N ALA F 275 17.47 2.62 -3.10
CA ALA F 275 18.55 2.76 -2.14
C ALA F 275 18.23 3.86 -1.10
N HIS F 276 18.97 3.88 0.00
CA HIS F 276 18.85 4.97 0.96
C HIS F 276 20.07 5.83 0.88
N VAL F 277 19.88 7.12 0.63
CA VAL F 277 20.99 8.07 0.59
C VAL F 277 20.71 9.21 1.55
N GLN F 278 21.49 9.30 2.62
CA GLN F 278 21.38 10.37 3.60
C GLN F 278 22.61 11.27 3.56
N ARG F 279 22.42 12.54 3.93
CA ARG F 279 23.52 13.51 3.96
C ARG F 279 23.84 14.00 5.37
N TRP F 280 25.13 14.19 5.67
CA TRP F 280 25.52 14.83 6.93
C TRP F 280 26.30 16.14 6.71
N MSE F 281 26.17 17.07 7.65
CA MSE F 281 26.83 18.37 7.49
C MSE F 281 28.15 18.52 8.25
O MSE F 281 28.40 17.79 9.21
CB MSE F 281 25.88 19.49 7.89
CG MSE F 281 24.87 19.80 6.82
SE MSE F 281 23.70 21.30 7.26
CE MSE F 281 22.79 21.47 5.54
N LEU F 282 28.98 19.46 7.79
CA LEU F 282 30.33 19.64 8.35
C LEU F 282 30.63 21.12 8.56
N ARG F 283 31.44 21.44 9.57
CA ARG F 283 31.92 22.80 9.80
C ARG F 283 33.35 22.79 10.31
N LEU F 284 34.19 23.69 9.81
CA LEU F 284 35.54 23.84 10.38
C LEU F 284 35.50 24.85 11.53
N LEU F 285 36.08 24.51 12.67
CA LEU F 285 36.12 25.44 13.80
C LEU F 285 37.51 26.07 13.98
N ASP F 286 38.55 25.29 13.66
CA ASP F 286 39.93 25.76 13.72
C ASP F 286 40.64 25.34 12.43
N ALA F 287 40.50 26.15 11.39
CA ALA F 287 40.88 25.71 10.04
C ALA F 287 42.36 25.34 9.83
N PRO F 288 43.30 26.12 10.41
CA PRO F 288 44.68 25.63 10.34
C PRO F 288 44.86 24.26 11.02
N ALA F 289 44.15 24.03 12.12
CA ALA F 289 44.29 22.77 12.82
C ALA F 289 43.68 21.64 12.01
N ALA F 290 42.59 21.92 11.30
CA ALA F 290 41.92 20.89 10.50
C ALA F 290 42.71 20.56 9.26
N ILE F 291 43.39 21.57 8.71
CA ILE F 291 44.25 21.33 7.56
C ILE F 291 45.45 20.49 7.98
N ALA F 292 46.03 20.79 9.14
CA ALA F 292 47.19 20.05 9.60
C ALA F 292 46.89 18.58 9.82
N ALA F 293 45.66 18.28 10.22
CA ALA F 293 45.31 16.93 10.66
C ALA F 293 44.91 16.06 9.49
N ARG F 294 44.57 16.70 8.38
CA ARG F 294 44.03 16.00 7.23
C ARG F 294 45.10 15.27 6.45
N GLY F 295 44.72 14.12 5.88
CA GLY F 295 45.56 13.48 4.89
C GLY F 295 45.24 14.13 3.55
N PHE F 296 46.26 14.31 2.72
CA PHE F 296 46.07 14.92 1.41
C PHE F 296 46.49 13.94 0.33
N ALA F 297 45.79 13.97 -0.79
CA ALA F 297 45.97 12.98 -1.86
C ALA F 297 47.43 12.70 -2.19
N PRO F 298 47.76 11.41 -2.42
CA PRO F 298 49.15 11.03 -2.72
C PRO F 298 49.61 11.57 -4.08
N GLY F 299 50.77 12.20 -4.11
CA GLY F 299 51.29 12.80 -5.33
C GLY F 299 50.79 14.21 -5.55
N ALA F 300 49.67 14.56 -4.91
CA ALA F 300 49.04 15.86 -5.08
C ALA F 300 49.88 16.98 -4.49
N ALA F 301 50.02 18.07 -5.25
CA ALA F 301 50.76 19.23 -4.79
C ALA F 301 50.08 20.54 -5.20
N ALA F 302 50.08 21.51 -4.30
CA ALA F 302 49.54 22.84 -4.61
C ALA F 302 50.02 23.91 -3.65
N GLU F 303 50.23 25.11 -4.19
CA GLU F 303 50.56 26.31 -3.42
C GLU F 303 49.60 27.42 -3.82
N VAL F 304 48.54 27.60 -3.03
CA VAL F 304 47.52 28.58 -3.36
C VAL F 304 47.15 29.43 -2.14
N ASP F 305 46.60 30.62 -2.40
CA ASP F 305 46.08 31.46 -1.34
C ASP F 305 44.58 31.33 -1.26
N LEU F 306 44.03 31.55 -0.07
CA LEU F 306 42.60 31.49 0.19
C LEU F 306 42.18 32.70 1.01
N LEU F 307 41.00 33.23 0.72
CA LEU F 307 40.45 34.32 1.51
C LEU F 307 39.21 33.82 2.24
N ILE F 308 39.33 33.64 3.56
CA ILE F 308 38.21 33.12 4.37
C ILE F 308 37.45 34.23 5.09
N ASP F 309 36.14 34.28 4.88
CA ASP F 309 35.26 35.17 5.63
C ASP F 309 34.26 34.38 6.51
N ASP F 310 34.47 34.39 7.83
CA ASP F 310 33.66 33.60 8.75
C ASP F 310 33.22 34.41 9.96
N PRO F 311 32.13 35.17 9.81
CA PRO F 311 31.58 35.89 10.98
C PRO F 311 31.35 34.99 12.18
N GLY F 312 30.81 33.79 11.95
CA GLY F 312 30.54 32.84 13.01
C GLY F 312 31.74 32.51 13.89
N VAL F 313 32.92 32.45 13.28
CA VAL F 313 34.17 32.14 14.01
C VAL F 313 35.29 33.03 13.47
N PRO F 314 35.32 34.30 13.93
CA PRO F 314 36.21 35.33 13.38
C PRO F 314 37.68 34.94 13.40
N ALA F 315 38.03 34.04 14.32
CA ALA F 315 39.42 33.60 14.51
C ALA F 315 40.08 33.05 13.25
N GLN F 316 39.28 32.51 12.33
CA GLN F 316 39.84 31.92 11.12
C GLN F 316 39.59 32.74 9.86
N SER F 317 39.07 33.96 10.04
CA SER F 317 38.92 34.88 8.91
C SER F 317 40.29 35.39 8.45
N GLY F 318 40.39 35.77 7.18
CA GLY F 318 41.62 36.34 6.65
C GLY F 318 42.26 35.52 5.55
N ARG F 319 43.31 36.08 4.96
CA ARG F 319 44.02 35.44 3.87
C ARG F 319 45.00 34.41 4.39
N TRP F 320 44.85 33.17 3.96
CA TRP F 320 45.78 32.12 4.32
C TRP F 320 46.45 31.57 3.07
N HIS F 321 47.53 30.83 3.29
CA HIS F 321 48.21 30.14 2.20
C HIS F 321 48.31 28.66 2.56
N LEU F 322 47.84 27.78 1.69
CA LEU F 322 48.03 26.36 1.98
C LEU F 322 49.12 25.70 1.11
N SER F 323 50.07 25.06 1.79
CA SER F 323 51.12 24.33 1.14
C SER F 323 50.75 22.86 1.20
N VAL F 324 50.76 22.19 0.05
CA VAL F 324 50.42 20.77 -0.01
C VAL F 324 51.42 19.94 -0.82
N ALA F 325 52.02 18.93 -0.19
CA ALA F 325 52.85 17.96 -0.90
C ALA F 325 53.13 16.78 0.02
N ASP F 326 53.42 15.64 -0.58
CA ASP F 326 53.78 14.41 0.14
C ASP F 326 52.70 13.90 1.10
N GLY F 327 51.45 14.29 0.88
CA GLY F 327 50.35 13.78 1.67
C GLY F 327 50.04 14.59 2.93
N THR F 328 50.66 15.76 3.06
CA THR F 328 50.38 16.65 4.19
C THR F 328 50.10 18.08 3.73
N GLY F 329 49.47 18.87 4.60
CA GLY F 329 49.13 20.23 4.27
C GLY F 329 49.47 21.17 5.41
N GLU F 330 49.32 22.47 5.18
CA GLU F 330 49.63 23.48 6.19
C GLU F 330 49.06 24.82 5.75
N LEU F 331 48.32 25.48 6.63
CA LEU F 331 47.57 26.67 6.26
C LEU F 331 48.07 27.89 7.01
N THR F 332 48.93 28.67 6.39
CA THR F 332 49.62 29.77 7.08
C THR F 332 49.08 31.14 6.67
N PRO F 333 49.19 32.14 7.57
CA PRO F 333 48.75 33.49 7.22
C PRO F 333 49.49 33.97 5.98
N SER F 334 48.76 34.57 5.04
CA SER F 334 49.37 35.02 3.79
C SER F 334 49.38 36.53 3.63
N ASP F 335 50.50 37.04 3.14
CA ASP F 335 50.71 38.48 3.05
C ASP F 335 50.43 39.01 1.66
N ARG F 336 50.27 38.09 0.70
CA ARG F 336 50.09 38.44 -0.71
C ARG F 336 48.84 39.29 -0.96
N SER F 337 48.73 39.81 -2.17
CA SER F 337 47.54 40.57 -2.58
C SER F 337 47.23 40.37 -4.06
N GLY F 338 45.95 40.33 -4.39
CA GLY F 338 45.52 40.12 -5.76
C GLY F 338 44.29 39.24 -5.80
N ASP F 339 44.01 38.72 -6.99
CA ASP F 339 42.86 37.84 -7.17
C ASP F 339 43.07 36.60 -6.34
N VAL F 340 42.08 36.28 -5.52
CA VAL F 340 42.16 35.18 -4.57
C VAL F 340 40.77 34.59 -4.31
N LEU F 341 40.70 33.26 -4.36
CA LEU F 341 39.45 32.55 -4.12
C LEU F 341 38.96 32.88 -2.72
N GLN F 342 37.78 33.50 -2.63
CA GLN F 342 37.18 33.79 -1.35
C GLN F 342 36.01 32.87 -1.10
N LEU F 343 35.74 32.63 0.18
CA LEU F 343 34.74 31.65 0.56
C LEU F 343 34.36 31.79 2.03
N GLY F 344 33.13 31.42 2.36
CA GLY F 344 32.66 31.44 3.73
C GLY F 344 32.78 30.11 4.43
N SER F 345 32.17 30.03 5.62
CA SER F 345 32.19 28.83 6.44
C SER F 345 31.69 27.61 5.67
N ARG F 346 30.60 27.80 4.92
CA ARG F 346 29.96 26.72 4.18
C ARG F 346 30.85 26.21 3.05
N GLY F 347 31.39 27.15 2.28
CA GLY F 347 32.23 26.82 1.15
C GLY F 347 33.56 26.26 1.61
N LEU F 348 34.01 26.74 2.77
CA LEU F 348 35.24 26.26 3.36
C LEU F 348 35.09 24.82 3.79
N ALA F 349 33.91 24.47 4.29
CA ALA F 349 33.70 23.11 4.79
C ALA F 349 33.50 22.13 3.64
N ALA F 350 32.72 22.52 2.66
CA ALA F 350 32.47 21.64 1.53
C ALA F 350 33.77 21.37 0.81
N LEU F 351 34.60 22.40 0.67
CA LEU F 351 35.90 22.28 -0.01
C LEU F 351 36.82 21.32 0.72
N TYR F 352 36.82 21.41 2.04
CA TYR F 352 37.60 20.51 2.89
C TYR F 352 37.06 19.10 2.70
N ALA F 353 35.76 19.01 2.42
CA ALA F 353 35.09 17.73 2.25
C ALA F 353 35.30 17.18 0.85
N GLY F 354 35.93 17.99 0.01
CA GLY F 354 36.26 17.56 -1.34
C GLY F 354 35.14 17.71 -2.36
N THR F 355 34.21 18.62 -2.13
CA THR F 355 33.25 19.02 -3.17
C THR F 355 33.99 19.75 -4.30
N PRO F 356 33.68 19.43 -5.58
CA PRO F 356 34.24 20.11 -6.75
C PRO F 356 34.03 21.62 -6.73
N LEU F 357 35.05 22.37 -7.12
CA LEU F 357 34.98 23.82 -7.10
C LEU F 357 33.92 24.34 -8.06
N ALA F 358 33.73 23.62 -9.16
CA ALA F 358 32.72 24.01 -10.13
C ALA F 358 31.31 24.03 -9.50
N ALA F 359 31.05 23.05 -8.63
CA ALA F 359 29.75 22.97 -7.95
C ALA F 359 29.61 24.06 -6.91
N LEU F 360 30.74 24.40 -6.29
CA LEU F 360 30.80 25.44 -5.28
C LEU F 360 30.60 26.82 -5.90
N ARG F 361 31.11 27.00 -7.10
CA ARG F 361 30.97 28.30 -7.77
C ARG F 361 29.52 28.47 -8.17
N THR F 362 28.97 27.46 -8.83
CA THR F 362 27.58 27.51 -9.26
C THR F 362 26.63 27.65 -8.07
N ALA F 363 26.96 27.05 -6.93
CA ALA F 363 26.09 27.15 -5.76
C ALA F 363 26.31 28.48 -5.07
N GLY F 364 27.42 29.13 -5.40
CA GLY F 364 27.69 30.47 -4.91
C GLY F 364 28.38 30.52 -3.56
N LEU F 365 29.07 29.43 -3.21
CA LEU F 365 29.76 29.35 -1.92
C LEU F 365 31.22 29.81 -2.07
N VAL F 366 31.60 30.11 -3.30
CA VAL F 366 32.97 30.49 -3.65
C VAL F 366 32.92 31.55 -4.76
N THR F 367 33.75 32.60 -4.66
CA THR F 367 33.91 33.56 -5.76
C THR F 367 35.39 33.91 -6.01
N GLY F 368 35.66 34.48 -7.18
CA GLY F 368 36.98 34.99 -7.49
C GLY F 368 38.07 33.93 -7.51
N GLY F 369 39.29 34.38 -7.76
CA GLY F 369 40.43 33.48 -7.89
C GLY F 369 40.57 33.00 -9.32
N PRO F 370 41.81 32.80 -9.78
CA PRO F 370 41.99 32.34 -11.15
C PRO F 370 41.47 30.91 -11.28
N VAL F 371 40.74 30.63 -12.35
CA VAL F 371 40.18 29.29 -12.55
C VAL F 371 41.29 28.29 -12.88
N ALA F 372 42.45 28.83 -13.23
CA ALA F 372 43.63 28.01 -13.45
C ALA F 372 43.96 27.20 -12.19
N SER F 373 43.97 27.86 -11.03
CA SER F 373 44.35 27.18 -9.80
C SER F 373 43.16 26.50 -9.12
N ASP F 374 42.01 26.45 -9.81
CA ASP F 374 40.87 25.66 -9.33
C ASP F 374 41.27 24.20 -9.29
N ARG F 375 41.79 23.71 -10.42
CA ARG F 375 42.24 22.32 -10.57
C ARG F 375 43.25 21.89 -9.51
N LEU F 376 44.18 22.78 -9.18
CA LEU F 376 45.17 22.52 -8.13
C LEU F 376 44.49 22.12 -6.83
N LEU F 377 43.45 22.86 -6.47
CA LEU F 377 42.67 22.59 -5.27
C LEU F 377 41.89 21.28 -5.33
N ASP F 378 41.29 21.00 -6.49
CA ASP F 378 40.54 19.76 -6.67
C ASP F 378 41.37 18.53 -6.38
N THR F 379 42.59 18.49 -6.93
CA THR F 379 43.45 17.32 -6.74
C THR F 379 43.97 17.19 -5.29
N ALA F 380 44.24 18.32 -4.64
CA ALA F 380 44.63 18.33 -3.24
C ALA F 380 43.56 17.68 -2.35
N PHE F 381 42.32 18.15 -2.47
CA PHE F 381 41.25 17.66 -1.60
C PHE F 381 40.49 16.47 -2.21
N GLY F 382 40.94 16.02 -3.38
CA GLY F 382 40.26 14.93 -4.06
C GLY F 382 40.62 13.57 -3.49
N GLY F 383 39.90 12.55 -3.94
CA GLY F 383 40.09 11.19 -3.49
C GLY F 383 38.73 10.54 -3.35
N ALA F 384 38.68 9.39 -2.72
CA ALA F 384 37.40 8.71 -2.49
C ALA F 384 36.43 9.65 -1.76
N ALA F 385 35.17 9.59 -2.18
CA ALA F 385 34.16 10.53 -1.71
C ALA F 385 33.81 10.22 -0.28
N PRO F 386 33.62 11.26 0.54
CA PRO F 386 33.41 11.03 1.98
C PRO F 386 32.06 10.39 2.33
N TYR F 387 32.09 9.45 3.26
CA TYR F 387 30.88 8.77 3.67
C TYR F 387 31.04 8.32 5.10
N MSE F 388 29.91 7.97 5.74
CA MSE F 388 29.98 7.24 7.01
C MSE F 388 28.96 6.10 7.08
O MSE F 388 28.06 6.00 6.25
CB MSE F 388 29.90 8.16 8.23
CG MSE F 388 28.56 8.80 8.49
SE MSE F 388 28.52 9.92 10.13
CE MSE F 388 29.79 11.32 9.63
N LEU F 389 29.15 5.22 8.07
CA LEU F 389 28.26 4.10 8.31
C LEU F 389 27.24 4.43 9.41
N ASP F 390 27.53 5.40 10.26
CA ASP F 390 26.68 5.63 11.43
C ASP F 390 25.65 6.73 11.26
N TYR F 391 24.61 6.68 12.09
CA TYR F 391 23.69 7.80 12.25
C TYR F 391 23.76 8.28 13.71
N PHE F 392 23.61 9.58 13.94
CA PHE F 392 23.66 10.13 15.31
C PHE F 392 22.99 11.51 15.41
CL CL G . -7.65 23.52 -18.63
CL CL H . -19.26 -14.19 27.41
C1 EDO I . -4.29 -25.08 19.40
O1 EDO I . -3.02 -24.85 18.79
C2 EDO I . -4.85 -26.44 19.01
O2 EDO I . -5.67 -26.34 17.84
C1 EDO J . 1.78 -28.87 -3.36
O1 EDO J . 2.29 -30.16 -3.76
C2 EDO J . 0.86 -28.28 -4.44
O2 EDO J . 0.46 -26.93 -4.13
#